data_2ED8
#
_entry.id   2ED8
#
_entity_poly.entity_id   1
_entity_poly.type   'polypeptide(L)'
_entity_poly.pdbx_seq_one_letter_code
;GSSGSSGPGPVENLQAVSTSPTSILITWEPPAYANGPVQGYRLFCTEVSTGKEQNIEVDGLSYKLEGLKKFTEYSLRFLA
YNRYGPGVSTDDITVVTLSDSGPSSG
;
_entity_poly.pdbx_strand_id   A
#
# COMPACT_ATOMS: atom_id res chain seq x y z
N GLY A 1 18.60 -25.05 -2.67
CA GLY A 1 18.46 -24.40 -1.38
C GLY A 1 17.09 -24.61 -0.77
N SER A 2 16.27 -23.56 -0.78
CA SER A 2 14.93 -23.63 -0.22
C SER A 2 13.88 -23.53 -1.32
N SER A 3 13.58 -24.66 -1.96
CA SER A 3 12.60 -24.70 -3.03
C SER A 3 11.24 -25.12 -2.50
N GLY A 4 10.52 -24.18 -1.88
CA GLY A 4 9.21 -24.48 -1.33
C GLY A 4 8.40 -23.22 -1.08
N SER A 5 7.85 -22.65 -2.14
CA SER A 5 7.05 -21.44 -2.03
C SER A 5 6.20 -21.23 -3.28
N SER A 6 4.97 -20.76 -3.08
CA SER A 6 4.05 -20.52 -4.19
C SER A 6 3.53 -19.09 -4.16
N GLY A 7 3.57 -18.47 -2.99
CA GLY A 7 3.10 -17.11 -2.85
C GLY A 7 1.62 -17.03 -2.56
N PRO A 8 1.25 -16.24 -1.54
CA PRO A 8 -0.16 -16.07 -1.14
C PRO A 8 -0.96 -15.28 -2.18
N GLY A 9 -2.24 -15.08 -1.89
CA GLY A 9 -3.10 -14.35 -2.81
C GLY A 9 -3.20 -12.88 -2.45
N PRO A 10 -3.78 -12.08 -3.37
CA PRO A 10 -3.94 -10.64 -3.18
C PRO A 10 -4.98 -10.32 -2.09
N VAL A 11 -4.55 -9.57 -1.09
CA VAL A 11 -5.44 -9.19 0.01
C VAL A 11 -6.79 -8.73 -0.52
N GLU A 12 -7.74 -8.55 0.40
CA GLU A 12 -9.08 -8.11 0.03
C GLU A 12 -9.41 -6.76 0.65
N ASN A 13 -10.60 -6.25 0.37
CA ASN A 13 -11.03 -4.96 0.91
C ASN A 13 -9.85 -4.00 1.02
N LEU A 14 -9.05 -3.94 -0.05
CA LEU A 14 -7.90 -3.05 -0.07
C LEU A 14 -8.26 -1.71 -0.70
N GLN A 15 -7.99 -0.63 0.04
CA GLN A 15 -8.28 0.71 -0.44
C GLN A 15 -7.38 1.74 0.24
N ALA A 16 -6.92 2.72 -0.54
CA ALA A 16 -6.05 3.77 -0.01
C ALA A 16 -6.54 5.15 -0.43
N VAL A 17 -6.74 6.03 0.53
CA VAL A 17 -7.19 7.39 0.25
C VAL A 17 -6.63 8.38 1.26
N SER A 18 -6.32 9.58 0.80
CA SER A 18 -5.76 10.62 1.66
C SER A 18 -6.87 11.49 2.23
N THR A 19 -6.77 11.80 3.52
CA THR A 19 -7.77 12.63 4.19
C THR A 19 -7.21 14.00 4.53
N SER A 20 -5.95 14.23 4.15
CA SER A 20 -5.30 15.51 4.42
C SER A 20 -4.31 15.85 3.30
N PRO A 21 -3.67 17.02 3.42
CA PRO A 21 -2.70 17.50 2.43
C PRO A 21 -1.68 16.43 2.06
N THR A 22 -1.09 15.79 3.07
CA THR A 22 -0.10 14.75 2.85
C THR A 22 -0.37 13.55 3.75
N SER A 23 -1.11 12.57 3.23
CA SER A 23 -1.43 11.37 3.99
C SER A 23 -1.99 10.29 3.06
N ILE A 24 -2.18 9.10 3.61
CA ILE A 24 -2.71 7.97 2.85
C ILE A 24 -3.24 6.87 3.77
N LEU A 25 -4.55 6.79 3.88
CA LEU A 25 -5.18 5.77 4.72
C LEU A 25 -5.38 4.46 3.96
N ILE A 26 -4.50 3.50 4.22
CA ILE A 26 -4.57 2.21 3.56
C ILE A 26 -5.30 1.19 4.43
N THR A 27 -6.46 0.73 3.95
CA THR A 27 -7.24 -0.25 4.69
C THR A 27 -7.40 -1.54 3.90
N TRP A 28 -6.67 -2.58 4.31
CA TRP A 28 -6.72 -3.87 3.65
C TRP A 28 -7.27 -4.94 4.58
N GLU A 29 -7.37 -6.17 4.07
CA GLU A 29 -7.88 -7.28 4.85
C GLU A 29 -7.21 -8.59 4.45
N PRO A 30 -7.31 -9.61 5.32
CA PRO A 30 -6.72 -10.92 5.06
C PRO A 30 -7.44 -11.68 3.95
N PRO A 31 -6.67 -12.16 2.96
CA PRO A 31 -7.21 -12.91 1.82
C PRO A 31 -7.73 -14.28 2.23
N ALA A 32 -8.70 -14.79 1.48
CA ALA A 32 -9.28 -16.10 1.77
C ALA A 32 -8.55 -17.19 1.00
N TYR A 33 -8.38 -16.99 -0.30
CA TYR A 33 -7.69 -17.96 -1.14
C TYR A 33 -6.19 -17.73 -1.14
N ALA A 34 -5.59 -17.76 0.05
CA ALA A 34 -4.15 -17.55 0.18
C ALA A 34 -3.46 -18.82 0.66
N ASN A 35 -2.24 -19.04 0.18
CA ASN A 35 -1.46 -20.22 0.55
C ASN A 35 -0.87 -20.06 1.95
N GLY A 36 -1.49 -20.71 2.92
CA GLY A 36 -1.01 -20.62 4.29
C GLY A 36 -1.34 -19.30 4.94
N PRO A 37 -0.76 -19.05 6.13
CA PRO A 37 -0.98 -17.81 6.88
C PRO A 37 -0.34 -16.60 6.20
N VAL A 38 -0.34 -15.47 6.90
CA VAL A 38 0.25 -14.25 6.37
C VAL A 38 1.12 -13.57 7.41
N GLN A 39 2.42 -13.85 7.38
CA GLN A 39 3.36 -13.27 8.31
C GLN A 39 3.07 -11.79 8.53
N GLY A 40 2.71 -11.10 7.46
CA GLY A 40 2.41 -9.68 7.54
C GLY A 40 2.07 -9.07 6.20
N TYR A 41 2.35 -7.79 6.05
CA TYR A 41 2.06 -7.08 4.80
C TYR A 41 3.15 -6.06 4.50
N ARG A 42 3.56 -6.02 3.24
CA ARG A 42 4.61 -5.09 2.80
C ARG A 42 4.02 -4.00 1.89
N LEU A 43 4.43 -2.76 2.13
CA LEU A 43 3.96 -1.63 1.34
C LEU A 43 5.11 -0.94 0.63
N PHE A 44 4.86 -0.50 -0.60
CA PHE A 44 5.88 0.18 -1.39
C PHE A 44 5.39 1.55 -1.86
N CYS A 45 6.01 2.60 -1.33
CA CYS A 45 5.63 3.97 -1.70
C CYS A 45 6.57 4.53 -2.77
N THR A 46 6.01 4.85 -3.92
CA THR A 46 6.79 5.40 -5.02
C THR A 46 6.34 6.81 -5.37
N GLU A 47 7.31 7.68 -5.66
CA GLU A 47 7.02 9.05 -6.02
C GLU A 47 7.12 9.27 -7.53
N VAL A 48 6.00 9.08 -8.22
CA VAL A 48 5.96 9.25 -9.67
C VAL A 48 6.78 10.45 -10.10
N SER A 49 6.68 11.54 -9.33
CA SER A 49 7.41 12.77 -9.64
C SER A 49 8.89 12.47 -9.86
N THR A 50 9.53 11.92 -8.84
CA THR A 50 10.95 11.59 -8.91
C THR A 50 11.17 10.18 -9.44
N GLY A 51 10.51 9.21 -8.80
CA GLY A 51 10.64 7.82 -9.21
C GLY A 51 11.34 6.97 -8.17
N LYS A 52 11.29 7.41 -6.92
CA LYS A 52 11.92 6.67 -5.82
C LYS A 52 10.90 5.84 -5.07
N GLU A 53 11.23 4.57 -4.84
CA GLU A 53 10.34 3.66 -4.12
C GLU A 53 10.92 3.31 -2.76
N GLN A 54 10.11 3.48 -1.71
CA GLN A 54 10.54 3.17 -0.36
C GLN A 54 9.70 2.04 0.24
N ASN A 55 10.37 0.94 0.59
CA ASN A 55 9.69 -0.21 1.16
C ASN A 55 9.37 0.03 2.65
N ILE A 56 8.15 -0.33 3.04
CA ILE A 56 7.73 -0.16 4.42
C ILE A 56 7.08 -1.42 4.95
N GLU A 57 7.23 -1.66 6.25
CA GLU A 57 6.67 -2.84 6.89
C GLU A 57 5.68 -2.45 7.99
N VAL A 58 4.39 -2.51 7.66
CA VAL A 58 3.35 -2.17 8.62
C VAL A 58 2.65 -3.42 9.16
N ASP A 59 1.82 -3.23 10.18
CA ASP A 59 1.10 -4.34 10.78
C ASP A 59 -0.37 -3.98 10.99
N GLY A 60 -1.23 -4.99 11.03
CA GLY A 60 -2.64 -4.77 11.22
C GLY A 60 -3.41 -4.68 9.92
N LEU A 61 -4.48 -3.90 9.91
CA LEU A 61 -5.30 -3.73 8.72
C LEU A 61 -5.66 -2.26 8.50
N SER A 62 -4.74 -1.38 8.86
CA SER A 62 -4.95 0.05 8.71
C SER A 62 -3.69 0.84 9.07
N TYR A 63 -3.18 1.59 8.11
CA TYR A 63 -1.98 2.38 8.33
C TYR A 63 -2.10 3.76 7.66
N LYS A 64 -1.94 4.81 8.46
CA LYS A 64 -2.03 6.17 7.95
C LYS A 64 -0.65 6.73 7.63
N LEU A 65 -0.35 6.88 6.35
CA LEU A 65 0.94 7.41 5.90
C LEU A 65 1.01 8.91 6.12
N GLU A 66 2.20 9.41 6.40
CA GLU A 66 2.42 10.84 6.63
C GLU A 66 3.79 11.27 6.13
N GLY A 67 3.93 12.57 5.88
CA GLY A 67 5.20 13.10 5.40
C GLY A 67 5.31 13.06 3.88
N LEU A 68 4.18 13.22 3.21
CA LEU A 68 4.15 13.21 1.75
C LEU A 68 4.10 14.63 1.19
N LYS A 69 3.98 14.74 -0.12
CA LYS A 69 3.93 16.04 -0.78
C LYS A 69 2.48 16.53 -0.89
N LYS A 70 2.26 17.78 -0.51
CA LYS A 70 0.92 18.38 -0.57
C LYS A 70 0.08 17.71 -1.65
N PHE A 71 0.39 18.00 -2.91
CA PHE A 71 -0.34 17.42 -4.02
C PHE A 71 0.61 16.81 -5.04
N THR A 72 0.74 15.48 -4.99
CA THR A 72 1.63 14.77 -5.91
C THR A 72 1.12 13.36 -6.18
N GLU A 73 0.91 13.04 -7.45
CA GLU A 73 0.43 11.71 -7.84
C GLU A 73 1.36 10.62 -7.33
N TYR A 74 0.96 9.96 -6.24
CA TYR A 74 1.77 8.90 -5.66
C TYR A 74 1.24 7.53 -6.06
N SER A 75 2.15 6.57 -6.23
CA SER A 75 1.76 5.22 -6.62
C SER A 75 2.30 4.20 -5.63
N LEU A 76 1.40 3.58 -4.87
CA LEU A 76 1.77 2.59 -3.88
C LEU A 76 1.47 1.18 -4.38
N ARG A 77 2.00 0.18 -3.68
CA ARG A 77 1.80 -1.22 -4.05
C ARG A 77 1.71 -2.11 -2.82
N PHE A 78 0.56 -2.74 -2.63
CA PHE A 78 0.34 -3.62 -1.49
C PHE A 78 0.33 -5.09 -1.93
N LEU A 79 0.83 -5.96 -1.07
CA LEU A 79 0.87 -7.39 -1.37
C LEU A 79 1.00 -8.21 -0.08
N ALA A 80 0.69 -9.50 -0.18
CA ALA A 80 0.77 -10.38 0.97
C ALA A 80 1.99 -11.30 0.88
N TYR A 81 2.66 -11.50 2.01
CA TYR A 81 3.85 -12.36 2.04
C TYR A 81 3.85 -13.22 3.30
N ASN A 82 4.12 -14.51 3.12
CA ASN A 82 4.16 -15.46 4.23
C ASN A 82 5.46 -16.23 4.25
N ARG A 83 5.58 -17.17 5.17
CA ARG A 83 6.78 -17.98 5.30
C ARG A 83 7.40 -18.25 3.93
N TYR A 84 6.55 -18.51 2.95
CA TYR A 84 7.01 -18.79 1.58
C TYR A 84 7.58 -17.53 0.94
N GLY A 85 6.78 -16.47 0.91
CA GLY A 85 7.22 -15.22 0.31
C GLY A 85 6.07 -14.38 -0.20
N PRO A 86 6.39 -13.28 -0.89
CA PRO A 86 5.39 -12.38 -1.45
C PRO A 86 4.64 -13.00 -2.62
N GLY A 87 3.32 -13.01 -2.53
CA GLY A 87 2.49 -13.59 -3.59
C GLY A 87 2.15 -12.57 -4.66
N VAL A 88 0.92 -12.64 -5.15
CA VAL A 88 0.46 -11.73 -6.19
C VAL A 88 0.29 -10.32 -5.64
N SER A 89 0.90 -9.34 -6.31
CA SER A 89 0.80 -7.95 -5.88
C SER A 89 -0.38 -7.26 -6.55
N THR A 90 -0.93 -6.26 -5.86
CA THR A 90 -2.08 -5.51 -6.37
C THR A 90 -1.64 -4.49 -7.42
N ASP A 91 -2.61 -3.91 -8.11
CA ASP A 91 -2.33 -2.92 -9.15
C ASP A 91 -1.85 -1.61 -8.51
N ASP A 92 -0.82 -1.01 -9.11
CA ASP A 92 -0.27 0.24 -8.61
C ASP A 92 -1.39 1.17 -8.14
N ILE A 93 -1.46 1.39 -6.83
CA ILE A 93 -2.48 2.27 -6.26
C ILE A 93 -2.10 3.73 -6.43
N THR A 94 -2.78 4.41 -7.35
CA THR A 94 -2.51 5.82 -7.61
C THR A 94 -3.46 6.71 -6.82
N VAL A 95 -2.91 7.46 -5.86
CA VAL A 95 -3.69 8.35 -5.04
C VAL A 95 -3.04 9.72 -4.92
N VAL A 96 -3.63 10.71 -5.59
CA VAL A 96 -3.10 12.06 -5.57
C VAL A 96 -3.43 12.76 -4.25
N THR A 97 -2.40 13.03 -3.45
CA THR A 97 -2.59 13.68 -2.17
C THR A 97 -3.43 14.94 -2.30
N LEU A 98 -4.18 15.26 -1.25
CA LEU A 98 -5.04 16.44 -1.26
C LEU A 98 -4.23 17.70 -1.53
N SER A 99 -4.90 18.86 -1.44
CA SER A 99 -4.23 20.13 -1.68
C SER A 99 -4.66 21.16 -0.63
N ASP A 100 -3.71 21.55 0.22
CA ASP A 100 -3.99 22.53 1.27
C ASP A 100 -4.00 23.95 0.69
N SER A 101 -5.15 24.36 0.17
CA SER A 101 -5.29 25.69 -0.42
C SER A 101 -6.76 26.01 -0.67
N GLY A 102 -7.16 27.22 -0.29
CA GLY A 102 -8.54 27.63 -0.47
C GLY A 102 -8.74 29.12 -0.19
N PRO A 103 -8.94 29.45 1.08
CA PRO A 103 -9.15 30.84 1.52
C PRO A 103 -7.90 31.68 1.38
N SER A 104 -7.64 32.18 0.18
CA SER A 104 -6.47 33.01 -0.08
C SER A 104 -6.87 34.45 -0.33
N SER A 105 -6.74 35.29 0.71
CA SER A 105 -7.09 36.70 0.60
C SER A 105 -5.92 37.59 0.99
N GLY A 106 -5.26 38.16 0.00
CA GLY A 106 -4.11 39.02 0.26
C GLY A 106 -4.42 40.48 0.00
N GLY A 1 19.70 -25.16 -2.35
CA GLY A 1 19.69 -23.72 -2.57
C GLY A 1 18.37 -23.07 -2.19
N SER A 2 17.29 -23.55 -2.79
CA SER A 2 15.96 -23.01 -2.51
C SER A 2 14.90 -24.10 -2.61
N SER A 3 14.18 -24.33 -1.51
CA SER A 3 13.14 -25.34 -1.47
C SER A 3 11.98 -24.96 -2.38
N GLY A 4 11.55 -23.70 -2.29
CA GLY A 4 10.45 -23.24 -3.13
C GLY A 4 9.35 -22.60 -2.31
N SER A 5 8.43 -21.91 -2.99
CA SER A 5 7.33 -21.24 -2.32
C SER A 5 6.04 -21.37 -3.13
N SER A 6 4.95 -20.86 -2.58
CA SER A 6 3.66 -20.93 -3.25
C SER A 6 3.11 -19.53 -3.51
N GLY A 7 3.54 -18.57 -2.69
CA GLY A 7 3.08 -17.20 -2.84
C GLY A 7 1.61 -17.03 -2.50
N PRO A 8 1.33 -16.27 -1.45
CA PRO A 8 -0.05 -16.01 -1.00
C PRO A 8 -0.82 -15.14 -1.96
N GLY A 9 -2.13 -15.36 -2.05
CA GLY A 9 -2.95 -14.57 -2.95
C GLY A 9 -3.02 -13.11 -2.55
N PRO A 10 -3.51 -12.27 -3.46
CA PRO A 10 -3.64 -10.82 -3.23
C PRO A 10 -4.71 -10.50 -2.19
N VAL A 11 -4.36 -9.66 -1.22
CA VAL A 11 -5.30 -9.26 -0.18
C VAL A 11 -6.62 -8.80 -0.77
N GLU A 12 -7.62 -8.66 0.09
CA GLU A 12 -8.95 -8.22 -0.36
C GLU A 12 -9.33 -6.89 0.29
N ASN A 13 -10.48 -6.36 -0.09
CA ASN A 13 -10.96 -5.09 0.45
C ASN A 13 -9.81 -4.12 0.63
N LEU A 14 -8.97 -3.99 -0.39
CA LEU A 14 -7.82 -3.09 -0.35
C LEU A 14 -8.20 -1.71 -0.87
N GLN A 15 -8.03 -0.69 -0.03
CA GLN A 15 -8.36 0.68 -0.41
C GLN A 15 -7.42 1.67 0.28
N ALA A 16 -7.06 2.73 -0.44
CA ALA A 16 -6.18 3.76 0.11
C ALA A 16 -6.62 5.15 -0.31
N VAL A 17 -6.75 6.04 0.66
CA VAL A 17 -7.17 7.42 0.39
C VAL A 17 -6.60 8.38 1.43
N SER A 18 -6.29 9.60 1.00
CA SER A 18 -5.73 10.60 1.90
C SER A 18 -6.84 11.42 2.55
N THR A 19 -6.64 11.82 3.79
CA THR A 19 -7.61 12.60 4.53
C THR A 19 -7.10 14.00 4.81
N SER A 20 -5.83 14.23 4.51
CA SER A 20 -5.20 15.54 4.73
C SER A 20 -4.26 15.89 3.59
N PRO A 21 -3.63 17.07 3.69
CA PRO A 21 -2.69 17.56 2.68
C PRO A 21 -1.66 16.50 2.29
N THR A 22 -1.07 15.87 3.30
CA THR A 22 -0.07 14.83 3.06
C THR A 22 -0.31 13.62 3.95
N SER A 23 -1.06 12.65 3.42
CA SER A 23 -1.36 11.43 4.17
C SER A 23 -1.92 10.36 3.24
N ILE A 24 -2.09 9.15 3.78
CA ILE A 24 -2.61 8.03 3.00
C ILE A 24 -3.12 6.92 3.92
N LEU A 25 -4.43 6.81 4.02
CA LEU A 25 -5.04 5.78 4.87
C LEU A 25 -5.27 4.50 4.07
N ILE A 26 -4.38 3.54 4.24
CA ILE A 26 -4.48 2.26 3.55
C ILE A 26 -5.19 1.22 4.42
N THR A 27 -6.40 0.85 4.00
CA THR A 27 -7.19 -0.14 4.74
C THR A 27 -7.39 -1.41 3.92
N TRP A 28 -6.62 -2.44 4.25
CA TRP A 28 -6.72 -3.72 3.53
C TRP A 28 -7.30 -4.80 4.43
N GLU A 29 -7.41 -6.01 3.89
CA GLU A 29 -7.96 -7.14 4.65
C GLU A 29 -7.23 -8.43 4.29
N PRO A 30 -7.31 -9.42 5.19
CA PRO A 30 -6.67 -10.73 5.00
C PRO A 30 -7.35 -11.54 3.90
N PRO A 31 -6.55 -12.05 2.95
CA PRO A 31 -7.05 -12.85 1.84
C PRO A 31 -7.55 -14.23 2.29
N ALA A 32 -8.44 -14.81 1.49
CA ALA A 32 -8.99 -16.12 1.81
C ALA A 32 -8.29 -17.23 1.03
N TYR A 33 -8.03 -16.97 -0.24
CA TYR A 33 -7.36 -17.94 -1.10
C TYR A 33 -5.84 -17.82 -0.97
N ALA A 34 -5.36 -17.71 0.27
CA ALA A 34 -3.93 -17.59 0.52
C ALA A 34 -3.35 -18.93 0.98
N ASN A 35 -2.08 -19.16 0.63
CA ASN A 35 -1.40 -20.40 1.00
C ASN A 35 -0.76 -20.28 2.38
N GLY A 36 -1.43 -20.82 3.39
CA GLY A 36 -0.91 -20.76 4.74
C GLY A 36 -1.21 -19.44 5.43
N PRO A 37 -0.52 -19.17 6.54
CA PRO A 37 -0.70 -17.94 7.31
C PRO A 37 -0.17 -16.71 6.58
N VAL A 38 -0.28 -15.56 7.22
CA VAL A 38 0.19 -14.31 6.62
C VAL A 38 1.03 -13.51 7.62
N GLN A 39 2.34 -13.74 7.58
CA GLN A 39 3.25 -13.04 8.48
C GLN A 39 2.84 -11.58 8.65
N GLY A 40 2.49 -10.93 7.55
CA GLY A 40 2.08 -9.54 7.60
C GLY A 40 1.80 -8.97 6.22
N TYR A 41 2.28 -7.76 5.98
CA TYR A 41 2.09 -7.10 4.70
C TYR A 41 3.23 -6.13 4.40
N ARG A 42 3.59 -6.04 3.12
CA ARG A 42 4.67 -5.15 2.70
C ARG A 42 4.14 -4.06 1.77
N LEU A 43 4.43 -2.80 2.12
CA LEU A 43 3.98 -1.67 1.32
C LEU A 43 5.15 -1.07 0.53
N PHE A 44 4.86 -0.63 -0.68
CA PHE A 44 5.89 -0.03 -1.55
C PHE A 44 5.42 1.31 -2.09
N CYS A 45 5.92 2.39 -1.49
CA CYS A 45 5.55 3.74 -1.91
C CYS A 45 6.58 4.30 -2.88
N THR A 46 6.11 4.76 -4.03
CA THR A 46 6.99 5.32 -5.05
C THR A 46 6.46 6.65 -5.56
N GLU A 47 7.34 7.65 -5.64
CA GLU A 47 6.95 8.98 -6.11
C GLU A 47 7.01 9.05 -7.64
N VAL A 48 5.89 9.37 -8.25
CA VAL A 48 5.81 9.48 -9.71
C VAL A 48 6.62 10.67 -10.22
N SER A 49 6.62 11.74 -9.45
CA SER A 49 7.34 12.96 -9.82
C SER A 49 8.82 12.65 -10.05
N THR A 50 9.44 12.00 -9.06
CA THR A 50 10.86 11.66 -9.17
C THR A 50 11.04 10.22 -9.64
N GLY A 51 10.41 9.28 -8.93
CA GLY A 51 10.51 7.88 -9.30
C GLY A 51 11.24 7.06 -8.26
N LYS A 52 11.32 7.59 -7.04
CA LYS A 52 12.00 6.90 -5.95
C LYS A 52 11.05 5.98 -5.21
N GLU A 53 11.45 4.72 -5.04
CA GLU A 53 10.63 3.75 -4.34
C GLU A 53 11.11 3.55 -2.90
N GLN A 54 10.18 3.25 -2.01
CA GLN A 54 10.50 3.04 -0.60
C GLN A 54 9.60 1.97 0.00
N ASN A 55 10.23 0.92 0.55
CA ASN A 55 9.49 -0.17 1.16
C ASN A 55 9.18 0.13 2.62
N ILE A 56 8.00 -0.32 3.08
CA ILE A 56 7.59 -0.09 4.46
C ILE A 56 6.77 -1.26 4.98
N GLU A 57 7.10 -1.71 6.18
CA GLU A 57 6.39 -2.83 6.80
C GLU A 57 5.28 -2.33 7.72
N VAL A 58 4.04 -2.68 7.37
CA VAL A 58 2.88 -2.26 8.16
C VAL A 58 2.09 -3.48 8.64
N ASP A 59 1.35 -3.29 9.73
CA ASP A 59 0.55 -4.36 10.31
C ASP A 59 -0.65 -3.80 11.06
N GLY A 60 -1.82 -4.39 10.83
CA GLY A 60 -3.02 -3.93 11.50
C GLY A 60 -4.12 -3.56 10.52
N LEU A 61 -4.07 -4.15 9.33
CA LEU A 61 -5.07 -3.87 8.31
C LEU A 61 -5.42 -2.39 8.27
N SER A 62 -4.46 -1.54 8.61
CA SER A 62 -4.68 -0.09 8.63
C SER A 62 -3.37 0.64 8.94
N TYR A 63 -2.98 1.54 8.05
CA TYR A 63 -1.76 2.31 8.22
C TYR A 63 -1.88 3.69 7.60
N LYS A 64 -1.69 4.72 8.40
CA LYS A 64 -1.78 6.10 7.92
C LYS A 64 -0.40 6.64 7.56
N LEU A 65 -0.19 6.89 6.27
CA LEU A 65 1.08 7.42 5.79
C LEU A 65 1.21 8.90 6.08
N GLU A 66 2.43 9.36 6.32
CA GLU A 66 2.68 10.77 6.61
C GLU A 66 4.04 11.21 6.06
N GLY A 67 4.17 12.50 5.81
CA GLY A 67 5.42 13.02 5.29
C GLY A 67 5.44 13.06 3.76
N LEU A 68 4.27 13.25 3.17
CA LEU A 68 4.16 13.29 1.71
C LEU A 68 4.07 14.73 1.22
N LYS A 69 3.86 14.89 -0.08
CA LYS A 69 3.75 16.22 -0.69
C LYS A 69 2.29 16.67 -0.76
N LYS A 70 2.05 17.94 -0.45
CA LYS A 70 0.70 18.50 -0.48
C LYS A 70 -0.15 17.78 -1.52
N PHE A 71 0.12 18.05 -2.79
CA PHE A 71 -0.63 17.43 -3.88
C PHE A 71 0.32 16.83 -4.92
N THR A 72 0.48 15.51 -4.89
CA THR A 72 1.36 14.82 -5.82
C THR A 72 0.88 13.40 -6.07
N GLU A 73 0.68 13.06 -7.34
CA GLU A 73 0.23 11.73 -7.72
C GLU A 73 1.22 10.67 -7.24
N TYR A 74 0.85 9.96 -6.18
CA TYR A 74 1.71 8.92 -5.62
C TYR A 74 1.23 7.54 -6.04
N SER A 75 2.16 6.60 -6.17
CA SER A 75 1.82 5.24 -6.58
C SER A 75 2.30 4.24 -5.53
N LEU A 76 1.34 3.57 -4.89
CA LEU A 76 1.66 2.58 -3.86
C LEU A 76 1.36 1.17 -4.37
N ARG A 77 1.95 0.18 -3.70
CA ARG A 77 1.76 -1.22 -4.07
C ARG A 77 1.70 -2.11 -2.84
N PHE A 78 0.56 -2.73 -2.61
CA PHE A 78 0.37 -3.61 -1.46
C PHE A 78 0.33 -5.08 -1.91
N LEU A 79 0.85 -5.96 -1.06
CA LEU A 79 0.87 -7.39 -1.35
C LEU A 79 1.03 -8.21 -0.08
N ALA A 80 0.54 -9.45 -0.12
CA ALA A 80 0.64 -10.33 1.04
C ALA A 80 1.91 -11.17 0.97
N TYR A 81 2.45 -11.50 2.14
CA TYR A 81 3.67 -12.29 2.23
C TYR A 81 3.70 -13.13 3.51
N ASN A 82 3.99 -14.41 3.36
CA ASN A 82 4.05 -15.32 4.50
C ASN A 82 5.38 -16.04 4.57
N ARG A 83 5.52 -16.96 5.52
CA ARG A 83 6.76 -17.72 5.69
C ARG A 83 7.42 -17.96 4.33
N TYR A 84 6.63 -18.29 3.34
CA TYR A 84 7.14 -18.56 2.00
C TYR A 84 7.74 -17.30 1.38
N GLY A 85 6.89 -16.29 1.17
CA GLY A 85 7.36 -15.05 0.59
C GLY A 85 6.23 -14.19 0.06
N PRO A 86 6.57 -13.06 -0.58
CA PRO A 86 5.58 -12.14 -1.14
C PRO A 86 4.89 -12.72 -2.36
N GLY A 87 3.60 -13.03 -2.21
CA GLY A 87 2.84 -13.59 -3.32
C GLY A 87 2.51 -12.55 -4.38
N VAL A 88 1.29 -12.60 -4.89
CA VAL A 88 0.86 -11.68 -5.92
C VAL A 88 0.51 -10.31 -5.32
N SER A 89 1.03 -9.25 -5.93
CA SER A 89 0.77 -7.90 -5.45
C SER A 89 -0.47 -7.31 -6.12
N THR A 90 -0.91 -6.16 -5.63
CA THR A 90 -2.07 -5.49 -6.18
C THR A 90 -1.68 -4.42 -7.19
N ASP A 91 -2.63 -3.99 -8.00
CA ASP A 91 -2.38 -2.97 -9.01
C ASP A 91 -1.92 -1.67 -8.37
N ASP A 92 -1.02 -0.96 -9.06
CA ASP A 92 -0.50 0.30 -8.55
C ASP A 92 -1.63 1.20 -8.06
N ILE A 93 -1.65 1.47 -6.76
CA ILE A 93 -2.67 2.32 -6.17
C ILE A 93 -2.30 3.80 -6.30
N THR A 94 -2.92 4.47 -7.27
CA THR A 94 -2.66 5.89 -7.50
C THR A 94 -3.58 6.76 -6.66
N VAL A 95 -3.00 7.40 -5.65
CA VAL A 95 -3.77 8.27 -4.76
C VAL A 95 -3.14 9.66 -4.67
N VAL A 96 -3.76 10.64 -5.30
CA VAL A 96 -3.26 12.00 -5.28
C VAL A 96 -3.60 12.71 -3.97
N THR A 97 -2.58 13.03 -3.19
CA THR A 97 -2.76 13.70 -1.91
C THR A 97 -3.67 14.92 -2.06
N LEU A 98 -4.32 15.31 -0.96
CA LEU A 98 -5.21 16.47 -0.97
C LEU A 98 -4.45 17.74 -1.31
N SER A 99 -5.13 18.87 -1.24
CA SER A 99 -4.53 20.17 -1.54
C SER A 99 -4.99 21.24 -0.55
N ASP A 100 -4.11 21.60 0.37
CA ASP A 100 -4.42 22.60 1.37
C ASP A 100 -4.92 23.89 0.71
N SER A 101 -4.10 24.45 -0.17
CA SER A 101 -4.46 25.69 -0.86
C SER A 101 -4.90 25.39 -2.29
N GLY A 102 -6.12 25.81 -2.63
CA GLY A 102 -6.63 25.59 -3.96
C GLY A 102 -8.06 25.08 -3.96
N PRO A 103 -9.02 25.98 -4.26
CA PRO A 103 -10.44 25.64 -4.28
C PRO A 103 -10.80 24.73 -5.45
N SER A 104 -9.78 24.32 -6.21
CA SER A 104 -9.99 23.45 -7.37
C SER A 104 -9.47 22.05 -7.08
N SER A 105 -10.38 21.07 -7.08
CA SER A 105 -10.02 19.69 -6.82
C SER A 105 -9.98 18.88 -8.11
N GLY A 106 -11.12 18.84 -8.80
CA GLY A 106 -11.19 18.10 -10.05
C GLY A 106 -11.55 18.98 -11.23
N GLY A 1 10.88 -29.75 -8.26
CA GLY A 1 11.16 -30.27 -6.93
C GLY A 1 9.95 -30.20 -6.03
N SER A 2 9.94 -31.03 -4.99
CA SER A 2 8.83 -31.07 -4.04
C SER A 2 8.98 -29.97 -2.98
N SER A 3 9.29 -28.76 -3.43
CA SER A 3 9.46 -27.63 -2.52
C SER A 3 8.13 -26.95 -2.23
N GLY A 4 7.47 -27.41 -1.17
CA GLY A 4 6.19 -26.83 -0.79
C GLY A 4 6.31 -25.39 -0.35
N SER A 5 6.03 -24.47 -1.27
CA SER A 5 6.10 -23.04 -0.98
C SER A 5 5.34 -22.23 -2.01
N SER A 6 4.18 -21.71 -1.61
CA SER A 6 3.35 -20.90 -2.51
C SER A 6 3.13 -19.51 -1.94
N GLY A 7 2.82 -18.57 -2.83
CA GLY A 7 2.59 -17.19 -2.40
C GLY A 7 1.13 -16.93 -2.07
N PRO A 8 0.89 -16.14 -1.01
CA PRO A 8 -0.47 -15.79 -0.58
C PRO A 8 -1.16 -14.86 -1.55
N GLY A 9 -2.43 -15.18 -1.87
CA GLY A 9 -3.19 -14.36 -2.79
C GLY A 9 -3.20 -12.90 -2.39
N PRO A 10 -3.66 -12.03 -3.30
CA PRO A 10 -3.74 -10.59 -3.07
C PRO A 10 -4.81 -10.23 -2.05
N VAL A 11 -4.40 -9.50 -1.01
CA VAL A 11 -5.33 -9.08 0.04
C VAL A 11 -6.66 -8.62 -0.55
N GLU A 12 -7.67 -8.52 0.31
CA GLU A 12 -9.00 -8.09 -0.13
C GLU A 12 -9.40 -6.78 0.55
N ASN A 13 -10.50 -6.21 0.10
CA ASN A 13 -10.99 -4.96 0.66
C ASN A 13 -9.86 -3.94 0.80
N LEU A 14 -9.00 -3.88 -0.20
CA LEU A 14 -7.88 -2.95 -0.19
C LEU A 14 -8.27 -1.60 -0.79
N GLN A 15 -7.97 -0.53 -0.08
CA GLN A 15 -8.29 0.81 -0.55
C GLN A 15 -7.45 1.87 0.18
N ALA A 16 -6.99 2.86 -0.58
CA ALA A 16 -6.16 3.92 -0.01
C ALA A 16 -6.77 5.29 -0.30
N VAL A 17 -6.70 6.18 0.69
CA VAL A 17 -7.25 7.52 0.54
C VAL A 17 -6.63 8.48 1.57
N SER A 18 -6.25 9.66 1.10
CA SER A 18 -5.65 10.66 1.98
C SER A 18 -6.72 11.48 2.68
N THR A 19 -6.48 11.79 3.96
CA THR A 19 -7.42 12.56 4.75
C THR A 19 -6.87 13.95 5.06
N SER A 20 -5.64 14.20 4.62
CA SER A 20 -5.00 15.49 4.84
C SER A 20 -4.12 15.88 3.65
N PRO A 21 -3.52 17.07 3.73
CA PRO A 21 -2.64 17.58 2.68
C PRO A 21 -1.62 16.56 2.22
N THR A 22 -0.99 15.87 3.18
CA THR A 22 0.00 14.86 2.87
C THR A 22 -0.19 13.62 3.74
N SER A 23 -0.94 12.66 3.22
CA SER A 23 -1.20 11.42 3.94
C SER A 23 -1.82 10.36 3.02
N ILE A 24 -1.99 9.16 3.54
CA ILE A 24 -2.56 8.06 2.78
C ILE A 24 -3.06 6.95 3.69
N LEU A 25 -4.38 6.86 3.84
CA LEU A 25 -4.99 5.85 4.68
C LEU A 25 -5.19 4.55 3.90
N ILE A 26 -4.30 3.59 4.12
CA ILE A 26 -4.39 2.30 3.45
C ILE A 26 -5.12 1.27 4.30
N THR A 27 -6.34 0.93 3.89
CA THR A 27 -7.15 -0.04 4.62
C THR A 27 -7.24 -1.36 3.87
N TRP A 28 -6.43 -2.33 4.28
CA TRP A 28 -6.43 -3.65 3.63
C TRP A 28 -7.02 -4.70 4.56
N GLU A 29 -7.23 -5.90 4.03
CA GLU A 29 -7.78 -7.01 4.80
C GLU A 29 -7.08 -8.31 4.48
N PRO A 30 -7.22 -9.30 5.37
CA PRO A 30 -6.60 -10.62 5.21
C PRO A 30 -7.23 -11.42 4.07
N PRO A 31 -6.37 -11.98 3.21
CA PRO A 31 -6.82 -12.78 2.07
C PRO A 31 -7.41 -14.11 2.49
N ALA A 32 -8.73 -14.24 2.36
CA ALA A 32 -9.43 -15.46 2.72
C ALA A 32 -8.87 -16.66 1.95
N TYR A 33 -8.65 -16.46 0.66
CA TYR A 33 -8.13 -17.52 -0.20
C TYR A 33 -6.61 -17.47 -0.27
N ALA A 34 -5.95 -17.55 0.89
CA ALA A 34 -4.50 -17.51 0.95
C ALA A 34 -3.93 -18.86 1.38
N ASN A 35 -2.69 -19.11 0.99
CA ASN A 35 -2.02 -20.36 1.33
C ASN A 35 -1.37 -20.29 2.70
N GLY A 36 -2.04 -20.83 3.71
CA GLY A 36 -1.52 -20.81 5.06
C GLY A 36 -1.66 -19.45 5.71
N PRO A 37 -0.86 -19.21 6.77
CA PRO A 37 -0.88 -17.96 7.51
C PRO A 37 -0.31 -16.79 6.70
N VAL A 38 -0.23 -15.62 7.32
CA VAL A 38 0.29 -14.44 6.65
C VAL A 38 1.26 -13.68 7.57
N GLN A 39 2.54 -13.96 7.42
CA GLN A 39 3.57 -13.31 8.23
C GLN A 39 3.23 -11.84 8.46
N GLY A 40 2.74 -11.18 7.42
CA GLY A 40 2.38 -9.79 7.52
C GLY A 40 2.04 -9.17 6.18
N TYR A 41 2.46 -7.92 5.98
CA TYR A 41 2.19 -7.21 4.74
C TYR A 41 3.27 -6.18 4.44
N ARG A 42 3.63 -6.05 3.17
CA ARG A 42 4.65 -5.09 2.77
C ARG A 42 4.06 -4.01 1.88
N LEU A 43 4.34 -2.75 2.23
CA LEU A 43 3.85 -1.61 1.47
C LEU A 43 4.98 -0.88 0.76
N PHE A 44 4.81 -0.64 -0.53
CA PHE A 44 5.81 0.05 -1.32
C PHE A 44 5.26 1.34 -1.90
N CYS A 45 5.86 2.47 -1.51
CA CYS A 45 5.42 3.77 -2.00
C CYS A 45 6.46 4.39 -2.93
N THR A 46 6.03 4.73 -4.14
CA THR A 46 6.91 5.32 -5.14
C THR A 46 6.38 6.66 -5.63
N GLU A 47 7.21 7.69 -5.52
CA GLU A 47 6.82 9.03 -5.95
C GLU A 47 6.96 9.18 -7.47
N VAL A 48 5.85 9.43 -8.14
CA VAL A 48 5.87 9.59 -9.60
C VAL A 48 6.63 10.84 -10.01
N SER A 49 6.79 11.76 -9.06
CA SER A 49 7.51 13.01 -9.32
C SER A 49 9.01 12.77 -9.41
N THR A 50 9.56 12.14 -8.38
CA THR A 50 10.99 11.85 -8.35
C THR A 50 11.29 10.50 -8.99
N GLY A 51 10.50 9.49 -8.65
CA GLY A 51 10.70 8.16 -9.21
C GLY A 51 11.35 7.21 -8.23
N LYS A 52 11.45 7.63 -6.98
CA LYS A 52 12.06 6.81 -5.94
C LYS A 52 11.00 5.92 -5.26
N GLU A 53 11.42 4.74 -4.82
CA GLU A 53 10.51 3.82 -4.16
C GLU A 53 10.97 3.53 -2.74
N GLN A 54 10.01 3.44 -1.82
CA GLN A 54 10.31 3.18 -0.41
C GLN A 54 9.51 1.98 0.09
N ASN A 55 10.20 1.05 0.75
CA ASN A 55 9.56 -0.14 1.29
C ASN A 55 9.20 0.05 2.75
N ILE A 56 8.01 -0.39 3.13
CA ILE A 56 7.55 -0.27 4.51
C ILE A 56 6.92 -1.58 4.99
N GLU A 57 7.04 -1.84 6.30
CA GLU A 57 6.48 -3.04 6.88
C GLU A 57 5.52 -2.70 8.02
N VAL A 58 4.23 -2.70 7.71
CA VAL A 58 3.20 -2.38 8.70
C VAL A 58 2.48 -3.65 9.16
N ASP A 59 1.90 -3.60 10.36
CA ASP A 59 1.18 -4.74 10.91
C ASP A 59 -0.19 -4.31 11.42
N GLY A 60 -1.23 -4.93 10.87
CA GLY A 60 -2.59 -4.59 11.29
C GLY A 60 -3.58 -4.67 10.14
N LEU A 61 -4.49 -3.71 10.09
CA LEU A 61 -5.50 -3.66 9.04
C LEU A 61 -5.43 -2.35 8.27
N SER A 62 -5.10 -1.27 8.98
CA SER A 62 -5.00 0.04 8.36
C SER A 62 -3.73 0.77 8.82
N TYR A 63 -3.21 1.64 7.97
CA TYR A 63 -2.00 2.39 8.30
C TYR A 63 -2.01 3.76 7.61
N LYS A 64 -2.05 4.82 8.42
CA LYS A 64 -2.07 6.18 7.89
C LYS A 64 -0.65 6.66 7.58
N LEU A 65 -0.41 7.02 6.33
CA LEU A 65 0.90 7.50 5.90
C LEU A 65 1.00 9.02 6.06
N GLU A 66 2.22 9.51 6.27
CA GLU A 66 2.45 10.94 6.44
C GLU A 66 3.82 11.33 5.90
N GLY A 67 4.02 12.62 5.69
CA GLY A 67 5.28 13.11 5.18
C GLY A 67 5.33 13.12 3.66
N LEU A 68 4.19 13.40 3.03
CA LEU A 68 4.11 13.44 1.57
C LEU A 68 3.96 14.87 1.07
N LYS A 69 3.86 15.02 -0.24
CA LYS A 69 3.71 16.33 -0.85
C LYS A 69 2.25 16.76 -0.89
N LYS A 70 1.99 18.03 -0.58
CA LYS A 70 0.63 18.56 -0.58
C LYS A 70 -0.22 17.84 -1.62
N PHE A 71 0.03 18.13 -2.89
CA PHE A 71 -0.72 17.51 -3.97
C PHE A 71 0.22 16.92 -5.03
N THR A 72 0.38 15.60 -4.99
CA THR A 72 1.25 14.92 -5.93
C THR A 72 0.78 13.49 -6.18
N GLU A 73 0.64 13.13 -7.46
CA GLU A 73 0.19 11.79 -7.82
C GLU A 73 1.17 10.73 -7.33
N TYR A 74 0.81 10.06 -6.25
CA TYR A 74 1.65 9.02 -5.68
C TYR A 74 1.20 7.63 -6.13
N SER A 75 2.12 6.67 -6.11
CA SER A 75 1.83 5.31 -6.51
C SER A 75 2.32 4.31 -5.47
N LEU A 76 1.38 3.55 -4.91
CA LEU A 76 1.72 2.56 -3.89
C LEU A 76 1.50 1.14 -4.43
N ARG A 77 1.92 0.16 -3.64
CA ARG A 77 1.77 -1.24 -4.03
C ARG A 77 1.73 -2.15 -2.80
N PHE A 78 0.60 -2.82 -2.60
CA PHE A 78 0.44 -3.72 -1.46
C PHE A 78 0.42 -5.17 -1.92
N LEU A 79 0.94 -6.06 -1.07
CA LEU A 79 0.97 -7.48 -1.39
C LEU A 79 1.11 -8.32 -0.13
N ALA A 80 0.66 -9.57 -0.19
CA ALA A 80 0.75 -10.48 0.95
C ALA A 80 1.99 -11.36 0.86
N TYR A 81 2.58 -11.66 2.02
CA TYR A 81 3.76 -12.50 2.06
C TYR A 81 3.79 -13.33 3.34
N ASN A 82 4.02 -14.63 3.18
CA ASN A 82 4.07 -15.54 4.33
C ASN A 82 5.40 -16.30 4.36
N ARG A 83 5.54 -17.17 5.35
CA ARG A 83 6.76 -17.96 5.49
C ARG A 83 7.32 -18.37 4.13
N TYR A 84 6.42 -18.80 3.24
CA TYR A 84 6.83 -19.22 1.91
C TYR A 84 7.46 -18.06 1.14
N GLY A 85 6.73 -16.95 1.04
CA GLY A 85 7.24 -15.79 0.33
C GLY A 85 6.13 -14.88 -0.13
N PRO A 86 6.51 -13.76 -0.78
CA PRO A 86 5.56 -12.78 -1.29
C PRO A 86 4.76 -13.30 -2.48
N GLY A 87 3.43 -13.25 -2.37
CA GLY A 87 2.59 -13.74 -3.44
C GLY A 87 2.33 -12.67 -4.50
N VAL A 88 1.12 -12.66 -5.05
CA VAL A 88 0.76 -11.69 -6.07
C VAL A 88 0.66 -10.28 -5.48
N SER A 89 0.95 -9.28 -6.32
CA SER A 89 0.92 -7.89 -5.89
C SER A 89 -0.25 -7.16 -6.54
N THR A 90 -0.93 -6.32 -5.76
CA THR A 90 -2.07 -5.56 -6.27
C THR A 90 -1.63 -4.55 -7.32
N ASP A 91 -2.60 -3.99 -8.03
CA ASP A 91 -2.32 -3.00 -9.06
C ASP A 91 -1.86 -1.68 -8.45
N ASP A 92 -0.92 -1.02 -9.11
CA ASP A 92 -0.40 0.26 -8.63
C ASP A 92 -1.52 1.14 -8.11
N ILE A 93 -1.50 1.41 -6.81
CA ILE A 93 -2.53 2.24 -6.18
C ILE A 93 -2.19 3.73 -6.33
N THR A 94 -2.85 4.40 -7.26
CA THR A 94 -2.63 5.82 -7.50
C THR A 94 -3.57 6.67 -6.66
N VAL A 95 -3.00 7.42 -5.73
CA VAL A 95 -3.80 8.29 -4.85
C VAL A 95 -3.18 9.68 -4.76
N VAL A 96 -3.87 10.66 -5.33
CA VAL A 96 -3.39 12.04 -5.31
C VAL A 96 -3.71 12.71 -3.97
N THR A 97 -2.66 13.11 -3.25
CA THR A 97 -2.82 13.76 -1.96
C THR A 97 -3.72 14.98 -2.07
N LEU A 98 -4.36 15.34 -0.96
CA LEU A 98 -5.25 16.50 -0.93
C LEU A 98 -4.50 17.77 -1.33
N SER A 99 -5.18 18.91 -1.22
CA SER A 99 -4.59 20.19 -1.57
C SER A 99 -4.95 21.26 -0.54
N ASP A 100 -3.99 21.61 0.31
CA ASP A 100 -4.20 22.62 1.33
C ASP A 100 -4.65 23.94 0.71
N SER A 101 -3.82 24.49 -0.15
CA SER A 101 -4.13 25.76 -0.81
C SER A 101 -5.36 25.62 -1.69
N GLY A 102 -6.00 26.75 -1.99
CA GLY A 102 -7.19 26.73 -2.82
C GLY A 102 -7.95 28.04 -2.76
N PRO A 103 -7.33 29.12 -3.22
CA PRO A 103 -7.94 30.46 -3.23
C PRO A 103 -9.08 30.58 -4.23
N SER A 104 -10.10 31.33 -3.88
CA SER A 104 -11.26 31.52 -4.75
C SER A 104 -11.03 32.68 -5.72
N SER A 105 -10.39 32.38 -6.85
CA SER A 105 -10.11 33.39 -7.86
C SER A 105 -11.30 33.60 -8.78
N GLY A 106 -11.83 32.49 -9.31
CA GLY A 106 -12.97 32.56 -10.21
C GLY A 106 -14.28 32.74 -9.47
N GLY A 1 6.62 -32.56 -9.85
CA GLY A 1 6.34 -33.57 -8.86
C GLY A 1 7.11 -33.35 -7.57
N SER A 2 7.09 -32.12 -7.08
CA SER A 2 7.80 -31.77 -5.86
C SER A 2 7.20 -30.53 -5.21
N SER A 3 6.95 -30.61 -3.90
CA SER A 3 6.37 -29.50 -3.16
C SER A 3 7.46 -28.58 -2.62
N GLY A 4 7.14 -27.29 -2.50
CA GLY A 4 8.11 -26.33 -1.99
C GLY A 4 7.44 -25.16 -1.30
N SER A 5 7.58 -23.97 -1.87
CA SER A 5 6.99 -22.77 -1.30
C SER A 5 5.98 -22.15 -2.25
N SER A 6 4.83 -21.75 -1.71
CA SER A 6 3.77 -21.15 -2.52
C SER A 6 3.55 -19.69 -2.12
N GLY A 7 2.93 -18.92 -3.00
CA GLY A 7 2.66 -17.52 -2.71
C GLY A 7 1.22 -17.28 -2.32
N PRO A 8 1.02 -16.45 -1.28
CA PRO A 8 -0.32 -16.11 -0.78
C PRO A 8 -1.10 -15.24 -1.76
N GLY A 9 -2.38 -15.53 -1.91
CA GLY A 9 -3.21 -14.75 -2.81
C GLY A 9 -3.24 -13.28 -2.46
N PRO A 10 -3.74 -12.45 -3.39
CA PRO A 10 -3.83 -11.00 -3.18
C PRO A 10 -4.87 -10.62 -2.14
N VAL A 11 -4.49 -9.73 -1.23
CA VAL A 11 -5.40 -9.28 -0.17
C VAL A 11 -6.76 -8.89 -0.74
N GLU A 12 -7.69 -8.54 0.14
CA GLU A 12 -9.03 -8.15 -0.28
C GLU A 12 -9.41 -6.80 0.32
N ASN A 13 -10.57 -6.29 -0.06
CA ASN A 13 -11.05 -5.00 0.43
C ASN A 13 -9.90 -4.01 0.58
N LEU A 14 -9.06 -3.94 -0.44
CA LEU A 14 -7.92 -3.03 -0.43
C LEU A 14 -8.28 -1.68 -1.02
N GLN A 15 -8.03 -0.62 -0.26
CA GLN A 15 -8.33 0.74 -0.72
C GLN A 15 -7.48 1.77 0.01
N ALA A 16 -7.07 2.81 -0.70
CA ALA A 16 -6.26 3.87 -0.11
C ALA A 16 -6.81 5.24 -0.45
N VAL A 17 -6.85 6.11 0.55
CA VAL A 17 -7.36 7.47 0.36
C VAL A 17 -6.73 8.44 1.35
N SER A 18 -6.38 9.62 0.86
CA SER A 18 -5.76 10.64 1.71
C SER A 18 -6.82 11.56 2.31
N THR A 19 -6.74 11.75 3.62
CA THR A 19 -7.69 12.61 4.33
C THR A 19 -7.03 13.89 4.80
N SER A 20 -6.00 14.32 4.08
CA SER A 20 -5.29 15.54 4.43
C SER A 20 -4.26 15.89 3.34
N PRO A 21 -3.65 17.08 3.48
CA PRO A 21 -2.65 17.56 2.53
C PRO A 21 -1.60 16.51 2.19
N THR A 22 -1.07 15.87 3.23
CA THR A 22 -0.05 14.83 3.05
C THR A 22 -0.34 13.62 3.92
N SER A 23 -1.08 12.66 3.37
CA SER A 23 -1.43 11.44 4.10
C SER A 23 -1.98 10.38 3.15
N ILE A 24 -2.17 9.18 3.67
CA ILE A 24 -2.68 8.06 2.88
C ILE A 24 -3.23 6.96 3.76
N LEU A 25 -4.55 6.86 3.84
CA LEU A 25 -5.19 5.83 4.66
C LEU A 25 -5.38 4.54 3.86
N ILE A 26 -4.53 3.56 4.14
CA ILE A 26 -4.61 2.27 3.46
C ILE A 26 -5.34 1.24 4.31
N THR A 27 -6.54 0.87 3.88
CA THR A 27 -7.35 -0.10 4.60
C THR A 27 -7.42 -1.43 3.83
N TRP A 28 -6.61 -2.38 4.25
CA TRP A 28 -6.58 -3.69 3.60
C TRP A 28 -7.05 -4.78 4.56
N GLU A 29 -7.48 -5.91 4.00
CA GLU A 29 -7.95 -7.02 4.81
C GLU A 29 -7.24 -8.32 4.42
N PRO A 30 -7.25 -9.30 5.34
CA PRO A 30 -6.60 -10.59 5.12
C PRO A 30 -7.33 -11.44 4.07
N PRO A 31 -6.58 -11.96 3.10
CA PRO A 31 -7.14 -12.79 2.02
C PRO A 31 -7.61 -14.15 2.54
N ALA A 32 -8.70 -14.64 1.96
CA ALA A 32 -9.25 -15.94 2.35
C ALA A 32 -8.56 -17.07 1.60
N TYR A 33 -8.42 -16.91 0.29
CA TYR A 33 -7.78 -17.93 -0.54
C TYR A 33 -6.27 -17.78 -0.50
N ALA A 34 -5.72 -17.61 0.70
CA ALA A 34 -4.28 -17.47 0.87
C ALA A 34 -3.64 -18.80 1.27
N ASN A 35 -2.49 -19.10 0.66
CA ASN A 35 -1.78 -20.34 0.95
C ASN A 35 -1.16 -20.30 2.35
N GLY A 36 -1.99 -20.54 3.36
CA GLY A 36 -1.51 -20.54 4.73
C GLY A 36 -1.70 -19.19 5.39
N PRO A 37 -0.99 -18.98 6.51
CA PRO A 37 -1.06 -17.73 7.27
C PRO A 37 -0.44 -16.56 6.52
N VAL A 38 -0.44 -15.38 7.15
CA VAL A 38 0.12 -14.19 6.55
C VAL A 38 1.03 -13.45 7.53
N GLN A 39 2.32 -13.79 7.50
CA GLN A 39 3.30 -13.15 8.39
C GLN A 39 2.99 -11.67 8.56
N GLY A 40 2.66 -11.01 7.47
CA GLY A 40 2.35 -9.59 7.53
C GLY A 40 2.01 -9.01 6.17
N TYR A 41 2.43 -7.77 5.93
CA TYR A 41 2.16 -7.10 4.67
C TYR A 41 3.24 -6.07 4.36
N ARG A 42 3.73 -6.08 3.12
CA ARG A 42 4.77 -5.15 2.70
C ARG A 42 4.17 -4.06 1.82
N LEU A 43 4.60 -2.82 2.07
CA LEU A 43 4.12 -1.67 1.31
C LEU A 43 5.27 -0.97 0.60
N PHE A 44 5.02 -0.54 -0.63
CA PHE A 44 6.03 0.15 -1.42
C PHE A 44 5.48 1.44 -2.01
N CYS A 45 6.05 2.57 -1.59
CA CYS A 45 5.61 3.87 -2.07
C CYS A 45 6.62 4.46 -3.05
N THR A 46 6.13 4.85 -4.23
CA THR A 46 6.99 5.42 -5.27
C THR A 46 6.46 6.77 -5.74
N GLU A 47 7.17 7.83 -5.40
CA GLU A 47 6.77 9.18 -5.79
C GLU A 47 6.85 9.35 -7.30
N VAL A 48 5.70 9.21 -7.96
CA VAL A 48 5.65 9.36 -9.42
C VAL A 48 6.42 10.58 -9.88
N SER A 49 6.33 11.65 -9.09
CA SER A 49 7.01 12.90 -9.43
C SER A 49 8.48 12.66 -9.71
N THR A 50 9.19 12.10 -8.73
CA THR A 50 10.60 11.81 -8.87
C THR A 50 10.83 10.40 -9.40
N GLY A 51 10.25 9.42 -8.72
CA GLY A 51 10.39 8.03 -9.14
C GLY A 51 11.19 7.22 -8.15
N LYS A 52 11.25 7.68 -6.91
CA LYS A 52 11.98 6.99 -5.85
C LYS A 52 11.04 6.10 -5.03
N GLU A 53 11.33 4.81 -4.99
CA GLU A 53 10.51 3.86 -4.25
C GLU A 53 11.04 3.70 -2.83
N GLN A 54 10.14 3.35 -1.91
CA GLN A 54 10.52 3.17 -0.51
C GLN A 54 9.74 2.00 0.11
N ASN A 55 10.48 1.00 0.59
CA ASN A 55 9.87 -0.17 1.21
C ASN A 55 9.52 0.11 2.66
N ILE A 56 8.31 -0.28 3.06
CA ILE A 56 7.86 -0.08 4.43
C ILE A 56 7.15 -1.32 4.96
N GLU A 57 7.35 -1.60 6.25
CA GLU A 57 6.74 -2.76 6.88
C GLU A 57 5.73 -2.33 7.94
N VAL A 58 4.44 -2.50 7.63
CA VAL A 58 3.38 -2.13 8.56
C VAL A 58 2.63 -3.35 9.05
N ASP A 59 1.95 -3.21 10.19
CA ASP A 59 1.19 -4.32 10.77
C ASP A 59 -0.19 -3.84 11.20
N GLY A 60 -1.22 -4.58 10.77
CA GLY A 60 -2.58 -4.22 11.12
C GLY A 60 -3.50 -4.17 9.93
N LEU A 61 -4.68 -3.60 10.11
CA LEU A 61 -5.66 -3.51 9.03
C LEU A 61 -5.90 -2.05 8.66
N SER A 62 -4.94 -1.20 8.96
CA SER A 62 -5.04 0.23 8.66
C SER A 62 -3.75 0.96 9.01
N TYR A 63 -3.28 1.79 8.09
CA TYR A 63 -2.05 2.55 8.31
C TYR A 63 -2.15 3.94 7.70
N LYS A 64 -1.85 4.96 8.51
CA LYS A 64 -1.91 6.34 8.06
C LYS A 64 -0.53 6.84 7.65
N LEU A 65 -0.30 6.96 6.36
CA LEU A 65 0.98 7.43 5.84
C LEU A 65 1.14 8.93 6.07
N GLU A 66 2.39 9.35 6.29
CA GLU A 66 2.68 10.76 6.53
C GLU A 66 4.04 11.13 5.94
N GLY A 67 4.25 12.43 5.73
CA GLY A 67 5.50 12.91 5.19
C GLY A 67 5.49 12.93 3.67
N LEU A 68 4.33 13.20 3.09
CA LEU A 68 4.18 13.25 1.64
C LEU A 68 4.10 14.69 1.14
N LYS A 69 3.84 14.86 -0.15
CA LYS A 69 3.73 16.19 -0.74
C LYS A 69 2.27 16.64 -0.78
N LYS A 70 2.05 17.92 -0.52
CA LYS A 70 0.71 18.48 -0.52
C LYS A 70 -0.17 17.80 -1.57
N PHE A 71 0.10 18.08 -2.84
CA PHE A 71 -0.65 17.49 -3.94
C PHE A 71 0.28 16.89 -4.98
N THR A 72 0.45 15.57 -4.91
CA THR A 72 1.32 14.86 -5.84
C THR A 72 0.86 13.43 -6.04
N GLU A 73 0.58 13.07 -7.29
CA GLU A 73 0.13 11.73 -7.62
C GLU A 73 1.10 10.68 -7.08
N TYR A 74 0.71 10.02 -6.00
CA TYR A 74 1.54 8.99 -5.38
C TYR A 74 1.05 7.60 -5.74
N SER A 75 1.98 6.69 -6.01
CA SER A 75 1.64 5.32 -6.38
C SER A 75 2.24 4.34 -5.38
N LEU A 76 1.38 3.56 -4.74
CA LEU A 76 1.81 2.58 -3.75
C LEU A 76 1.61 1.15 -4.29
N ARG A 77 2.14 0.18 -3.55
CA ARG A 77 2.02 -1.22 -3.95
C ARG A 77 1.90 -2.13 -2.72
N PHE A 78 0.76 -2.79 -2.58
CA PHE A 78 0.52 -3.69 -1.47
C PHE A 78 0.46 -5.14 -1.93
N LEU A 79 0.91 -6.05 -1.05
CA LEU A 79 0.91 -7.47 -1.38
C LEU A 79 0.95 -8.31 -0.11
N ALA A 80 0.62 -9.59 -0.24
CA ALA A 80 0.62 -10.51 0.90
C ALA A 80 1.85 -11.41 0.87
N TYR A 81 2.42 -11.67 2.04
CA TYR A 81 3.59 -12.53 2.16
C TYR A 81 3.56 -13.34 3.45
N ASN A 82 3.83 -14.64 3.33
CA ASN A 82 3.84 -15.52 4.48
C ASN A 82 5.16 -16.27 4.59
N ARG A 83 5.27 -17.12 5.61
CA ARG A 83 6.48 -17.91 5.82
C ARG A 83 7.12 -18.30 4.49
N TYR A 84 6.30 -18.73 3.55
CA TYR A 84 6.78 -19.13 2.23
C TYR A 84 7.40 -17.94 1.49
N GLY A 85 6.62 -16.88 1.35
CA GLY A 85 7.11 -15.69 0.66
C GLY A 85 5.99 -14.85 0.09
N PRO A 86 6.35 -13.75 -0.59
CA PRO A 86 5.38 -12.83 -1.18
C PRO A 86 4.67 -13.45 -2.38
N GLY A 87 3.36 -13.22 -2.48
CA GLY A 87 2.59 -13.76 -3.57
C GLY A 87 2.13 -12.69 -4.55
N VAL A 88 0.97 -12.90 -5.16
CA VAL A 88 0.42 -11.95 -6.12
C VAL A 88 0.30 -10.56 -5.50
N SER A 89 0.79 -9.55 -6.21
CA SER A 89 0.73 -8.18 -5.73
C SER A 89 -0.50 -7.47 -6.27
N THR A 90 -0.92 -6.42 -5.57
CA THR A 90 -2.10 -5.65 -5.98
C THR A 90 -1.71 -4.54 -6.95
N ASP A 91 -2.62 -4.22 -7.86
CA ASP A 91 -2.38 -3.18 -8.86
C ASP A 91 -1.96 -1.88 -8.18
N ASP A 92 -0.86 -1.30 -8.66
CA ASP A 92 -0.35 -0.04 -8.12
C ASP A 92 -1.50 0.85 -7.65
N ILE A 93 -1.46 1.25 -6.38
CA ILE A 93 -2.50 2.11 -5.82
C ILE A 93 -2.13 3.58 -5.97
N THR A 94 -2.69 4.22 -6.99
CA THR A 94 -2.42 5.63 -7.25
C THR A 94 -3.44 6.52 -6.53
N VAL A 95 -2.93 7.38 -5.65
CA VAL A 95 -3.79 8.29 -4.89
C VAL A 95 -3.15 9.67 -4.78
N VAL A 96 -3.79 10.66 -5.42
CA VAL A 96 -3.30 12.03 -5.39
C VAL A 96 -3.64 12.71 -4.06
N THR A 97 -2.61 13.11 -3.32
CA THR A 97 -2.80 13.77 -2.04
C THR A 97 -3.67 15.01 -2.18
N LEU A 98 -4.39 15.36 -1.12
CA LEU A 98 -5.26 16.52 -1.13
C LEU A 98 -4.47 17.79 -1.43
N SER A 99 -5.16 18.93 -1.37
CA SER A 99 -4.52 20.22 -1.64
C SER A 99 -4.91 21.25 -0.59
N ASP A 100 -4.00 21.54 0.31
CA ASP A 100 -4.24 22.52 1.37
C ASP A 100 -4.47 23.91 0.78
N SER A 101 -5.69 24.16 0.30
CA SER A 101 -6.03 25.44 -0.29
C SER A 101 -4.83 26.04 -1.02
N GLY A 102 -4.10 25.19 -1.74
CA GLY A 102 -2.94 25.66 -2.48
C GLY A 102 -2.53 24.69 -3.58
N PRO A 103 -2.32 25.23 -4.78
CA PRO A 103 -1.93 24.43 -5.95
C PRO A 103 -0.50 23.90 -5.82
N SER A 104 -0.10 23.07 -6.78
CA SER A 104 1.24 22.49 -6.78
C SER A 104 2.30 23.58 -6.68
N SER A 105 2.16 24.62 -7.50
CA SER A 105 3.11 25.73 -7.51
C SER A 105 2.61 26.86 -6.62
N GLY A 106 3.30 27.06 -5.50
CA GLY A 106 2.92 28.12 -4.57
C GLY A 106 4.11 28.93 -4.10
N GLY A 1 15.77 -30.56 -4.85
CA GLY A 1 15.02 -29.33 -4.78
C GLY A 1 13.73 -29.47 -4.00
N SER A 2 13.81 -29.27 -2.69
CA SER A 2 12.64 -29.38 -1.82
C SER A 2 11.48 -28.57 -2.38
N SER A 3 10.39 -29.27 -2.72
CA SER A 3 9.20 -28.62 -3.27
C SER A 3 8.10 -28.52 -2.22
N GLY A 4 7.37 -27.41 -2.24
CA GLY A 4 6.29 -27.21 -1.29
C GLY A 4 6.28 -25.81 -0.72
N SER A 5 6.54 -24.82 -1.57
CA SER A 5 6.57 -23.43 -1.13
C SER A 5 5.94 -22.52 -2.19
N SER A 6 4.78 -21.95 -1.86
CA SER A 6 4.08 -21.06 -2.78
C SER A 6 3.68 -19.76 -2.08
N GLY A 7 3.51 -18.71 -2.86
CA GLY A 7 3.12 -17.43 -2.31
C GLY A 7 1.63 -17.32 -2.06
N PRO A 8 1.25 -16.49 -1.08
CA PRO A 8 -0.16 -16.28 -0.72
C PRO A 8 -0.92 -15.51 -1.79
N GLY A 9 -2.24 -15.45 -1.65
CA GLY A 9 -3.06 -14.74 -2.60
C GLY A 9 -3.15 -13.25 -2.31
N PRO A 10 -3.76 -12.50 -3.24
CA PRO A 10 -3.92 -11.05 -3.10
C PRO A 10 -4.92 -10.68 -2.00
N VAL A 11 -4.56 -9.70 -1.18
CA VAL A 11 -5.42 -9.25 -0.10
C VAL A 11 -6.77 -8.77 -0.62
N GLU A 12 -7.73 -8.63 0.27
CA GLU A 12 -9.07 -8.19 -0.11
C GLU A 12 -9.43 -6.89 0.62
N ASN A 13 -10.58 -6.32 0.26
CA ASN A 13 -11.04 -5.08 0.88
C ASN A 13 -9.88 -4.08 1.01
N LEU A 14 -9.06 -3.99 -0.03
CA LEU A 14 -7.92 -3.07 -0.03
C LEU A 14 -8.31 -1.72 -0.61
N GLN A 15 -8.13 -0.67 0.19
CA GLN A 15 -8.46 0.68 -0.24
C GLN A 15 -7.46 1.69 0.31
N ALA A 16 -7.22 2.76 -0.45
CA ALA A 16 -6.29 3.79 -0.04
C ALA A 16 -6.78 5.18 -0.48
N VAL A 17 -6.93 6.07 0.50
CA VAL A 17 -7.39 7.43 0.21
C VAL A 17 -6.77 8.43 1.18
N SER A 18 -6.42 9.61 0.66
CA SER A 18 -5.81 10.65 1.47
C SER A 18 -6.88 11.55 2.09
N THR A 19 -6.82 11.72 3.41
CA THR A 19 -7.78 12.56 4.12
C THR A 19 -7.12 13.84 4.63
N SER A 20 -6.08 14.28 3.92
CA SER A 20 -5.38 15.50 4.30
C SER A 20 -4.33 15.87 3.25
N PRO A 21 -3.73 17.06 3.41
CA PRO A 21 -2.71 17.56 2.49
C PRO A 21 -1.64 16.51 2.17
N THR A 22 -1.12 15.87 3.22
CA THR A 22 -0.10 14.85 3.05
C THR A 22 -0.38 13.64 3.93
N SER A 23 -1.10 12.66 3.38
CA SER A 23 -1.45 11.46 4.12
C SER A 23 -2.00 10.39 3.18
N ILE A 24 -2.17 9.18 3.71
CA ILE A 24 -2.70 8.07 2.93
C ILE A 24 -3.21 6.96 3.82
N LEU A 25 -4.53 6.85 3.91
CA LEU A 25 -5.16 5.82 4.74
C LEU A 25 -5.35 4.53 3.95
N ILE A 26 -4.48 3.56 4.21
CA ILE A 26 -4.56 2.26 3.53
C ILE A 26 -5.25 1.22 4.39
N THR A 27 -6.45 0.82 3.98
CA THR A 27 -7.21 -0.17 4.72
C THR A 27 -7.29 -1.48 3.95
N TRP A 28 -6.44 -2.43 4.32
CA TRP A 28 -6.42 -3.74 3.67
C TRP A 28 -6.99 -4.82 4.58
N GLU A 29 -7.19 -6.01 4.02
CA GLU A 29 -7.73 -7.12 4.79
C GLU A 29 -7.00 -8.42 4.46
N PRO A 30 -7.12 -9.41 5.36
CA PRO A 30 -6.48 -10.71 5.19
C PRO A 30 -7.10 -11.53 4.06
N PRO A 31 -6.24 -12.08 3.19
CA PRO A 31 -6.69 -12.89 2.05
C PRO A 31 -7.25 -14.24 2.48
N ALA A 32 -8.54 -14.43 2.24
CA ALA A 32 -9.21 -15.68 2.61
C ALA A 32 -8.69 -16.84 1.76
N TYR A 33 -8.36 -16.56 0.51
CA TYR A 33 -7.86 -17.57 -0.40
C TYR A 33 -6.34 -17.51 -0.52
N ALA A 34 -5.66 -17.66 0.61
CA ALA A 34 -4.21 -17.62 0.63
C ALA A 34 -3.62 -18.96 1.07
N ASN A 35 -2.33 -19.14 0.83
CA ASN A 35 -1.65 -20.38 1.19
C ASN A 35 -1.08 -20.29 2.60
N GLY A 36 -1.83 -20.80 3.58
CA GLY A 36 -1.38 -20.78 4.95
C GLY A 36 -1.61 -19.42 5.61
N PRO A 37 -0.87 -19.15 6.70
CA PRO A 37 -0.98 -17.90 7.43
C PRO A 37 -0.44 -16.71 6.65
N VAL A 38 -0.41 -15.54 7.29
CA VAL A 38 0.09 -14.33 6.64
C VAL A 38 1.07 -13.60 7.55
N GLN A 39 2.36 -13.88 7.38
CA GLN A 39 3.40 -13.25 8.18
C GLN A 39 3.10 -11.77 8.38
N GLY A 40 2.66 -11.10 7.33
CA GLY A 40 2.34 -9.68 7.41
C GLY A 40 2.02 -9.08 6.06
N TYR A 41 2.36 -7.81 5.89
CA TYR A 41 2.11 -7.11 4.63
C TYR A 41 3.23 -6.12 4.32
N ARG A 42 3.61 -6.06 3.05
CA ARG A 42 4.67 -5.15 2.62
C ARG A 42 4.11 -4.05 1.72
N LEU A 43 4.45 -2.80 2.03
CA LEU A 43 3.98 -1.66 1.26
C LEU A 43 5.15 -0.97 0.57
N PHE A 44 4.91 -0.52 -0.67
CA PHE A 44 5.95 0.17 -1.44
C PHE A 44 5.41 1.48 -2.00
N CYS A 45 5.87 2.59 -1.43
CA CYS A 45 5.44 3.91 -1.88
C CYS A 45 6.44 4.50 -2.88
N THR A 46 5.99 4.67 -4.11
CA THR A 46 6.83 5.22 -5.16
C THR A 46 6.38 6.60 -5.57
N GLU A 47 7.32 7.52 -5.70
CA GLU A 47 7.01 8.89 -6.09
C GLU A 47 7.04 9.05 -7.61
N VAL A 48 5.85 9.01 -8.22
CA VAL A 48 5.73 9.15 -9.66
C VAL A 48 6.47 10.38 -10.17
N SER A 49 6.51 11.42 -9.33
CA SER A 49 7.18 12.66 -9.69
C SER A 49 8.63 12.41 -10.07
N THR A 50 9.40 11.87 -9.14
CA THR A 50 10.80 11.57 -9.38
C THR A 50 10.99 10.14 -9.91
N GLY A 51 10.40 9.19 -9.19
CA GLY A 51 10.51 7.79 -9.60
C GLY A 51 11.22 6.94 -8.57
N LYS A 52 11.23 7.42 -7.32
CA LYS A 52 11.88 6.69 -6.24
C LYS A 52 10.87 5.86 -5.45
N GLU A 53 11.29 4.68 -5.01
CA GLU A 53 10.42 3.79 -4.25
C GLU A 53 10.97 3.59 -2.84
N GLN A 54 10.06 3.51 -1.87
CA GLN A 54 10.44 3.32 -0.48
C GLN A 54 9.68 2.17 0.14
N ASN A 55 10.40 1.12 0.53
CA ASN A 55 9.79 -0.06 1.15
C ASN A 55 9.34 0.24 2.58
N ILE A 56 8.15 -0.21 2.93
CA ILE A 56 7.62 0.00 4.27
C ILE A 56 6.95 -1.26 4.80
N GLU A 57 7.20 -1.56 6.07
CA GLU A 57 6.62 -2.75 6.70
C GLU A 57 5.62 -2.35 7.79
N VAL A 58 4.33 -2.49 7.48
CA VAL A 58 3.29 -2.15 8.43
C VAL A 58 2.60 -3.40 8.97
N ASP A 59 2.13 -3.32 10.21
CA ASP A 59 1.45 -4.44 10.83
C ASP A 59 0.05 -4.05 11.29
N GLY A 60 -0.92 -4.92 11.01
CA GLY A 60 -2.29 -4.64 11.39
C GLY A 60 -3.26 -4.81 10.24
N LEU A 61 -4.24 -3.92 10.14
CA LEU A 61 -5.24 -3.97 9.08
C LEU A 61 -5.26 -2.67 8.28
N SER A 62 -4.90 -1.58 8.95
CA SER A 62 -4.88 -0.27 8.31
C SER A 62 -3.66 0.53 8.74
N TYR A 63 -3.21 1.43 7.87
CA TYR A 63 -2.04 2.27 8.16
C TYR A 63 -2.16 3.63 7.49
N LYS A 64 -2.04 4.69 8.28
CA LYS A 64 -2.13 6.05 7.77
C LYS A 64 -0.74 6.62 7.51
N LEU A 65 -0.44 6.86 6.23
CA LEU A 65 0.86 7.41 5.84
C LEU A 65 0.93 8.90 6.17
N GLU A 66 2.13 9.36 6.50
CA GLU A 66 2.34 10.77 6.83
C GLU A 66 3.71 11.24 6.36
N GLY A 67 3.84 12.54 6.14
CA GLY A 67 5.11 13.10 5.70
C GLY A 67 5.23 13.13 4.19
N LEU A 68 4.10 13.22 3.50
CA LEU A 68 4.08 13.25 2.05
C LEU A 68 4.04 14.69 1.53
N LYS A 69 3.90 14.83 0.22
CA LYS A 69 3.85 16.14 -0.40
C LYS A 69 2.40 16.62 -0.55
N LYS A 70 2.18 17.90 -0.29
CA LYS A 70 0.85 18.48 -0.39
C LYS A 70 0.04 17.80 -1.49
N PHE A 71 0.41 18.05 -2.75
CA PHE A 71 -0.28 17.46 -3.88
C PHE A 71 0.72 16.84 -4.86
N THR A 72 0.84 15.52 -4.80
CA THR A 72 1.76 14.79 -5.66
C THR A 72 1.27 13.38 -5.94
N GLU A 73 1.08 13.05 -7.20
CA GLU A 73 0.60 11.72 -7.60
C GLU A 73 1.55 10.64 -7.08
N TYR A 74 1.10 9.92 -6.06
CA TYR A 74 1.91 8.85 -5.48
C TYR A 74 1.34 7.48 -5.83
N SER A 75 2.23 6.54 -6.16
CA SER A 75 1.81 5.19 -6.52
C SER A 75 2.29 4.18 -5.48
N LEU A 76 1.34 3.61 -4.73
CA LEU A 76 1.66 2.63 -3.71
C LEU A 76 1.37 1.21 -4.19
N ARG A 77 2.02 0.24 -3.57
CA ARG A 77 1.83 -1.16 -3.95
C ARG A 77 1.73 -2.04 -2.70
N PHE A 78 0.62 -2.77 -2.59
CA PHE A 78 0.41 -3.66 -1.45
C PHE A 78 0.31 -5.11 -1.90
N LEU A 79 0.84 -6.01 -1.08
CA LEU A 79 0.81 -7.44 -1.39
C LEU A 79 0.92 -8.28 -0.13
N ALA A 80 0.50 -9.53 -0.22
CA ALA A 80 0.56 -10.44 0.92
C ALA A 80 1.77 -11.37 0.83
N TYR A 81 2.43 -11.60 1.95
CA TYR A 81 3.59 -12.47 2.00
C TYR A 81 3.58 -13.36 3.24
N ASN A 82 4.01 -14.60 3.08
CA ASN A 82 4.04 -15.55 4.19
C ASN A 82 5.43 -16.16 4.34
N ARG A 83 5.56 -17.11 5.27
CA ARG A 83 6.83 -17.77 5.51
C ARG A 83 7.45 -18.25 4.20
N TYR A 84 6.61 -18.71 3.28
CA TYR A 84 7.06 -19.20 1.99
C TYR A 84 7.63 -18.07 1.14
N GLY A 85 6.96 -16.92 1.18
CA GLY A 85 7.41 -15.77 0.42
C GLY A 85 6.26 -14.89 -0.04
N PRO A 86 6.59 -13.78 -0.72
CA PRO A 86 5.59 -12.83 -1.21
C PRO A 86 4.76 -13.40 -2.35
N GLY A 87 3.45 -13.18 -2.29
CA GLY A 87 2.56 -13.69 -3.33
C GLY A 87 2.28 -12.66 -4.41
N VAL A 88 1.02 -12.56 -4.82
CA VAL A 88 0.62 -11.60 -5.85
C VAL A 88 0.57 -10.18 -5.30
N SER A 89 0.90 -9.22 -6.15
CA SER A 89 0.89 -7.81 -5.74
C SER A 89 -0.25 -7.06 -6.42
N THR A 90 -0.99 -6.28 -5.63
CA THR A 90 -2.10 -5.51 -6.15
C THR A 90 -1.64 -4.52 -7.21
N ASP A 91 -2.60 -3.93 -7.91
CA ASP A 91 -2.29 -2.96 -8.96
C ASP A 91 -1.88 -1.62 -8.36
N ASP A 92 -0.78 -1.07 -8.85
CA ASP A 92 -0.28 0.21 -8.36
C ASP A 92 -1.43 1.15 -8.01
N ILE A 93 -1.58 1.43 -6.72
CA ILE A 93 -2.64 2.31 -6.25
C ILE A 93 -2.23 3.77 -6.35
N THR A 94 -2.75 4.45 -7.38
CA THR A 94 -2.43 5.86 -7.59
C THR A 94 -3.37 6.76 -6.79
N VAL A 95 -2.80 7.50 -5.84
CA VAL A 95 -3.59 8.40 -5.01
C VAL A 95 -2.91 9.76 -4.88
N VAL A 96 -3.49 10.76 -5.53
CA VAL A 96 -2.94 12.12 -5.51
C VAL A 96 -3.32 12.83 -4.21
N THR A 97 -2.33 13.09 -3.37
CA THR A 97 -2.57 13.78 -2.10
C THR A 97 -3.43 15.02 -2.29
N LEU A 98 -4.21 15.35 -1.27
CA LEU A 98 -5.09 16.51 -1.33
C LEU A 98 -4.29 17.79 -1.63
N SER A 99 -4.96 18.93 -1.58
CA SER A 99 -4.31 20.21 -1.85
C SER A 99 -4.82 21.28 -0.88
N ASP A 100 -3.97 21.65 0.07
CA ASP A 100 -4.32 22.66 1.06
C ASP A 100 -4.78 23.94 0.38
N SER A 101 -6.10 24.13 0.31
CA SER A 101 -6.67 25.31 -0.32
C SER A 101 -7.63 26.03 0.63
N GLY A 102 -7.06 26.83 1.53
CA GLY A 102 -7.87 27.55 2.49
C GLY A 102 -7.70 27.04 3.91
N PRO A 103 -7.61 27.98 4.87
CA PRO A 103 -7.44 27.63 6.28
C PRO A 103 -8.69 27.00 6.89
N SER A 104 -8.53 26.35 8.03
CA SER A 104 -9.64 25.70 8.71
C SER A 104 -10.38 26.68 9.61
N SER A 105 -11.71 26.62 9.59
CA SER A 105 -12.53 27.51 10.40
C SER A 105 -13.15 26.76 11.58
N GLY A 106 -12.57 26.94 12.76
CA GLY A 106 -13.08 26.27 13.95
C GLY A 106 -12.15 26.42 15.14
N GLY A 1 13.57 -22.46 -9.38
CA GLY A 1 13.68 -22.63 -7.94
C GLY A 1 12.33 -22.84 -7.29
N SER A 2 11.60 -23.85 -7.74
CA SER A 2 10.28 -24.16 -7.20
C SER A 2 10.34 -25.39 -6.29
N SER A 3 10.77 -25.19 -5.05
CA SER A 3 10.87 -26.29 -4.10
C SER A 3 9.66 -26.31 -3.17
N GLY A 4 8.49 -26.62 -3.73
CA GLY A 4 7.28 -26.66 -2.94
C GLY A 4 6.79 -25.28 -2.54
N SER A 5 7.58 -24.59 -1.73
CA SER A 5 7.23 -23.25 -1.27
C SER A 5 6.47 -22.49 -2.35
N SER A 6 5.60 -21.58 -1.93
CA SER A 6 4.81 -20.78 -2.86
C SER A 6 4.40 -19.46 -2.22
N GLY A 7 3.75 -18.61 -3.02
CA GLY A 7 3.33 -17.31 -2.53
C GLY A 7 1.82 -17.22 -2.37
N PRO A 8 1.37 -16.42 -1.39
CA PRO A 8 -0.06 -16.24 -1.12
C PRO A 8 -0.77 -15.46 -2.21
N GLY A 9 -2.06 -15.24 -2.05
CA GLY A 9 -2.83 -14.50 -3.03
C GLY A 9 -3.02 -13.05 -2.66
N PRO A 10 -3.73 -12.30 -3.51
CA PRO A 10 -4.00 -10.88 -3.28
C PRO A 10 -4.96 -10.64 -2.12
N VAL A 11 -4.68 -9.62 -1.32
CA VAL A 11 -5.52 -9.29 -0.17
C VAL A 11 -6.93 -8.91 -0.62
N GLU A 12 -7.76 -8.55 0.34
CA GLU A 12 -9.14 -8.16 0.05
C GLU A 12 -9.47 -6.82 0.69
N ASN A 13 -10.65 -6.28 0.37
CA ASN A 13 -11.09 -5.00 0.90
C ASN A 13 -9.91 -4.02 0.97
N LEU A 14 -9.17 -3.92 -0.13
CA LEU A 14 -8.03 -3.01 -0.21
C LEU A 14 -8.44 -1.68 -0.81
N GLN A 15 -8.14 -0.60 -0.09
CA GLN A 15 -8.47 0.75 -0.55
C GLN A 15 -7.62 1.79 0.15
N ALA A 16 -7.14 2.76 -0.60
CA ALA A 16 -6.31 3.83 -0.06
C ALA A 16 -6.86 5.20 -0.41
N VAL A 17 -6.87 6.10 0.57
CA VAL A 17 -7.38 7.46 0.36
C VAL A 17 -6.75 8.43 1.35
N SER A 18 -6.39 9.61 0.86
CA SER A 18 -5.78 10.64 1.69
C SER A 18 -6.84 11.57 2.28
N THR A 19 -6.77 11.79 3.59
CA THR A 19 -7.72 12.65 4.27
C THR A 19 -7.05 13.95 4.73
N SER A 20 -6.01 14.35 4.03
CA SER A 20 -5.29 15.57 4.38
C SER A 20 -4.25 15.91 3.30
N PRO A 21 -3.63 17.09 3.44
CA PRO A 21 -2.62 17.56 2.49
C PRO A 21 -1.57 16.50 2.18
N THR A 22 -1.05 15.87 3.22
CA THR A 22 -0.04 14.82 3.06
C THR A 22 -0.35 13.62 3.94
N SER A 23 -1.07 12.66 3.38
CA SER A 23 -1.44 11.45 4.11
C SER A 23 -1.98 10.38 3.17
N ILE A 24 -2.19 9.19 3.71
CA ILE A 24 -2.70 8.07 2.92
C ILE A 24 -3.25 6.96 3.81
N LEU A 25 -4.57 6.88 3.87
CA LEU A 25 -5.22 5.86 4.69
C LEU A 25 -5.41 4.56 3.90
N ILE A 26 -4.54 3.59 4.15
CA ILE A 26 -4.62 2.31 3.48
C ILE A 26 -5.35 1.27 4.32
N THR A 27 -6.56 0.91 3.89
CA THR A 27 -7.37 -0.06 4.61
C THR A 27 -7.46 -1.38 3.84
N TRP A 28 -6.66 -2.35 4.26
CA TRP A 28 -6.64 -3.66 3.61
C TRP A 28 -7.21 -4.73 4.53
N GLU A 29 -7.27 -5.96 4.02
CA GLU A 29 -7.79 -7.08 4.81
C GLU A 29 -7.06 -8.37 4.47
N PRO A 30 -7.16 -9.37 5.36
CA PRO A 30 -6.52 -10.67 5.18
C PRO A 30 -7.14 -11.48 4.05
N PRO A 31 -6.30 -11.98 3.14
CA PRO A 31 -6.75 -12.78 2.00
C PRO A 31 -7.27 -14.15 2.42
N ALA A 32 -8.36 -14.58 1.79
CA ALA A 32 -8.96 -15.88 2.10
C ALA A 32 -8.26 -17.00 1.33
N TYR A 33 -7.98 -16.75 0.06
CA TYR A 33 -7.31 -17.74 -0.79
C TYR A 33 -5.80 -17.60 -0.70
N ALA A 34 -5.30 -17.43 0.53
CA ALA A 34 -3.86 -17.29 0.76
C ALA A 34 -3.25 -18.61 1.23
N ASN A 35 -2.09 -18.94 0.68
CA ASN A 35 -1.41 -20.18 1.04
C ASN A 35 -0.94 -20.14 2.49
N GLY A 36 -1.77 -20.69 3.38
CA GLY A 36 -1.42 -20.70 4.79
C GLY A 36 -1.64 -19.35 5.45
N PRO A 37 -0.93 -19.11 6.57
CA PRO A 37 -1.03 -17.86 7.32
C PRO A 37 -0.43 -16.69 6.56
N VAL A 38 -0.42 -15.52 7.20
CA VAL A 38 0.14 -14.31 6.59
C VAL A 38 1.04 -13.56 7.56
N GLN A 39 2.34 -13.83 7.47
CA GLN A 39 3.31 -13.17 8.35
C GLN A 39 2.96 -11.71 8.57
N GLY A 40 2.55 -11.05 7.49
CA GLY A 40 2.18 -9.64 7.57
C GLY A 40 1.88 -9.04 6.22
N TYR A 41 2.32 -7.81 6.00
CA TYR A 41 2.09 -7.12 4.74
C TYR A 41 3.20 -6.12 4.45
N ARG A 42 3.63 -6.06 3.19
CA ARG A 42 4.68 -5.15 2.79
C ARG A 42 4.15 -4.08 1.83
N LEU A 43 4.34 -2.82 2.20
CA LEU A 43 3.88 -1.70 1.37
C LEU A 43 5.05 -1.02 0.66
N PHE A 44 4.77 -0.53 -0.54
CA PHE A 44 5.80 0.14 -1.33
C PHE A 44 5.30 1.49 -1.85
N CYS A 45 5.96 2.56 -1.43
CA CYS A 45 5.59 3.90 -1.84
C CYS A 45 6.60 4.48 -2.82
N THR A 46 6.13 4.84 -4.01
CA THR A 46 7.00 5.39 -5.04
C THR A 46 6.48 6.74 -5.52
N GLU A 47 7.38 7.73 -5.57
CA GLU A 47 7.01 9.07 -6.00
C GLU A 47 7.13 9.20 -7.52
N VAL A 48 6.01 9.02 -8.21
CA VAL A 48 5.98 9.11 -9.66
C VAL A 48 6.73 10.36 -10.15
N SER A 49 6.60 11.44 -9.39
CA SER A 49 7.26 12.69 -9.75
C SER A 49 8.76 12.48 -9.95
N THR A 50 9.43 12.02 -8.90
CA THR A 50 10.86 11.77 -8.96
C THR A 50 11.16 10.38 -9.49
N GLY A 51 10.58 9.37 -8.85
CA GLY A 51 10.79 8.00 -9.27
C GLY A 51 11.45 7.15 -8.19
N LYS A 52 11.50 7.69 -6.98
CA LYS A 52 12.10 6.98 -5.86
C LYS A 52 11.08 6.05 -5.20
N GLU A 53 11.50 4.82 -4.92
CA GLU A 53 10.63 3.84 -4.30
C GLU A 53 11.12 3.49 -2.89
N GLN A 54 10.20 3.44 -1.94
CA GLN A 54 10.53 3.13 -0.56
C GLN A 54 9.67 1.97 -0.04
N ASN A 55 10.33 0.99 0.56
CA ASN A 55 9.63 -0.17 1.10
C ASN A 55 9.36 0.00 2.60
N ILE A 56 8.11 -0.25 3.00
CA ILE A 56 7.73 -0.12 4.40
C ILE A 56 6.96 -1.35 4.87
N GLU A 57 7.22 -1.76 6.12
CA GLU A 57 6.55 -2.92 6.69
C GLU A 57 5.58 -2.50 7.79
N VAL A 58 4.29 -2.55 7.50
CA VAL A 58 3.27 -2.17 8.47
C VAL A 58 2.53 -3.39 8.99
N ASP A 59 1.79 -3.22 10.08
CA ASP A 59 1.03 -4.31 10.68
C ASP A 59 -0.40 -3.87 10.98
N GLY A 60 -1.25 -4.83 11.31
CA GLY A 60 -2.63 -4.53 11.62
C GLY A 60 -3.55 -4.67 10.42
N LEU A 61 -4.45 -3.70 10.25
CA LEU A 61 -5.38 -3.72 9.13
C LEU A 61 -5.29 -2.43 8.32
N SER A 62 -4.94 -1.35 8.99
CA SER A 62 -4.82 -0.05 8.34
C SER A 62 -3.54 0.66 8.77
N TYR A 63 -3.09 1.60 7.95
CA TYR A 63 -1.88 2.36 8.25
C TYR A 63 -1.96 3.78 7.68
N LYS A 64 -1.80 4.76 8.55
CA LYS A 64 -1.85 6.17 8.13
C LYS A 64 -0.47 6.66 7.71
N LEU A 65 -0.32 6.94 6.43
CA LEU A 65 0.96 7.42 5.89
C LEU A 65 1.11 8.92 6.14
N GLU A 66 2.35 9.34 6.38
CA GLU A 66 2.64 10.76 6.63
C GLU A 66 4.00 11.14 6.07
N GLY A 67 4.19 12.44 5.84
CA GLY A 67 5.45 12.92 5.30
C GLY A 67 5.46 12.92 3.79
N LEU A 68 4.31 13.15 3.18
CA LEU A 68 4.18 13.18 1.73
C LEU A 68 4.11 14.62 1.22
N LYS A 69 3.89 14.77 -0.08
CA LYS A 69 3.80 16.08 -0.70
C LYS A 69 2.35 16.55 -0.76
N LYS A 70 2.13 17.83 -0.49
CA LYS A 70 0.79 18.40 -0.52
C LYS A 70 -0.07 17.73 -1.58
N PHE A 71 0.24 17.98 -2.84
CA PHE A 71 -0.50 17.39 -3.95
C PHE A 71 0.45 16.77 -4.97
N THR A 72 0.58 15.45 -4.91
CA THR A 72 1.47 14.73 -5.83
C THR A 72 0.96 13.32 -6.09
N GLU A 73 0.87 12.95 -7.36
CA GLU A 73 0.40 11.61 -7.72
C GLU A 73 1.37 10.54 -7.24
N TYR A 74 0.97 9.84 -6.18
CA TYR A 74 1.81 8.79 -5.61
C TYR A 74 1.27 7.41 -6.00
N SER A 75 2.19 6.49 -6.27
CA SER A 75 1.81 5.13 -6.66
C SER A 75 2.26 4.12 -5.60
N LEU A 76 1.29 3.57 -4.88
CA LEU A 76 1.56 2.59 -3.83
C LEU A 76 1.32 1.18 -4.32
N ARG A 77 1.86 0.20 -3.60
CA ARG A 77 1.69 -1.20 -3.97
C ARG A 77 1.59 -2.09 -2.72
N PHE A 78 0.56 -2.92 -2.67
CA PHE A 78 0.36 -3.81 -1.53
C PHE A 78 0.34 -5.27 -1.99
N LEU A 79 0.85 -6.15 -1.13
CA LEU A 79 0.90 -7.57 -1.44
C LEU A 79 1.02 -8.40 -0.17
N ALA A 80 0.57 -9.65 -0.24
CA ALA A 80 0.64 -10.55 0.91
C ALA A 80 1.88 -11.43 0.85
N TYR A 81 2.51 -11.65 2.00
CA TYR A 81 3.71 -12.46 2.07
C TYR A 81 3.70 -13.32 3.33
N ASN A 82 4.07 -14.59 3.18
CA ASN A 82 4.12 -15.51 4.31
C ASN A 82 5.51 -16.14 4.45
N ARG A 83 5.67 -16.96 5.48
CA ARG A 83 6.95 -17.62 5.73
C ARG A 83 7.61 -18.03 4.41
N TYR A 84 6.80 -18.45 3.45
CA TYR A 84 7.30 -18.87 2.15
C TYR A 84 7.86 -17.69 1.37
N GLY A 85 7.07 -16.63 1.28
CA GLY A 85 7.51 -15.43 0.56
C GLY A 85 6.34 -14.60 0.05
N PRO A 86 6.66 -13.48 -0.61
CA PRO A 86 5.65 -12.58 -1.16
C PRO A 86 4.92 -13.19 -2.35
N GLY A 87 3.60 -13.01 -2.38
CA GLY A 87 2.81 -13.55 -3.47
C GLY A 87 2.49 -12.50 -4.52
N VAL A 88 1.25 -12.50 -5.00
CA VAL A 88 0.82 -11.55 -6.02
C VAL A 88 0.88 -10.12 -5.49
N SER A 89 1.03 -9.17 -6.41
CA SER A 89 1.10 -7.76 -6.03
C SER A 89 -0.07 -6.98 -6.63
N THR A 90 -0.92 -6.43 -5.76
CA THR A 90 -2.08 -5.66 -6.19
C THR A 90 -1.69 -4.65 -7.26
N ASP A 91 -2.70 -4.09 -7.92
CA ASP A 91 -2.47 -3.10 -8.97
C ASP A 91 -2.07 -1.75 -8.37
N ASP A 92 -0.97 -1.19 -8.85
CA ASP A 92 -0.48 0.09 -8.36
C ASP A 92 -1.64 0.99 -7.95
N ILE A 93 -1.68 1.36 -6.68
CA ILE A 93 -2.73 2.22 -6.15
C ILE A 93 -2.34 3.69 -6.26
N THR A 94 -2.88 4.36 -7.28
CA THR A 94 -2.60 5.77 -7.49
C THR A 94 -3.51 6.66 -6.65
N VAL A 95 -2.91 7.41 -5.73
CA VAL A 95 -3.67 8.30 -4.85
C VAL A 95 -3.02 9.66 -4.77
N VAL A 96 -3.63 10.65 -5.43
CA VAL A 96 -3.11 12.01 -5.42
C VAL A 96 -3.49 12.75 -4.14
N THR A 97 -2.50 12.98 -3.28
CA THR A 97 -2.72 13.66 -2.01
C THR A 97 -3.60 14.90 -2.21
N LEU A 98 -4.30 15.28 -1.15
CA LEU A 98 -5.18 16.45 -1.20
C LEU A 98 -4.40 17.71 -1.57
N SER A 99 -5.07 18.85 -1.55
CA SER A 99 -4.44 20.12 -1.87
C SER A 99 -4.84 21.20 -0.87
N ASP A 100 -3.91 21.53 0.02
CA ASP A 100 -4.16 22.55 1.04
C ASP A 100 -4.55 23.88 0.39
N SER A 101 -3.64 24.43 -0.40
CA SER A 101 -3.89 25.70 -1.08
C SER A 101 -5.35 25.84 -1.47
N GLY A 102 -5.89 27.05 -1.37
CA GLY A 102 -7.27 27.29 -1.73
C GLY A 102 -7.44 28.44 -2.69
N PRO A 103 -7.29 29.67 -2.19
CA PRO A 103 -7.43 30.88 -3.00
C PRO A 103 -6.27 31.04 -3.99
N SER A 104 -6.59 31.55 -5.18
CA SER A 104 -5.57 31.75 -6.21
C SER A 104 -4.44 32.63 -5.69
N SER A 105 -4.76 33.87 -5.34
CA SER A 105 -3.76 34.80 -4.84
C SER A 105 -2.55 34.86 -5.77
N GLY A 106 -2.80 34.85 -7.07
CA GLY A 106 -1.72 34.90 -8.04
C GLY A 106 -1.78 36.16 -8.89
N GLY A 1 17.57 -30.15 1.32
CA GLY A 1 16.57 -29.17 0.90
C GLY A 1 15.16 -29.70 1.03
N SER A 2 14.29 -28.90 1.64
CA SER A 2 12.89 -29.30 1.84
C SER A 2 11.99 -28.61 0.81
N SER A 3 10.86 -29.24 0.51
CA SER A 3 9.91 -28.71 -0.46
C SER A 3 8.60 -28.32 0.22
N GLY A 4 7.89 -27.37 -0.38
CA GLY A 4 6.63 -26.92 0.17
C GLY A 4 6.61 -25.42 0.44
N SER A 5 6.73 -24.64 -0.64
CA SER A 5 6.73 -23.19 -0.52
C SER A 5 5.97 -22.55 -1.68
N SER A 6 4.98 -21.73 -1.34
CA SER A 6 4.17 -21.07 -2.36
C SER A 6 3.72 -19.68 -1.87
N GLY A 7 3.63 -18.74 -2.79
CA GLY A 7 3.21 -17.39 -2.45
C GLY A 7 1.72 -17.29 -2.21
N PRO A 8 1.32 -16.47 -1.24
CA PRO A 8 -0.09 -16.26 -0.89
C PRO A 8 -0.84 -15.49 -1.98
N GLY A 9 -2.13 -15.24 -1.74
CA GLY A 9 -2.93 -14.53 -2.70
C GLY A 9 -3.04 -13.04 -2.38
N PRO A 10 -3.55 -12.26 -3.34
CA PRO A 10 -3.71 -10.81 -3.18
C PRO A 10 -4.81 -10.47 -2.17
N VAL A 11 -4.46 -9.67 -1.17
CA VAL A 11 -5.42 -9.27 -0.15
C VAL A 11 -6.72 -8.77 -0.78
N GLU A 12 -7.72 -8.52 0.06
CA GLU A 12 -9.01 -8.05 -0.43
C GLU A 12 -9.43 -6.77 0.30
N ASN A 13 -10.57 -6.20 -0.11
CA ASN A 13 -11.07 -4.97 0.49
C ASN A 13 -9.95 -3.95 0.66
N LEU A 14 -8.99 -3.98 -0.26
CA LEU A 14 -7.87 -3.05 -0.21
C LEU A 14 -8.25 -1.71 -0.83
N GLN A 15 -7.96 -0.63 -0.11
CA GLN A 15 -8.27 0.71 -0.59
C GLN A 15 -7.45 1.76 0.15
N ALA A 16 -7.03 2.79 -0.57
CA ALA A 16 -6.24 3.87 0.01
C ALA A 16 -6.84 5.24 -0.30
N VAL A 17 -6.81 6.13 0.68
CA VAL A 17 -7.35 7.47 0.51
C VAL A 17 -6.69 8.45 1.46
N SER A 18 -6.32 9.62 0.95
CA SER A 18 -5.67 10.65 1.75
C SER A 18 -6.71 11.60 2.36
N THR A 19 -6.66 11.73 3.68
CA THR A 19 -7.60 12.61 4.38
C THR A 19 -6.91 13.89 4.85
N SER A 20 -5.91 14.31 4.09
CA SER A 20 -5.16 15.53 4.44
C SER A 20 -4.16 15.88 3.33
N PRO A 21 -3.52 17.05 3.47
CA PRO A 21 -2.54 17.52 2.50
C PRO A 21 -1.51 16.45 2.14
N THR A 22 -0.95 15.80 3.14
CA THR A 22 0.04 14.75 2.94
C THR A 22 -0.24 13.54 3.83
N SER A 23 -0.99 12.58 3.30
CA SER A 23 -1.33 11.38 4.04
C SER A 23 -1.89 10.31 3.12
N ILE A 24 -2.10 9.11 3.67
CA ILE A 24 -2.63 8.00 2.89
C ILE A 24 -3.16 6.90 3.80
N LEU A 25 -4.49 6.81 3.91
CA LEU A 25 -5.12 5.80 4.74
C LEU A 25 -5.33 4.50 3.97
N ILE A 26 -4.46 3.53 4.22
CA ILE A 26 -4.56 2.23 3.55
C ILE A 26 -5.29 1.22 4.41
N THR A 27 -6.49 0.84 3.98
CA THR A 27 -7.28 -0.13 4.72
C THR A 27 -7.45 -1.43 3.92
N TRP A 28 -6.67 -2.44 4.27
CA TRP A 28 -6.73 -3.73 3.60
C TRP A 28 -7.26 -4.80 4.53
N GLU A 29 -7.49 -6.00 3.99
CA GLU A 29 -7.99 -7.12 4.76
C GLU A 29 -7.29 -8.41 4.39
N PRO A 30 -7.36 -9.40 5.29
CA PRO A 30 -6.73 -10.71 5.09
C PRO A 30 -7.42 -11.52 4.00
N PRO A 31 -6.63 -12.05 3.05
CA PRO A 31 -7.16 -12.85 1.95
C PRO A 31 -7.68 -14.21 2.41
N ALA A 32 -8.86 -14.58 1.92
CA ALA A 32 -9.46 -15.86 2.29
C ALA A 32 -8.85 -17.00 1.49
N TYR A 33 -8.50 -16.72 0.24
CA TYR A 33 -7.91 -17.72 -0.64
C TYR A 33 -6.40 -17.58 -0.70
N ALA A 34 -5.76 -17.63 0.45
CA ALA A 34 -4.31 -17.51 0.54
C ALA A 34 -3.66 -18.83 0.95
N ASN A 35 -2.37 -18.95 0.69
CA ASN A 35 -1.63 -20.16 1.05
C ASN A 35 -1.11 -20.09 2.47
N GLY A 36 -1.80 -20.75 3.40
CA GLY A 36 -1.38 -20.74 4.78
C GLY A 36 -1.61 -19.39 5.45
N PRO A 37 -0.89 -19.15 6.55
CA PRO A 37 -1.01 -17.90 7.31
C PRO A 37 -0.43 -16.72 6.56
N VAL A 38 -0.44 -15.55 7.20
CA VAL A 38 0.10 -14.33 6.59
C VAL A 38 1.02 -13.60 7.55
N GLN A 39 2.32 -13.86 7.44
CA GLN A 39 3.31 -13.23 8.29
C GLN A 39 2.98 -11.75 8.48
N GLY A 40 2.59 -11.09 7.41
CA GLY A 40 2.26 -9.67 7.47
C GLY A 40 1.94 -9.08 6.12
N TYR A 41 2.39 -7.86 5.88
CA TYR A 41 2.14 -7.18 4.62
C TYR A 41 3.25 -6.18 4.30
N ARG A 42 3.67 -6.14 3.05
CA ARG A 42 4.73 -5.23 2.61
C ARG A 42 4.16 -4.12 1.73
N LEU A 43 4.44 -2.87 2.11
CA LEU A 43 3.97 -1.72 1.36
C LEU A 43 5.12 -1.04 0.62
N PHE A 44 4.82 -0.52 -0.56
CA PHE A 44 5.82 0.17 -1.38
C PHE A 44 5.31 1.52 -1.85
N CYS A 45 5.92 2.59 -1.34
CA CYS A 45 5.52 3.94 -1.71
C CYS A 45 6.52 4.55 -2.70
N THR A 46 6.02 4.88 -3.88
CA THR A 46 6.86 5.46 -4.93
C THR A 46 6.32 6.82 -5.37
N GLU A 47 7.24 7.77 -5.57
CA GLU A 47 6.86 9.11 -6.00
C GLU A 47 6.93 9.24 -7.51
N VAL A 48 5.77 9.48 -8.14
CA VAL A 48 5.70 9.63 -9.58
C VAL A 48 6.46 10.86 -10.05
N SER A 49 6.62 11.83 -9.15
CA SER A 49 7.31 13.06 -9.46
C SER A 49 8.80 12.80 -9.72
N THR A 50 9.46 12.15 -8.76
CA THR A 50 10.88 11.84 -8.88
C THR A 50 11.08 10.43 -9.43
N GLY A 51 10.32 9.48 -8.89
CA GLY A 51 10.44 8.10 -9.33
C GLY A 51 11.17 7.23 -8.32
N LYS A 52 11.22 7.68 -7.08
CA LYS A 52 11.89 6.93 -6.03
C LYS A 52 10.89 6.07 -5.25
N GLU A 53 11.26 4.81 -5.03
CA GLU A 53 10.40 3.89 -4.31
C GLU A 53 10.97 3.58 -2.92
N GLN A 54 10.10 3.53 -1.93
CA GLN A 54 10.51 3.25 -0.56
C GLN A 54 9.70 2.11 0.04
N ASN A 55 10.39 1.07 0.53
CA ASN A 55 9.72 -0.07 1.12
C ASN A 55 9.45 0.17 2.61
N ILE A 56 8.28 -0.28 3.06
CA ILE A 56 7.89 -0.12 4.46
C ILE A 56 7.22 -1.38 4.99
N GLU A 57 7.40 -1.64 6.28
CA GLU A 57 6.81 -2.81 6.92
C GLU A 57 5.81 -2.40 7.99
N VAL A 58 4.52 -2.54 7.68
CA VAL A 58 3.46 -2.19 8.61
C VAL A 58 2.77 -3.43 9.16
N ASP A 59 1.83 -3.23 10.07
CA ASP A 59 1.11 -4.33 10.69
C ASP A 59 -0.35 -3.95 10.93
N GLY A 60 -1.22 -4.96 10.98
CA GLY A 60 -2.63 -4.72 11.19
C GLY A 60 -3.41 -4.61 9.90
N LEU A 61 -4.49 -3.84 9.93
CA LEU A 61 -5.32 -3.65 8.74
C LEU A 61 -5.64 -2.17 8.53
N SER A 62 -4.69 -1.31 8.88
CA SER A 62 -4.87 0.13 8.72
C SER A 62 -3.59 0.88 9.07
N TYR A 63 -3.07 1.63 8.11
CA TYR A 63 -1.84 2.40 8.30
C TYR A 63 -1.95 3.77 7.65
N LYS A 64 -1.88 4.82 8.47
CA LYS A 64 -1.96 6.19 7.98
C LYS A 64 -0.58 6.73 7.64
N LEU A 65 -0.31 6.87 6.35
CA LEU A 65 0.98 7.38 5.89
C LEU A 65 1.09 8.88 6.14
N GLU A 66 2.30 9.34 6.42
CA GLU A 66 2.55 10.76 6.69
C GLU A 66 3.92 11.19 6.16
N GLY A 67 4.07 12.48 5.91
CA GLY A 67 5.34 12.99 5.41
C GLY A 67 5.41 12.97 3.89
N LEU A 68 4.26 13.12 3.25
CA LEU A 68 4.20 13.12 1.79
C LEU A 68 4.16 14.54 1.24
N LYS A 69 4.05 14.65 -0.08
CA LYS A 69 3.99 15.96 -0.73
C LYS A 69 2.55 16.46 -0.82
N LYS A 70 2.34 17.72 -0.47
CA LYS A 70 1.02 18.32 -0.51
C LYS A 70 0.15 17.67 -1.58
N PHE A 71 0.48 17.95 -2.84
CA PHE A 71 -0.27 17.38 -3.96
C PHE A 71 0.67 16.75 -4.99
N THR A 72 0.80 15.43 -4.94
CA THR A 72 1.67 14.72 -5.87
C THR A 72 1.15 13.30 -6.12
N GLU A 73 0.87 13.01 -7.39
CA GLU A 73 0.37 11.69 -7.76
C GLU A 73 1.32 10.59 -7.28
N TYR A 74 0.92 9.92 -6.21
CA TYR A 74 1.74 8.84 -5.64
C TYR A 74 1.21 7.48 -6.06
N SER A 75 2.11 6.52 -6.20
CA SER A 75 1.74 5.16 -6.61
C SER A 75 2.24 4.14 -5.60
N LEU A 76 1.32 3.55 -4.86
CA LEU A 76 1.66 2.54 -3.85
C LEU A 76 1.38 1.13 -4.38
N ARG A 77 1.88 0.13 -3.65
CA ARG A 77 1.69 -1.26 -4.04
C ARG A 77 1.62 -2.16 -2.82
N PHE A 78 0.47 -2.79 -2.60
CA PHE A 78 0.27 -3.68 -1.46
C PHE A 78 0.23 -5.13 -1.92
N LEU A 79 0.74 -6.02 -1.07
CA LEU A 79 0.75 -7.45 -1.39
C LEU A 79 0.89 -8.28 -0.11
N ALA A 80 0.48 -9.55 -0.20
CA ALA A 80 0.56 -10.44 0.95
C ALA A 80 1.79 -11.34 0.86
N TYR A 81 2.42 -11.60 2.00
CA TYR A 81 3.61 -12.44 2.05
C TYR A 81 3.66 -13.25 3.34
N ASN A 82 4.02 -14.52 3.21
CA ASN A 82 4.10 -15.41 4.36
C ASN A 82 5.47 -16.07 4.46
N ARG A 83 5.66 -16.90 5.47
CA ARG A 83 6.93 -17.58 5.67
C ARG A 83 7.51 -18.05 4.35
N TYR A 84 6.63 -18.48 3.44
CA TYR A 84 7.05 -18.97 2.13
C TYR A 84 7.65 -17.83 1.30
N GLY A 85 6.91 -16.72 1.21
CA GLY A 85 7.38 -15.58 0.44
C GLY A 85 6.24 -14.70 -0.03
N PRO A 86 6.59 -13.57 -0.66
CA PRO A 86 5.61 -12.61 -1.18
C PRO A 86 4.82 -13.17 -2.38
N GLY A 87 3.51 -13.23 -2.24
CA GLY A 87 2.67 -13.75 -3.30
C GLY A 87 2.42 -12.71 -4.38
N VAL A 88 1.17 -12.62 -4.83
CA VAL A 88 0.80 -11.67 -5.88
C VAL A 88 0.58 -10.28 -5.29
N SER A 89 0.95 -9.26 -6.07
CA SER A 89 0.80 -7.88 -5.61
C SER A 89 -0.45 -7.24 -6.24
N THR A 90 -0.91 -6.16 -5.63
CA THR A 90 -2.10 -5.45 -6.12
C THR A 90 -1.71 -4.39 -7.13
N ASP A 91 -2.65 -4.04 -8.02
CA ASP A 91 -2.41 -3.03 -9.04
C ASP A 91 -1.95 -1.73 -8.41
N ASP A 92 -0.99 -1.07 -9.05
CA ASP A 92 -0.46 0.20 -8.56
C ASP A 92 -1.60 1.10 -8.08
N ILE A 93 -1.60 1.39 -6.79
CA ILE A 93 -2.62 2.26 -6.20
C ILE A 93 -2.26 3.73 -6.34
N THR A 94 -2.85 4.38 -7.35
CA THR A 94 -2.58 5.79 -7.60
C THR A 94 -3.52 6.68 -6.78
N VAL A 95 -2.95 7.42 -5.83
CA VAL A 95 -3.74 8.31 -4.99
C VAL A 95 -3.08 9.68 -4.85
N VAL A 96 -3.65 10.67 -5.52
CA VAL A 96 -3.11 12.02 -5.46
C VAL A 96 -3.44 12.71 -4.14
N THR A 97 -2.41 13.06 -3.38
CA THR A 97 -2.58 13.70 -2.10
C THR A 97 -3.44 14.96 -2.23
N LEU A 98 -4.14 15.32 -1.16
CA LEU A 98 -4.99 16.50 -1.16
C LEU A 98 -4.18 17.76 -1.44
N SER A 99 -4.84 18.91 -1.36
CA SER A 99 -4.17 20.19 -1.61
C SER A 99 -4.66 21.25 -0.63
N ASP A 100 -3.77 21.69 0.26
CA ASP A 100 -4.12 22.71 1.24
C ASP A 100 -4.58 23.99 0.56
N SER A 101 -3.77 24.49 -0.37
CA SER A 101 -4.09 25.72 -1.09
C SER A 101 -5.48 25.61 -1.73
N GLY A 102 -6.01 26.75 -2.16
CA GLY A 102 -7.31 26.77 -2.79
C GLY A 102 -8.01 28.12 -2.64
N PRO A 103 -7.70 29.04 -3.55
CA PRO A 103 -8.29 30.39 -3.54
C PRO A 103 -9.76 30.38 -3.91
N SER A 104 -10.51 31.35 -3.39
CA SER A 104 -11.93 31.45 -3.66
C SER A 104 -12.24 32.65 -4.55
N SER A 105 -12.23 32.43 -5.87
CA SER A 105 -12.50 33.50 -6.83
C SER A 105 -13.45 33.01 -7.92
N GLY A 106 -14.12 33.95 -8.57
CA GLY A 106 -15.05 33.61 -9.62
C GLY A 106 -15.86 34.81 -10.09
N GLY A 1 16.20 -26.60 -0.50
CA GLY A 1 15.66 -27.62 0.38
C GLY A 1 14.28 -27.25 0.89
N SER A 2 13.48 -28.27 1.22
CA SER A 2 12.13 -28.05 1.72
C SER A 2 11.21 -27.56 0.60
N SER A 3 11.34 -28.17 -0.57
CA SER A 3 10.52 -27.79 -1.72
C SER A 3 9.06 -27.68 -1.33
N GLY A 4 8.38 -26.66 -1.87
CA GLY A 4 6.98 -26.45 -1.56
C GLY A 4 6.71 -25.09 -0.96
N SER A 5 6.70 -24.06 -1.81
CA SER A 5 6.46 -22.70 -1.36
C SER A 5 5.76 -21.89 -2.44
N SER A 6 4.56 -21.42 -2.14
CA SER A 6 3.78 -20.63 -3.09
C SER A 6 3.44 -19.27 -2.50
N GLY A 7 2.97 -18.36 -3.35
CA GLY A 7 2.61 -17.03 -2.90
C GLY A 7 1.16 -16.94 -2.45
N PRO A 8 0.93 -16.28 -1.32
CA PRO A 8 -0.41 -16.11 -0.75
C PRO A 8 -1.28 -15.17 -1.59
N GLY A 9 -2.48 -15.64 -1.94
CA GLY A 9 -3.38 -14.83 -2.73
C GLY A 9 -3.33 -13.36 -2.36
N PRO A 10 -3.75 -12.49 -3.29
CA PRO A 10 -3.75 -11.04 -3.08
C PRO A 10 -4.81 -10.61 -2.06
N VAL A 11 -4.39 -9.77 -1.12
CA VAL A 11 -5.30 -9.27 -0.09
C VAL A 11 -6.62 -8.80 -0.69
N GLU A 12 -7.63 -8.63 0.15
CA GLU A 12 -8.94 -8.18 -0.30
C GLU A 12 -9.33 -6.87 0.37
N ASN A 13 -10.47 -6.31 -0.03
CA ASN A 13 -10.96 -5.06 0.54
C ASN A 13 -9.82 -4.05 0.69
N LEU A 14 -8.94 -4.01 -0.30
CA LEU A 14 -7.81 -3.10 -0.29
C LEU A 14 -8.19 -1.75 -0.89
N GLN A 15 -8.11 -0.69 -0.08
CA GLN A 15 -8.45 0.65 -0.53
C GLN A 15 -7.59 1.69 0.18
N ALA A 16 -7.19 2.72 -0.56
CA ALA A 16 -6.37 3.79 0.00
C ALA A 16 -6.87 5.16 -0.44
N VAL A 17 -6.96 6.09 0.51
CA VAL A 17 -7.43 7.44 0.21
C VAL A 17 -6.84 8.45 1.19
N SER A 18 -6.51 9.63 0.69
CA SER A 18 -5.94 10.68 1.51
C SER A 18 -7.03 11.57 2.09
N THR A 19 -6.92 11.88 3.38
CA THR A 19 -7.90 12.72 4.05
C THR A 19 -7.29 14.05 4.47
N SER A 20 -6.00 14.23 4.17
CA SER A 20 -5.30 15.46 4.51
C SER A 20 -4.32 15.85 3.42
N PRO A 21 -3.72 17.04 3.55
CA PRO A 21 -2.74 17.55 2.58
C PRO A 21 -1.68 16.52 2.22
N THR A 22 -1.11 15.89 3.25
CA THR A 22 -0.08 14.88 3.03
C THR A 22 -0.33 13.66 3.90
N SER A 23 -1.06 12.69 3.36
CA SER A 23 -1.38 11.47 4.09
C SER A 23 -1.95 10.40 3.16
N ILE A 24 -2.18 9.22 3.69
CA ILE A 24 -2.72 8.12 2.90
C ILE A 24 -3.28 7.02 3.79
N LEU A 25 -4.60 6.95 3.89
CA LEU A 25 -5.26 5.94 4.72
C LEU A 25 -5.46 4.65 3.94
N ILE A 26 -4.60 3.66 4.20
CA ILE A 26 -4.68 2.38 3.53
C ILE A 26 -5.40 1.35 4.40
N THR A 27 -6.56 0.90 3.94
CA THR A 27 -7.35 -0.08 4.67
C THR A 27 -7.43 -1.40 3.91
N TRP A 28 -6.58 -2.35 4.27
CA TRP A 28 -6.55 -3.64 3.62
C TRP A 28 -7.09 -4.73 4.56
N GLU A 29 -7.31 -5.92 4.01
CA GLU A 29 -7.82 -7.04 4.79
C GLU A 29 -7.10 -8.34 4.41
N PRO A 30 -7.19 -9.33 5.30
CA PRO A 30 -6.56 -10.65 5.08
C PRO A 30 -7.24 -11.44 3.97
N PRO A 31 -6.44 -12.03 3.08
CA PRO A 31 -6.95 -12.83 1.96
C PRO A 31 -7.57 -14.15 2.42
N ALA A 32 -8.89 -14.27 2.25
CA ALA A 32 -9.60 -15.47 2.65
C ALA A 32 -9.18 -16.66 1.80
N TYR A 33 -8.86 -16.40 0.53
CA TYR A 33 -8.45 -17.46 -0.38
C TYR A 33 -6.93 -17.47 -0.55
N ALA A 34 -6.22 -17.35 0.57
CA ALA A 34 -4.76 -17.35 0.56
C ALA A 34 -4.21 -18.72 0.95
N ASN A 35 -2.93 -18.93 0.68
CA ASN A 35 -2.28 -20.20 1.00
C ASN A 35 -1.51 -20.10 2.31
N GLY A 36 -2.11 -20.61 3.38
CA GLY A 36 -1.47 -20.57 4.68
C GLY A 36 -1.67 -19.24 5.38
N PRO A 37 -0.94 -19.04 6.49
CA PRO A 37 -1.03 -17.80 7.28
C PRO A 37 -0.43 -16.61 6.56
N VAL A 38 -0.37 -15.47 7.25
CA VAL A 38 0.19 -14.25 6.66
C VAL A 38 1.14 -13.56 7.63
N GLN A 39 2.43 -13.85 7.48
CA GLN A 39 3.44 -13.25 8.34
C GLN A 39 3.19 -11.77 8.53
N GLY A 40 2.78 -11.10 7.46
CA GLY A 40 2.50 -9.68 7.53
C GLY A 40 2.18 -9.08 6.18
N TYR A 41 2.51 -7.80 6.00
CA TYR A 41 2.25 -7.11 4.74
C TYR A 41 3.37 -6.13 4.40
N ARG A 42 3.68 -6.03 3.12
CA ARG A 42 4.74 -5.13 2.67
C ARG A 42 4.16 -4.02 1.78
N LEU A 43 4.45 -2.77 2.15
CA LEU A 43 3.97 -1.63 1.39
C LEU A 43 5.12 -0.91 0.70
N PHE A 44 4.96 -0.64 -0.60
CA PHE A 44 5.99 0.05 -1.37
C PHE A 44 5.44 1.36 -1.95
N CYS A 45 6.03 2.47 -1.50
CA CYS A 45 5.60 3.78 -1.97
C CYS A 45 6.64 4.38 -2.90
N THR A 46 6.19 4.76 -4.10
CA THR A 46 7.09 5.36 -5.09
C THR A 46 6.55 6.69 -5.59
N GLU A 47 7.40 7.71 -5.59
CA GLU A 47 7.02 9.03 -6.05
C GLU A 47 7.12 9.15 -7.57
N VAL A 48 5.99 9.39 -8.21
CA VAL A 48 5.96 9.51 -9.66
C VAL A 48 6.65 10.79 -10.12
N SER A 49 6.70 11.78 -9.23
CA SER A 49 7.34 13.05 -9.55
C SER A 49 8.82 12.86 -9.84
N THR A 50 9.53 12.22 -8.92
CA THR A 50 10.95 11.97 -9.07
C THR A 50 11.21 10.56 -9.59
N GLY A 51 10.63 9.56 -8.91
CA GLY A 51 10.82 8.19 -9.32
C GLY A 51 11.50 7.35 -8.26
N LYS A 52 11.46 7.83 -7.02
CA LYS A 52 12.09 7.12 -5.90
C LYS A 52 11.09 6.20 -5.22
N GLU A 53 11.52 4.98 -4.92
CA GLU A 53 10.66 4.01 -4.26
C GLU A 53 11.14 3.74 -2.84
N GLN A 54 10.18 3.48 -1.94
CA GLN A 54 10.51 3.22 -0.54
C GLN A 54 9.71 2.03 -0.02
N ASN A 55 10.38 1.10 0.66
CA ASN A 55 9.73 -0.07 1.22
C ASN A 55 9.39 0.13 2.69
N ILE A 56 8.17 -0.25 3.06
CA ILE A 56 7.72 -0.11 4.45
C ILE A 56 7.06 -1.38 4.94
N GLU A 57 7.24 -1.68 6.22
CA GLU A 57 6.66 -2.88 6.82
C GLU A 57 5.71 -2.51 7.96
N VAL A 58 4.41 -2.53 7.68
CA VAL A 58 3.40 -2.20 8.68
C VAL A 58 2.72 -3.46 9.20
N ASP A 59 1.97 -3.31 10.29
CA ASP A 59 1.27 -4.43 10.89
C ASP A 59 -0.14 -4.02 11.33
N GLY A 60 -1.12 -4.86 11.03
CA GLY A 60 -2.49 -4.57 11.40
C GLY A 60 -3.44 -4.67 10.23
N LEU A 61 -4.36 -3.72 10.12
CA LEU A 61 -5.33 -3.70 9.04
C LEU A 61 -5.34 -2.35 8.32
N SER A 62 -4.96 -1.31 9.05
CA SER A 62 -4.93 0.04 8.49
C SER A 62 -3.64 0.76 8.89
N TYR A 63 -3.20 1.69 8.04
CA TYR A 63 -1.99 2.44 8.30
C TYR A 63 -2.08 3.84 7.71
N LYS A 64 -1.92 4.85 8.56
CA LYS A 64 -1.99 6.24 8.12
C LYS A 64 -0.61 6.76 7.73
N LEU A 65 -0.41 6.99 6.44
CA LEU A 65 0.87 7.48 5.95
C LEU A 65 1.01 8.99 6.18
N GLU A 66 2.23 9.44 6.42
CA GLU A 66 2.49 10.85 6.65
C GLU A 66 3.85 11.26 6.10
N GLY A 67 4.03 12.57 5.90
CA GLY A 67 5.29 13.06 5.37
C GLY A 67 5.33 13.05 3.85
N LEU A 68 4.17 13.29 3.24
CA LEU A 68 4.08 13.31 1.79
C LEU A 68 3.96 14.73 1.26
N LYS A 69 3.82 14.87 -0.05
CA LYS A 69 3.69 16.18 -0.67
C LYS A 69 2.23 16.61 -0.74
N LYS A 70 1.98 17.89 -0.46
CA LYS A 70 0.63 18.43 -0.49
C LYS A 70 -0.21 17.74 -1.56
N PHE A 71 0.09 18.04 -2.82
CA PHE A 71 -0.63 17.45 -3.93
C PHE A 71 0.34 16.83 -4.94
N THR A 72 0.49 15.51 -4.88
CA THR A 72 1.38 14.81 -5.79
C THR A 72 0.91 13.37 -6.02
N GLU A 73 0.72 13.01 -7.28
CA GLU A 73 0.26 11.68 -7.64
C GLU A 73 1.28 10.62 -7.19
N TYR A 74 0.92 9.89 -6.14
CA TYR A 74 1.79 8.85 -5.61
C TYR A 74 1.29 7.46 -6.00
N SER A 75 2.23 6.55 -6.24
CA SER A 75 1.88 5.19 -6.63
C SER A 75 2.43 4.19 -5.61
N LEU A 76 1.52 3.54 -4.90
CA LEU A 76 1.90 2.54 -3.89
C LEU A 76 1.62 1.12 -4.40
N ARG A 77 2.17 0.14 -3.69
CA ARG A 77 1.99 -1.26 -4.06
C ARG A 77 1.88 -2.14 -2.83
N PHE A 78 0.75 -2.81 -2.68
CA PHE A 78 0.52 -3.70 -1.54
C PHE A 78 0.41 -5.15 -1.98
N LEU A 79 0.87 -6.06 -1.13
CA LEU A 79 0.82 -7.49 -1.43
C LEU A 79 0.90 -8.32 -0.16
N ALA A 80 0.57 -9.60 -0.27
CA ALA A 80 0.61 -10.50 0.87
C ALA A 80 1.85 -11.39 0.83
N TYR A 81 2.45 -11.62 1.99
CA TYR A 81 3.64 -12.46 2.09
C TYR A 81 3.64 -13.27 3.38
N ASN A 82 3.83 -14.58 3.24
CA ASN A 82 3.85 -15.47 4.39
C ASN A 82 5.13 -16.29 4.42
N ARG A 83 5.22 -17.20 5.39
CA ARG A 83 6.40 -18.05 5.52
C ARG A 83 6.99 -18.39 4.15
N TYR A 84 6.12 -18.59 3.17
CA TYR A 84 6.55 -18.91 1.82
C TYR A 84 7.18 -17.70 1.14
N GLY A 85 6.45 -16.60 1.11
CA GLY A 85 6.95 -15.39 0.49
C GLY A 85 5.84 -14.52 -0.07
N PRO A 86 6.22 -13.39 -0.69
CA PRO A 86 5.27 -12.46 -1.29
C PRO A 86 4.58 -13.03 -2.52
N GLY A 87 3.26 -13.17 -2.45
CA GLY A 87 2.51 -13.71 -3.58
C GLY A 87 2.07 -12.63 -4.55
N VAL A 88 0.91 -12.83 -5.17
CA VAL A 88 0.38 -11.86 -6.13
C VAL A 88 0.21 -10.49 -5.48
N SER A 89 0.77 -9.48 -6.11
CA SER A 89 0.67 -8.11 -5.60
C SER A 89 -0.48 -7.36 -6.27
N THR A 90 -1.06 -6.42 -5.53
CA THR A 90 -2.17 -5.62 -6.05
C THR A 90 -1.69 -4.60 -7.08
N ASP A 91 -2.62 -4.05 -7.83
CA ASP A 91 -2.30 -3.06 -8.85
C ASP A 91 -1.92 -1.73 -8.22
N ASP A 92 -0.82 -1.15 -8.68
CA ASP A 92 -0.35 0.13 -8.15
C ASP A 92 -1.52 1.02 -7.76
N ILE A 93 -1.62 1.35 -6.47
CA ILE A 93 -2.69 2.19 -5.99
C ILE A 93 -2.33 3.67 -6.09
N THR A 94 -2.82 4.32 -7.14
CA THR A 94 -2.55 5.74 -7.36
C THR A 94 -3.52 6.62 -6.58
N VAL A 95 -2.98 7.40 -5.65
CA VAL A 95 -3.79 8.29 -4.82
C VAL A 95 -3.16 9.67 -4.71
N VAL A 96 -3.76 10.65 -5.40
CA VAL A 96 -3.26 12.01 -5.37
C VAL A 96 -3.64 12.72 -4.07
N THR A 97 -2.63 13.07 -3.28
CA THR A 97 -2.86 13.75 -2.01
C THR A 97 -3.74 14.98 -2.20
N LEU A 98 -4.39 15.42 -1.12
CA LEU A 98 -5.26 16.58 -1.17
C LEU A 98 -4.46 17.84 -1.48
N SER A 99 -5.13 18.99 -1.43
CA SER A 99 -4.50 20.27 -1.72
C SER A 99 -4.92 21.32 -0.69
N ASP A 100 -4.01 21.63 0.23
CA ASP A 100 -4.29 22.62 1.26
C ASP A 100 -4.59 23.98 0.64
N SER A 101 -5.87 24.30 0.50
CA SER A 101 -6.29 25.56 -0.09
C SER A 101 -7.76 25.84 0.21
N GLY A 102 -8.03 26.97 0.85
CA GLY A 102 -9.39 27.33 1.20
C GLY A 102 -9.47 28.62 2.00
N PRO A 103 -9.08 28.53 3.29
CA PRO A 103 -9.10 29.69 4.20
C PRO A 103 -8.04 30.72 3.84
N SER A 104 -7.30 30.46 2.76
CA SER A 104 -6.25 31.36 2.33
C SER A 104 -6.55 31.89 0.92
N SER A 105 -6.72 33.21 0.82
CA SER A 105 -7.01 33.85 -0.46
C SER A 105 -5.99 34.94 -0.77
N GLY A 106 -4.82 34.53 -1.27
CA GLY A 106 -3.78 35.50 -1.59
C GLY A 106 -2.97 35.08 -2.80
N GLY A 1 11.43 -23.74 -10.25
CA GLY A 1 12.56 -23.05 -9.64
C GLY A 1 12.70 -23.37 -8.17
N SER A 2 12.08 -22.54 -7.32
CA SER A 2 12.16 -22.73 -5.88
C SER A 2 11.01 -23.60 -5.39
N SER A 3 11.30 -24.86 -5.06
CA SER A 3 10.28 -25.78 -4.59
C SER A 3 9.85 -25.43 -3.16
N GLY A 4 8.54 -25.45 -2.93
CA GLY A 4 8.01 -25.14 -1.61
C GLY A 4 7.21 -23.85 -1.61
N SER A 5 7.90 -22.72 -1.77
CA SER A 5 7.24 -21.42 -1.77
C SER A 5 6.41 -21.24 -3.03
N SER A 6 5.12 -20.99 -2.86
CA SER A 6 4.21 -20.80 -3.99
C SER A 6 3.70 -19.36 -4.04
N GLY A 7 3.60 -18.74 -2.88
CA GLY A 7 3.13 -17.36 -2.81
C GLY A 7 1.64 -17.27 -2.51
N PRO A 8 1.28 -16.47 -1.50
CA PRO A 8 -0.12 -16.28 -1.09
C PRO A 8 -0.91 -15.50 -2.13
N GLY A 9 -2.20 -15.31 -1.85
CA GLY A 9 -3.05 -14.58 -2.77
C GLY A 9 -3.10 -13.10 -2.46
N PRO A 10 -3.64 -12.31 -3.39
CA PRO A 10 -3.76 -10.85 -3.24
C PRO A 10 -4.79 -10.47 -2.18
N VAL A 11 -4.35 -9.70 -1.19
CA VAL A 11 -5.23 -9.25 -0.11
C VAL A 11 -6.58 -8.81 -0.67
N GLU A 12 -7.54 -8.62 0.24
CA GLU A 12 -8.88 -8.19 -0.16
C GLU A 12 -9.24 -6.86 0.50
N ASN A 13 -10.41 -6.34 0.16
CA ASN A 13 -10.88 -5.06 0.71
C ASN A 13 -9.72 -4.07 0.83
N LEU A 14 -8.91 -3.98 -0.23
CA LEU A 14 -7.78 -3.07 -0.24
C LEU A 14 -8.17 -1.72 -0.85
N GLN A 15 -8.06 -0.66 -0.06
CA GLN A 15 -8.39 0.67 -0.52
C GLN A 15 -7.51 1.73 0.15
N ALA A 16 -7.08 2.72 -0.61
CA ALA A 16 -6.24 3.78 -0.08
C ALA A 16 -6.77 5.15 -0.49
N VAL A 17 -6.83 6.06 0.48
CA VAL A 17 -7.31 7.41 0.23
C VAL A 17 -6.66 8.42 1.16
N SER A 18 -6.35 9.60 0.64
CA SER A 18 -5.72 10.65 1.44
C SER A 18 -6.77 11.56 2.06
N THR A 19 -6.66 11.75 3.38
CA THR A 19 -7.60 12.60 4.11
C THR A 19 -6.93 13.87 4.61
N SER A 20 -5.89 14.30 3.90
CA SER A 20 -5.15 15.50 4.27
C SER A 20 -4.12 15.86 3.22
N PRO A 21 -3.49 17.04 3.38
CA PRO A 21 -2.47 17.53 2.45
C PRO A 21 -1.42 16.46 2.12
N THR A 22 -0.91 15.81 3.16
CA THR A 22 0.11 14.78 2.98
C THR A 22 -0.20 13.56 3.86
N SER A 23 -0.94 12.61 3.31
CA SER A 23 -1.30 11.40 4.04
C SER A 23 -1.87 10.34 3.11
N ILE A 24 -2.07 9.14 3.63
CA ILE A 24 -2.62 8.04 2.84
C ILE A 24 -3.16 6.93 3.74
N LEU A 25 -4.48 6.85 3.84
CA LEU A 25 -5.13 5.83 4.66
C LEU A 25 -5.30 4.53 3.89
N ILE A 26 -4.44 3.56 4.16
CA ILE A 26 -4.50 2.27 3.48
C ILE A 26 -5.21 1.23 4.35
N THR A 27 -6.40 0.84 3.92
CA THR A 27 -7.19 -0.15 4.66
C THR A 27 -7.30 -1.45 3.87
N TRP A 28 -6.47 -2.43 4.23
CA TRP A 28 -6.47 -3.72 3.56
C TRP A 28 -7.05 -4.80 4.47
N GLU A 29 -7.10 -6.02 3.97
CA GLU A 29 -7.63 -7.14 4.74
C GLU A 29 -6.95 -8.45 4.35
N PRO A 30 -7.05 -9.46 5.23
CA PRO A 30 -6.44 -10.78 5.00
C PRO A 30 -7.14 -11.54 3.87
N PRO A 31 -6.33 -12.14 2.98
CA PRO A 31 -6.83 -12.91 1.84
C PRO A 31 -7.47 -14.22 2.27
N ALA A 32 -8.47 -14.66 1.52
CA ALA A 32 -9.17 -15.91 1.83
C ALA A 32 -8.58 -17.07 1.03
N TYR A 33 -8.25 -16.81 -0.22
CA TYR A 33 -7.68 -17.85 -1.08
C TYR A 33 -6.15 -17.75 -1.12
N ALA A 34 -5.55 -17.60 0.06
CA ALA A 34 -4.11 -17.50 0.16
C ALA A 34 -3.48 -18.85 0.52
N ASN A 35 -2.16 -18.88 0.61
CA ASN A 35 -1.44 -20.10 0.94
C ASN A 35 -0.88 -20.04 2.36
N GLY A 36 -1.51 -20.75 3.27
CA GLY A 36 -1.05 -20.76 4.65
C GLY A 36 -1.28 -19.43 5.34
N PRO A 37 -0.55 -19.21 6.45
CA PRO A 37 -0.66 -17.97 7.23
C PRO A 37 -0.09 -16.77 6.49
N VAL A 38 -0.15 -15.60 7.12
CA VAL A 38 0.37 -14.37 6.52
C VAL A 38 1.28 -13.63 7.48
N GLN A 39 2.58 -13.92 7.38
CA GLN A 39 3.56 -13.28 8.24
C GLN A 39 3.23 -11.81 8.47
N GLY A 40 2.74 -11.15 7.43
CA GLY A 40 2.38 -9.76 7.53
C GLY A 40 2.04 -9.14 6.19
N TYR A 41 2.43 -7.89 5.99
CA TYR A 41 2.16 -7.18 4.75
C TYR A 41 3.25 -6.16 4.44
N ARG A 42 3.62 -6.05 3.17
CA ARG A 42 4.65 -5.10 2.76
C ARG A 42 4.07 -4.03 1.85
N LEU A 43 4.39 -2.78 2.15
CA LEU A 43 3.90 -1.65 1.37
C LEU A 43 5.05 -0.93 0.66
N PHE A 44 4.78 -0.47 -0.55
CA PHE A 44 5.80 0.25 -1.33
C PHE A 44 5.28 1.61 -1.79
N CYS A 45 5.92 2.67 -1.29
CA CYS A 45 5.53 4.02 -1.65
C CYS A 45 6.52 4.64 -2.62
N THR A 46 6.05 4.93 -3.83
CA THR A 46 6.90 5.52 -4.87
C THR A 46 6.37 6.89 -5.29
N GLU A 47 7.28 7.85 -5.38
CA GLU A 47 6.91 9.21 -5.77
C GLU A 47 7.07 9.40 -7.28
N VAL A 48 5.99 9.16 -8.01
CA VAL A 48 6.01 9.31 -9.47
C VAL A 48 6.77 10.55 -9.89
N SER A 49 6.75 11.57 -9.03
CA SER A 49 7.44 12.82 -9.31
C SER A 49 8.92 12.57 -9.62
N THR A 50 9.63 12.04 -8.62
CA THR A 50 11.05 11.75 -8.79
C THR A 50 11.28 10.33 -9.29
N GLY A 51 10.54 9.38 -8.73
CA GLY A 51 10.66 8.00 -9.13
C GLY A 51 11.37 7.14 -8.09
N LYS A 52 11.32 7.59 -6.84
CA LYS A 52 11.96 6.86 -5.75
C LYS A 52 10.95 6.00 -5.00
N GLU A 53 11.26 4.73 -4.85
CA GLU A 53 10.38 3.80 -4.15
C GLU A 53 10.94 3.44 -2.78
N GLN A 54 10.08 3.48 -1.77
CA GLN A 54 10.49 3.16 -0.40
C GLN A 54 9.65 2.01 0.16
N ASN A 55 10.33 0.96 0.60
CA ASN A 55 9.64 -0.20 1.17
C ASN A 55 9.31 0.03 2.65
N ILE A 56 8.11 -0.38 3.05
CA ILE A 56 7.68 -0.21 4.44
C ILE A 56 6.94 -1.46 4.93
N GLU A 57 7.16 -1.81 6.18
CA GLU A 57 6.52 -2.98 6.78
C GLU A 57 5.52 -2.56 7.86
N VAL A 58 4.23 -2.67 7.54
CA VAL A 58 3.18 -2.31 8.48
C VAL A 58 2.44 -3.54 8.98
N ASP A 59 1.72 -3.39 10.09
CA ASP A 59 0.97 -4.49 10.68
C ASP A 59 -0.44 -4.04 11.06
N GLY A 60 -1.44 -4.80 10.62
CA GLY A 60 -2.82 -4.46 10.92
C GLY A 60 -3.67 -4.33 9.68
N LEU A 61 -4.82 -3.67 9.82
CA LEU A 61 -5.73 -3.48 8.70
C LEU A 61 -5.95 -2.00 8.41
N SER A 62 -4.96 -1.18 8.77
CA SER A 62 -5.05 0.25 8.55
C SER A 62 -3.75 0.94 8.94
N TYR A 63 -3.26 1.81 8.05
CA TYR A 63 -2.02 2.53 8.30
C TYR A 63 -2.06 3.91 7.67
N LYS A 64 -1.88 4.95 8.49
CA LYS A 64 -1.90 6.32 8.01
C LYS A 64 -0.49 6.79 7.65
N LEU A 65 -0.23 6.95 6.36
CA LEU A 65 1.08 7.39 5.89
C LEU A 65 1.25 8.89 6.10
N GLU A 66 2.49 9.31 6.31
CA GLU A 66 2.79 10.73 6.52
C GLU A 66 4.15 11.08 5.92
N GLY A 67 4.36 12.38 5.69
CA GLY A 67 5.62 12.84 5.13
C GLY A 67 5.61 12.84 3.62
N LEU A 68 4.45 13.13 3.04
CA LEU A 68 4.31 13.16 1.58
C LEU A 68 4.24 14.61 1.08
N LYS A 69 3.99 14.76 -0.21
CA LYS A 69 3.89 16.08 -0.82
C LYS A 69 2.44 16.55 -0.87
N LYS A 70 2.23 17.83 -0.60
CA LYS A 70 0.89 18.41 -0.62
C LYS A 70 0.02 17.72 -1.67
N PHE A 71 0.31 17.98 -2.94
CA PHE A 71 -0.45 17.38 -4.03
C PHE A 71 0.49 16.75 -5.06
N THR A 72 0.65 15.44 -4.99
CA THR A 72 1.51 14.72 -5.92
C THR A 72 1.01 13.31 -6.16
N GLU A 73 0.82 12.95 -7.43
CA GLU A 73 0.35 11.63 -7.79
C GLU A 73 1.29 10.54 -7.27
N TYR A 74 0.89 9.88 -6.19
CA TYR A 74 1.71 8.83 -5.59
C TYR A 74 1.19 7.45 -5.99
N SER A 75 2.12 6.53 -6.24
CA SER A 75 1.76 5.17 -6.63
C SER A 75 2.24 4.16 -5.59
N LEU A 76 1.29 3.53 -4.89
CA LEU A 76 1.62 2.55 -3.88
C LEU A 76 1.27 1.14 -4.34
N ARG A 77 1.91 0.14 -3.75
CA ARG A 77 1.66 -1.25 -4.11
C ARG A 77 1.64 -2.13 -2.87
N PHE A 78 0.49 -2.76 -2.62
CA PHE A 78 0.34 -3.62 -1.46
C PHE A 78 0.24 -5.09 -1.88
N LEU A 79 0.76 -5.98 -1.05
CA LEU A 79 0.74 -7.41 -1.34
C LEU A 79 0.93 -8.23 -0.08
N ALA A 80 0.53 -9.49 -0.13
CA ALA A 80 0.66 -10.38 1.02
C ALA A 80 1.90 -11.26 0.90
N TYR A 81 2.54 -11.53 2.02
CA TYR A 81 3.74 -12.36 2.04
C TYR A 81 3.82 -13.18 3.32
N ASN A 82 4.11 -14.47 3.17
CA ASN A 82 4.21 -15.37 4.31
C ASN A 82 5.54 -16.12 4.29
N ARG A 83 5.70 -17.05 5.25
CA ARG A 83 6.93 -17.83 5.34
C ARG A 83 7.50 -18.10 3.95
N TYR A 84 6.65 -18.51 3.03
CA TYR A 84 7.08 -18.81 1.67
C TYR A 84 7.65 -17.56 0.99
N GLY A 85 6.85 -16.51 0.94
CA GLY A 85 7.29 -15.27 0.32
C GLY A 85 6.13 -14.42 -0.16
N PRO A 86 6.46 -13.28 -0.80
CA PRO A 86 5.45 -12.36 -1.32
C PRO A 86 4.71 -12.93 -2.53
N GLY A 87 3.42 -13.16 -2.37
CA GLY A 87 2.61 -13.70 -3.45
C GLY A 87 2.23 -12.65 -4.47
N VAL A 88 1.00 -12.73 -4.96
CA VAL A 88 0.51 -11.78 -5.95
C VAL A 88 0.39 -10.38 -5.36
N SER A 89 0.75 -9.37 -6.14
CA SER A 89 0.68 -7.99 -5.69
C SER A 89 -0.47 -7.25 -6.36
N THR A 90 -1.09 -6.33 -5.63
CA THR A 90 -2.21 -5.56 -6.15
C THR A 90 -1.74 -4.56 -7.20
N ASP A 91 -2.69 -3.97 -7.92
CA ASP A 91 -2.37 -2.99 -8.95
C ASP A 91 -1.85 -1.70 -8.34
N ASP A 92 -1.06 -0.96 -9.12
CA ASP A 92 -0.49 0.31 -8.65
C ASP A 92 -1.60 1.25 -8.16
N ILE A 93 -1.70 1.39 -6.84
CA ILE A 93 -2.71 2.27 -6.25
C ILE A 93 -2.31 3.74 -6.39
N THR A 94 -2.92 4.42 -7.35
CA THR A 94 -2.62 5.83 -7.59
C THR A 94 -3.53 6.72 -6.75
N VAL A 95 -2.94 7.40 -5.76
CA VAL A 95 -3.70 8.29 -4.88
C VAL A 95 -3.05 9.66 -4.81
N VAL A 96 -3.66 10.64 -5.47
CA VAL A 96 -3.14 12.00 -5.47
C VAL A 96 -3.50 12.73 -4.19
N THR A 97 -2.49 13.05 -3.38
CA THR A 97 -2.69 13.75 -2.12
C THR A 97 -3.55 14.99 -2.31
N LEU A 98 -4.23 15.41 -1.24
CA LEU A 98 -5.08 16.59 -1.29
C LEU A 98 -4.27 17.83 -1.63
N SER A 99 -4.94 18.98 -1.60
CA SER A 99 -4.28 20.25 -1.90
C SER A 99 -4.70 21.33 -0.91
N ASP A 100 -3.79 21.67 0.00
CA ASP A 100 -4.06 22.69 1.00
C ASP A 100 -4.61 23.97 0.36
N SER A 101 -5.84 24.31 0.69
CA SER A 101 -6.47 25.50 0.14
C SER A 101 -7.69 25.91 0.98
N GLY A 102 -8.19 27.11 0.73
CA GLY A 102 -9.34 27.60 1.48
C GLY A 102 -9.23 29.08 1.82
N PRO A 103 -9.60 29.94 0.86
CA PRO A 103 -9.54 31.39 1.05
C PRO A 103 -10.58 31.89 2.04
N SER A 104 -11.66 31.13 2.19
CA SER A 104 -12.74 31.50 3.11
C SER A 104 -12.37 31.16 4.54
N SER A 105 -11.91 32.16 5.28
CA SER A 105 -11.51 31.96 6.68
C SER A 105 -11.86 33.18 7.52
N GLY A 106 -12.62 32.96 8.59
CA GLY A 106 -13.01 34.04 9.46
C GLY A 106 -14.52 34.15 9.62
N GLY A 1 6.19 -31.09 -10.70
CA GLY A 1 6.73 -32.01 -9.71
C GLY A 1 6.37 -31.60 -8.29
N SER A 2 7.08 -32.16 -7.32
CA SER A 2 6.83 -31.86 -5.92
C SER A 2 6.61 -30.37 -5.71
N SER A 3 5.56 -30.03 -4.98
CA SER A 3 5.23 -28.63 -4.71
C SER A 3 5.46 -28.30 -3.24
N GLY A 4 6.00 -27.11 -2.98
CA GLY A 4 6.25 -26.69 -1.62
C GLY A 4 5.99 -25.21 -1.41
N SER A 5 7.05 -24.43 -1.31
CA SER A 5 6.93 -22.99 -1.10
C SER A 5 6.17 -22.33 -2.25
N SER A 6 5.24 -21.46 -1.92
CA SER A 6 4.44 -20.76 -2.93
C SER A 6 3.93 -19.42 -2.39
N GLY A 7 3.71 -18.47 -3.30
CA GLY A 7 3.23 -17.17 -2.90
C GLY A 7 1.73 -17.17 -2.61
N PRO A 8 1.33 -16.43 -1.57
CA PRO A 8 -0.08 -16.33 -1.16
C PRO A 8 -0.92 -15.54 -2.17
N GLY A 9 -2.17 -15.28 -1.81
CA GLY A 9 -3.05 -14.55 -2.70
C GLY A 9 -3.14 -13.08 -2.34
N PRO A 10 -3.68 -12.27 -3.25
CA PRO A 10 -3.84 -10.83 -3.05
C PRO A 10 -4.89 -10.50 -1.99
N VAL A 11 -4.50 -9.68 -1.01
CA VAL A 11 -5.41 -9.29 0.06
C VAL A 11 -6.76 -8.85 -0.50
N GLU A 12 -7.75 -8.72 0.38
CA GLU A 12 -9.08 -8.32 -0.02
C GLU A 12 -9.46 -6.98 0.61
N ASN A 13 -10.66 -6.50 0.30
CA ASN A 13 -11.13 -5.23 0.83
C ASN A 13 -9.98 -4.23 0.97
N LEU A 14 -9.16 -4.13 -0.06
CA LEU A 14 -8.02 -3.22 -0.05
C LEU A 14 -8.40 -1.87 -0.66
N GLN A 15 -8.06 -0.79 0.04
CA GLN A 15 -8.36 0.55 -0.43
C GLN A 15 -7.47 1.58 0.27
N ALA A 16 -7.08 2.60 -0.49
CA ALA A 16 -6.22 3.66 0.06
C ALA A 16 -6.69 5.04 -0.41
N VAL A 17 -6.84 5.95 0.54
CA VAL A 17 -7.29 7.30 0.23
C VAL A 17 -6.72 8.31 1.22
N SER A 18 -6.47 9.52 0.74
CA SER A 18 -5.92 10.58 1.60
C SER A 18 -7.03 11.46 2.15
N THR A 19 -6.92 11.79 3.44
CA THR A 19 -7.91 12.62 4.10
C THR A 19 -7.32 13.97 4.51
N SER A 20 -6.05 14.18 4.17
CA SER A 20 -5.37 15.43 4.50
C SER A 20 -4.39 15.82 3.39
N PRO A 21 -3.81 17.01 3.52
CA PRO A 21 -2.85 17.53 2.54
C PRO A 21 -1.78 16.51 2.17
N THR A 22 -1.19 15.89 3.18
CA THR A 22 -0.15 14.88 2.97
C THR A 22 -0.37 13.66 3.85
N SER A 23 -1.10 12.68 3.32
CA SER A 23 -1.40 11.46 4.06
C SER A 23 -1.96 10.38 3.14
N ILE A 24 -2.16 9.19 3.69
CA ILE A 24 -2.70 8.08 2.90
C ILE A 24 -3.23 6.98 3.82
N LEU A 25 -4.55 6.89 3.93
CA LEU A 25 -5.19 5.88 4.76
C LEU A 25 -5.37 4.58 4.00
N ILE A 26 -4.52 3.59 4.29
CA ILE A 26 -4.60 2.30 3.62
C ILE A 26 -5.31 1.28 4.51
N THR A 27 -6.49 0.84 4.06
CA THR A 27 -7.27 -0.14 4.81
C THR A 27 -7.37 -1.46 4.04
N TRP A 28 -6.52 -2.41 4.41
CA TRP A 28 -6.51 -3.72 3.76
C TRP A 28 -7.04 -4.79 4.70
N GLU A 29 -7.37 -5.96 4.13
CA GLU A 29 -7.89 -7.06 4.93
C GLU A 29 -7.18 -8.36 4.57
N PRO A 30 -7.26 -9.36 5.48
CA PRO A 30 -6.63 -10.66 5.28
C PRO A 30 -7.30 -11.47 4.18
N PRO A 31 -6.50 -12.03 3.27
CA PRO A 31 -7.00 -12.84 2.15
C PRO A 31 -7.56 -14.18 2.63
N ALA A 32 -8.59 -14.66 1.93
CA ALA A 32 -9.21 -15.93 2.27
C ALA A 32 -8.62 -17.07 1.44
N TYR A 33 -8.40 -16.81 0.16
CA TYR A 33 -7.85 -17.82 -0.74
C TYR A 33 -6.32 -17.70 -0.80
N ALA A 34 -5.70 -17.53 0.35
CA ALA A 34 -4.24 -17.40 0.43
C ALA A 34 -3.61 -18.74 0.82
N ASN A 35 -2.34 -18.90 0.47
CA ASN A 35 -1.61 -20.12 0.78
C ASN A 35 -1.08 -20.09 2.20
N GLY A 36 -1.81 -20.72 3.12
CA GLY A 36 -1.39 -20.76 4.51
C GLY A 36 -1.63 -19.45 5.22
N PRO A 37 -0.93 -19.24 6.34
CA PRO A 37 -1.06 -18.01 7.14
C PRO A 37 -0.48 -16.79 6.42
N VAL A 38 -0.49 -15.66 7.11
CA VAL A 38 0.03 -14.42 6.54
C VAL A 38 0.92 -13.69 7.55
N GLN A 39 2.23 -13.91 7.45
CA GLN A 39 3.18 -13.28 8.36
C GLN A 39 2.84 -11.80 8.55
N GLY A 40 2.56 -11.11 7.45
CA GLY A 40 2.22 -9.70 7.53
C GLY A 40 1.93 -9.10 6.17
N TYR A 41 2.34 -7.86 5.96
CA TYR A 41 2.12 -7.17 4.70
C TYR A 41 3.24 -6.20 4.39
N ARG A 42 3.56 -6.04 3.11
CA ARG A 42 4.62 -5.14 2.68
C ARG A 42 4.07 -4.04 1.79
N LEU A 43 4.36 -2.79 2.14
CA LEU A 43 3.89 -1.65 1.37
C LEU A 43 5.06 -0.99 0.61
N PHE A 44 4.78 -0.54 -0.61
CA PHE A 44 5.79 0.10 -1.44
C PHE A 44 5.33 1.49 -1.88
N CYS A 45 6.04 2.51 -1.43
CA CYS A 45 5.69 3.89 -1.77
C CYS A 45 6.71 4.46 -2.77
N THR A 46 6.23 4.84 -3.94
CA THR A 46 7.09 5.40 -4.97
C THR A 46 6.56 6.74 -5.47
N GLU A 47 7.46 7.70 -5.65
CA GLU A 47 7.08 9.03 -6.11
C GLU A 47 7.18 9.12 -7.63
N VAL A 48 6.07 9.42 -8.28
CA VAL A 48 6.03 9.55 -9.73
C VAL A 48 6.81 10.76 -10.20
N SER A 49 6.87 11.79 -9.36
CA SER A 49 7.57 13.02 -9.69
C SER A 49 9.07 12.76 -9.81
N THR A 50 9.63 12.05 -8.83
CA THR A 50 11.05 11.72 -8.83
C THR A 50 11.30 10.31 -9.33
N GLY A 51 10.64 9.34 -8.71
CA GLY A 51 10.81 7.95 -9.11
C GLY A 51 11.45 7.11 -8.03
N LYS A 52 11.63 7.70 -6.85
CA LYS A 52 12.24 6.99 -5.73
C LYS A 52 11.25 6.04 -5.08
N GLU A 53 11.71 4.84 -4.74
CA GLU A 53 10.87 3.84 -4.11
C GLU A 53 11.32 3.58 -2.67
N GLN A 54 10.34 3.47 -1.76
CA GLN A 54 10.64 3.23 -0.36
C GLN A 54 9.73 2.14 0.20
N ASN A 55 10.33 1.03 0.62
CA ASN A 55 9.57 -0.09 1.19
C ASN A 55 9.33 0.11 2.68
N ILE A 56 8.09 -0.07 3.11
CA ILE A 56 7.73 0.09 4.51
C ILE A 56 6.98 -1.14 5.02
N GLU A 57 7.35 -1.60 6.21
CA GLU A 57 6.71 -2.76 6.82
C GLU A 57 5.74 -2.34 7.92
N VAL A 58 4.46 -2.57 7.68
CA VAL A 58 3.43 -2.21 8.65
C VAL A 58 2.70 -3.46 9.16
N ASP A 59 1.81 -3.26 10.13
CA ASP A 59 1.05 -4.36 10.70
C ASP A 59 -0.41 -3.98 10.88
N GLY A 60 -1.24 -4.95 11.23
CA GLY A 60 -2.65 -4.70 11.43
C GLY A 60 -3.41 -4.61 10.11
N LEU A 61 -4.50 -3.85 10.11
CA LEU A 61 -5.31 -3.68 8.91
C LEU A 61 -5.66 -2.21 8.69
N SER A 62 -4.72 -1.34 9.02
CA SER A 62 -4.92 0.11 8.86
C SER A 62 -3.65 0.87 9.19
N TYR A 63 -3.18 1.66 8.23
CA TYR A 63 -1.96 2.45 8.42
C TYR A 63 -2.08 3.81 7.74
N LYS A 64 -1.92 4.86 8.52
CA LYS A 64 -2.02 6.23 8.01
C LYS A 64 -0.64 6.77 7.66
N LEU A 65 -0.38 6.93 6.37
CA LEU A 65 0.90 7.45 5.89
C LEU A 65 1.00 8.96 6.12
N GLU A 66 2.19 9.44 6.42
CA GLU A 66 2.43 10.86 6.66
C GLU A 66 3.80 11.28 6.15
N GLY A 67 3.95 12.57 5.90
CA GLY A 67 5.23 13.09 5.41
C GLY A 67 5.29 13.14 3.90
N LEU A 68 4.13 13.28 3.26
CA LEU A 68 4.06 13.35 1.80
C LEU A 68 3.96 14.79 1.33
N LYS A 69 3.81 14.97 0.03
CA LYS A 69 3.69 16.30 -0.56
C LYS A 69 2.22 16.71 -0.68
N LYS A 70 1.96 17.99 -0.41
CA LYS A 70 0.60 18.52 -0.48
C LYS A 70 -0.20 17.82 -1.56
N PHE A 71 0.13 18.10 -2.82
CA PHE A 71 -0.56 17.49 -3.95
C PHE A 71 0.44 16.89 -4.94
N THR A 72 0.61 15.57 -4.88
CA THR A 72 1.54 14.89 -5.76
C THR A 72 1.09 13.45 -6.02
N GLU A 73 0.78 13.14 -7.27
CA GLU A 73 0.35 11.81 -7.65
C GLU A 73 1.35 10.75 -7.20
N TYR A 74 0.98 9.98 -6.18
CA TYR A 74 1.86 8.95 -5.65
C TYR A 74 1.39 7.56 -6.10
N SER A 75 2.34 6.64 -6.24
CA SER A 75 2.03 5.29 -6.67
C SER A 75 2.43 4.27 -5.60
N LEU A 76 1.44 3.61 -5.02
CA LEU A 76 1.69 2.61 -3.99
C LEU A 76 1.34 1.21 -4.48
N ARG A 77 1.85 0.20 -3.78
CA ARG A 77 1.60 -1.18 -4.15
C ARG A 77 1.56 -2.08 -2.91
N PHE A 78 0.46 -2.80 -2.75
CA PHE A 78 0.29 -3.70 -1.60
C PHE A 78 0.32 -5.15 -2.05
N LEU A 79 0.83 -6.03 -1.17
CA LEU A 79 0.91 -7.45 -1.48
C LEU A 79 1.00 -8.27 -0.20
N ALA A 80 0.63 -9.54 -0.28
CA ALA A 80 0.69 -10.43 0.87
C ALA A 80 1.91 -11.35 0.80
N TYR A 81 2.49 -11.63 1.96
CA TYR A 81 3.67 -12.48 2.03
C TYR A 81 3.68 -13.30 3.32
N ASN A 82 3.97 -14.59 3.20
CA ASN A 82 4.01 -15.48 4.36
C ASN A 82 5.34 -16.23 4.43
N ARG A 83 5.48 -17.10 5.42
CA ARG A 83 6.70 -17.89 5.59
C ARG A 83 7.32 -18.22 4.24
N TYR A 84 6.47 -18.60 3.29
CA TYR A 84 6.94 -18.96 1.95
C TYR A 84 7.54 -17.75 1.25
N GLY A 85 6.76 -16.68 1.13
CA GLY A 85 7.23 -15.47 0.47
C GLY A 85 6.10 -14.62 -0.06
N PRO A 86 6.45 -13.54 -0.77
CA PRO A 86 5.47 -12.63 -1.35
C PRO A 86 4.70 -13.26 -2.51
N GLY A 87 3.38 -13.13 -2.47
CA GLY A 87 2.55 -13.68 -3.52
C GLY A 87 2.20 -12.68 -4.59
N VAL A 88 0.98 -12.77 -5.12
CA VAL A 88 0.53 -11.85 -6.16
C VAL A 88 0.32 -10.44 -5.61
N SER A 89 0.87 -9.45 -6.30
CA SER A 89 0.75 -8.06 -5.89
C SER A 89 -0.46 -7.40 -6.53
N THR A 90 -0.92 -6.30 -5.93
CA THR A 90 -2.08 -5.57 -6.45
C THR A 90 -1.65 -4.54 -7.48
N ASP A 91 -2.62 -4.01 -8.22
CA ASP A 91 -2.34 -3.01 -9.24
C ASP A 91 -1.87 -1.70 -8.61
N ASP A 92 -0.96 -1.02 -9.29
CA ASP A 92 -0.42 0.24 -8.78
C ASP A 92 -1.55 1.16 -8.32
N ILE A 93 -1.56 1.47 -7.03
CA ILE A 93 -2.59 2.34 -6.45
C ILE A 93 -2.18 3.81 -6.56
N THR A 94 -2.81 4.53 -7.49
CA THR A 94 -2.52 5.94 -7.68
C THR A 94 -3.48 6.82 -6.89
N VAL A 95 -2.95 7.50 -5.88
CA VAL A 95 -3.77 8.39 -5.06
C VAL A 95 -3.11 9.75 -4.90
N VAL A 96 -3.68 10.75 -5.57
CA VAL A 96 -3.15 12.11 -5.52
C VAL A 96 -3.53 12.78 -4.20
N THR A 97 -2.52 13.12 -3.39
CA THR A 97 -2.75 13.77 -2.11
C THR A 97 -3.64 14.99 -2.27
N LEU A 98 -4.37 15.33 -1.21
CA LEU A 98 -5.27 16.48 -1.23
C LEU A 98 -4.49 17.76 -1.55
N SER A 99 -5.18 18.89 -1.49
CA SER A 99 -4.56 20.18 -1.78
C SER A 99 -5.01 21.23 -0.77
N ASP A 100 -4.12 21.58 0.15
CA ASP A 100 -4.43 22.57 1.17
C ASP A 100 -4.80 23.90 0.54
N SER A 101 -3.88 24.47 -0.23
CA SER A 101 -4.11 25.76 -0.89
C SER A 101 -5.35 25.68 -1.79
N GLY A 102 -6.13 26.76 -1.80
CA GLY A 102 -7.33 26.80 -2.61
C GLY A 102 -8.51 27.38 -1.87
N PRO A 103 -8.44 28.69 -1.57
CA PRO A 103 -9.51 29.39 -0.85
C PRO A 103 -10.77 29.55 -1.70
N SER A 104 -11.83 30.06 -1.08
CA SER A 104 -13.09 30.26 -1.77
C SER A 104 -13.00 31.42 -2.75
N SER A 105 -14.05 31.61 -3.55
CA SER A 105 -14.08 32.69 -4.53
C SER A 105 -14.80 33.92 -3.97
N GLY A 106 -16.04 33.71 -3.53
CA GLY A 106 -16.81 34.81 -2.98
C GLY A 106 -18.15 34.35 -2.42
N GLY A 1 9.26 -25.36 -10.14
CA GLY A 1 8.86 -26.23 -9.05
C GLY A 1 8.76 -25.51 -7.72
N SER A 2 7.62 -24.86 -7.49
CA SER A 2 7.42 -24.11 -6.24
C SER A 2 6.16 -24.63 -5.52
N SER A 3 6.26 -25.82 -4.95
CA SER A 3 5.14 -26.41 -4.23
C SER A 3 5.30 -26.22 -2.73
N GLY A 4 6.50 -26.51 -2.23
CA GLY A 4 6.77 -26.36 -0.81
C GLY A 4 6.52 -24.95 -0.31
N SER A 5 6.90 -23.96 -1.13
CA SER A 5 6.72 -22.56 -0.76
C SER A 5 5.94 -21.81 -1.85
N SER A 6 4.67 -21.54 -1.57
CA SER A 6 3.82 -20.83 -2.52
C SER A 6 3.42 -19.47 -1.98
N GLY A 7 3.38 -18.48 -2.85
CA GLY A 7 3.00 -17.13 -2.45
C GLY A 7 1.52 -17.02 -2.13
N PRO A 8 1.19 -16.23 -1.09
CA PRO A 8 -0.19 -16.03 -0.67
C PRO A 8 -0.98 -15.19 -1.65
N GLY A 9 -2.29 -15.42 -1.70
CA GLY A 9 -3.14 -14.66 -2.61
C GLY A 9 -3.18 -13.19 -2.29
N PRO A 10 -3.72 -12.39 -3.22
CA PRO A 10 -3.82 -10.94 -3.06
C PRO A 10 -4.85 -10.55 -1.98
N VAL A 11 -4.40 -9.77 -1.01
CA VAL A 11 -5.27 -9.33 0.07
C VAL A 11 -6.62 -8.85 -0.46
N GLU A 12 -7.59 -8.71 0.43
CA GLU A 12 -8.92 -8.26 0.04
C GLU A 12 -9.27 -6.95 0.73
N ASN A 13 -10.39 -6.36 0.34
CA ASN A 13 -10.85 -5.10 0.91
C ASN A 13 -9.69 -4.11 1.03
N LEU A 14 -8.90 -3.99 -0.03
CA LEU A 14 -7.76 -3.09 -0.04
C LEU A 14 -8.12 -1.77 -0.70
N GLN A 15 -8.02 -0.68 0.06
CA GLN A 15 -8.33 0.65 -0.46
C GLN A 15 -7.47 1.71 0.23
N ALA A 16 -6.92 2.61 -0.58
CA ALA A 16 -6.08 3.68 -0.06
C ALA A 16 -6.59 5.05 -0.48
N VAL A 17 -6.66 5.98 0.47
CA VAL A 17 -7.14 7.33 0.19
C VAL A 17 -6.60 8.33 1.20
N SER A 18 -6.26 9.52 0.73
CA SER A 18 -5.73 10.57 1.60
C SER A 18 -6.85 11.45 2.14
N THR A 19 -6.76 11.81 3.42
CA THR A 19 -7.76 12.65 4.05
C THR A 19 -7.18 14.01 4.44
N SER A 20 -5.90 14.21 4.11
CA SER A 20 -5.22 15.46 4.43
C SER A 20 -4.23 15.83 3.34
N PRO A 21 -3.62 17.02 3.47
CA PRO A 21 -2.63 17.51 2.50
C PRO A 21 -1.57 16.47 2.17
N THR A 22 -1.02 15.84 3.21
CA THR A 22 0.01 14.83 3.02
C THR A 22 -0.27 13.61 3.90
N SER A 23 -0.98 12.63 3.36
CA SER A 23 -1.30 11.42 4.09
C SER A 23 -1.84 10.34 3.16
N ILE A 24 -2.08 9.16 3.71
CA ILE A 24 -2.58 8.04 2.91
C ILE A 24 -3.16 6.95 3.81
N LEU A 25 -4.49 6.87 3.86
CA LEU A 25 -5.16 5.87 4.69
C LEU A 25 -5.34 4.57 3.91
N ILE A 26 -4.53 3.57 4.25
CA ILE A 26 -4.60 2.28 3.59
C ILE A 26 -5.35 1.27 4.45
N THR A 27 -6.53 0.86 3.98
CA THR A 27 -7.35 -0.10 4.70
C THR A 27 -7.41 -1.44 3.96
N TRP A 28 -6.55 -2.37 4.38
CA TRP A 28 -6.51 -3.68 3.75
C TRP A 28 -7.02 -4.76 4.70
N GLU A 29 -7.12 -5.99 4.22
CA GLU A 29 -7.61 -7.10 5.02
C GLU A 29 -6.88 -8.39 4.67
N PRO A 30 -6.93 -9.38 5.58
CA PRO A 30 -6.27 -10.68 5.38
C PRO A 30 -6.97 -11.51 4.31
N PRO A 31 -6.16 -12.09 3.41
CA PRO A 31 -6.67 -12.93 2.32
C PRO A 31 -7.25 -14.25 2.82
N ALA A 32 -8.55 -14.43 2.63
CA ALA A 32 -9.22 -15.66 3.07
C ALA A 32 -8.78 -16.85 2.22
N TYR A 33 -8.62 -16.63 0.92
CA TYR A 33 -8.21 -17.68 0.00
C TYR A 33 -6.70 -17.62 -0.26
N ALA A 34 -5.94 -17.38 0.80
CA ALA A 34 -4.49 -17.30 0.68
C ALA A 34 -3.85 -18.67 0.88
N ASN A 35 -2.53 -18.72 0.72
CA ASN A 35 -1.78 -19.98 0.88
C ASN A 35 -1.17 -20.07 2.27
N GLY A 36 -1.97 -20.50 3.25
CA GLY A 36 -1.47 -20.64 4.60
C GLY A 36 -1.60 -19.34 5.39
N PRO A 37 -0.77 -19.19 6.43
CA PRO A 37 -0.77 -18.00 7.27
C PRO A 37 -0.25 -16.77 6.55
N VAL A 38 -0.23 -15.64 7.25
CA VAL A 38 0.25 -14.38 6.67
C VAL A 38 1.19 -13.65 7.63
N GLN A 39 2.49 -13.87 7.46
CA GLN A 39 3.48 -13.22 8.31
C GLN A 39 3.16 -11.74 8.50
N GLY A 40 2.75 -11.09 7.42
CA GLY A 40 2.43 -9.67 7.47
C GLY A 40 2.11 -9.09 6.12
N TYR A 41 2.49 -7.84 5.91
CA TYR A 41 2.24 -7.16 4.65
C TYR A 41 3.32 -6.11 4.37
N ARG A 42 3.59 -5.88 3.09
CA ARG A 42 4.60 -4.91 2.68
C ARG A 42 3.99 -3.81 1.81
N LEU A 43 4.37 -2.57 2.08
CA LEU A 43 3.86 -1.43 1.32
C LEU A 43 4.99 -0.69 0.63
N PHE A 44 4.89 -0.58 -0.70
CA PHE A 44 5.91 0.11 -1.49
C PHE A 44 5.36 1.40 -2.07
N CYS A 45 5.86 2.54 -1.60
CA CYS A 45 5.42 3.83 -2.07
C CYS A 45 6.46 4.47 -2.99
N THR A 46 6.03 4.84 -4.19
CA THR A 46 6.93 5.45 -5.17
C THR A 46 6.49 6.87 -5.51
N GLU A 47 7.44 7.78 -5.57
CA GLU A 47 7.15 9.18 -5.89
C GLU A 47 7.22 9.41 -7.39
N VAL A 48 6.06 9.39 -8.04
CA VAL A 48 5.99 9.60 -9.49
C VAL A 48 6.83 10.79 -9.90
N SER A 49 6.86 11.82 -9.06
CA SER A 49 7.62 13.03 -9.35
C SER A 49 9.09 12.69 -9.64
N THR A 50 9.74 12.08 -8.66
CA THR A 50 11.14 11.70 -8.80
C THR A 50 11.28 10.31 -9.42
N GLY A 51 10.62 9.33 -8.82
CA GLY A 51 10.67 7.97 -9.32
C GLY A 51 11.35 7.02 -8.35
N LYS A 52 11.49 7.45 -7.10
CA LYS A 52 12.12 6.63 -6.07
C LYS A 52 11.08 5.87 -5.26
N GLU A 53 11.31 4.58 -5.08
CA GLU A 53 10.39 3.73 -4.34
C GLU A 53 10.88 3.54 -2.90
N GLN A 54 9.94 3.32 -1.99
CA GLN A 54 10.28 3.11 -0.58
C GLN A 54 9.52 1.93 0.00
N ASN A 55 10.21 1.11 0.77
CA ASN A 55 9.61 -0.07 1.39
C ASN A 55 9.13 0.24 2.80
N ILE A 56 7.97 -0.29 3.17
CA ILE A 56 7.40 -0.08 4.49
C ILE A 56 6.71 -1.32 5.00
N GLU A 57 6.93 -1.63 6.28
CA GLU A 57 6.31 -2.81 6.90
C GLU A 57 5.29 -2.41 7.94
N VAL A 58 4.01 -2.56 7.59
CA VAL A 58 2.92 -2.20 8.51
C VAL A 58 2.18 -3.45 8.97
N ASP A 59 1.85 -3.48 10.26
CA ASP A 59 1.14 -4.61 10.84
C ASP A 59 -0.28 -4.22 11.22
N GLY A 60 -1.25 -4.90 10.62
CA GLY A 60 -2.65 -4.61 10.90
C GLY A 60 -3.50 -4.56 9.65
N LEU A 61 -4.48 -3.66 9.64
CA LEU A 61 -5.37 -3.51 8.49
C LEU A 61 -5.46 -2.05 8.05
N SER A 62 -5.18 -1.15 8.98
CA SER A 62 -5.23 0.28 8.70
C SER A 62 -3.92 0.96 9.10
N TYR A 63 -3.41 1.81 8.21
CA TYR A 63 -2.16 2.52 8.47
C TYR A 63 -2.20 3.91 7.85
N LYS A 64 -2.06 4.93 8.69
CA LYS A 64 -2.07 6.31 8.23
C LYS A 64 -0.66 6.77 7.86
N LEU A 65 -0.45 7.03 6.57
CA LEU A 65 0.85 7.48 6.10
C LEU A 65 1.01 8.99 6.29
N GLU A 66 2.25 9.42 6.51
CA GLU A 66 2.54 10.84 6.71
C GLU A 66 3.90 11.19 6.16
N GLY A 67 4.14 12.49 5.93
CA GLY A 67 5.41 12.94 5.40
C GLY A 67 5.45 12.92 3.89
N LEU A 68 4.31 13.21 3.27
CA LEU A 68 4.22 13.23 1.81
C LEU A 68 4.13 14.66 1.28
N LYS A 69 3.92 14.79 -0.02
CA LYS A 69 3.81 16.10 -0.64
C LYS A 69 2.36 16.56 -0.70
N LYS A 70 2.13 17.84 -0.46
CA LYS A 70 0.79 18.41 -0.50
C LYS A 70 -0.07 17.73 -1.55
N PHE A 71 0.22 18.02 -2.82
CA PHE A 71 -0.52 17.45 -3.93
C PHE A 71 0.44 16.84 -4.96
N THR A 72 0.62 15.52 -4.90
CA THR A 72 1.50 14.83 -5.83
C THR A 72 0.98 13.43 -6.11
N GLU A 73 1.08 13.02 -7.39
CA GLU A 73 0.63 11.70 -7.79
C GLU A 73 1.52 10.61 -7.21
N TYR A 74 1.04 9.97 -6.15
CA TYR A 74 1.79 8.90 -5.49
C TYR A 74 1.27 7.53 -5.90
N SER A 75 2.19 6.63 -6.21
CA SER A 75 1.82 5.27 -6.61
C SER A 75 2.30 4.25 -5.59
N LEU A 76 1.35 3.61 -4.92
CA LEU A 76 1.68 2.60 -3.92
C LEU A 76 1.42 1.19 -4.44
N ARG A 77 1.91 0.20 -3.72
CA ARG A 77 1.72 -1.19 -4.12
C ARG A 77 1.71 -2.11 -2.90
N PHE A 78 0.59 -2.80 -2.70
CA PHE A 78 0.44 -3.71 -1.56
C PHE A 78 0.40 -5.15 -2.03
N LEU A 79 0.88 -6.05 -1.18
CA LEU A 79 0.90 -7.48 -1.52
C LEU A 79 1.00 -8.32 -0.24
N ALA A 80 0.61 -9.60 -0.36
CA ALA A 80 0.67 -10.51 0.77
C ALA A 80 1.89 -11.41 0.69
N TYR A 81 2.47 -11.71 1.85
CA TYR A 81 3.65 -12.57 1.91
C TYR A 81 3.70 -13.34 3.23
N ASN A 82 4.01 -14.62 3.13
CA ASN A 82 4.09 -15.48 4.32
C ASN A 82 5.44 -16.19 4.39
N ARG A 83 5.59 -17.07 5.38
CA ARG A 83 6.83 -17.81 5.56
C ARG A 83 7.42 -18.22 4.21
N TYR A 84 6.53 -18.52 3.26
CA TYR A 84 6.96 -18.94 1.93
C TYR A 84 7.56 -17.77 1.16
N GLY A 85 6.80 -16.70 1.00
CA GLY A 85 7.28 -15.53 0.29
C GLY A 85 6.16 -14.66 -0.22
N PRO A 86 6.51 -13.54 -0.87
CA PRO A 86 5.55 -12.59 -1.43
C PRO A 86 4.80 -13.16 -2.63
N GLY A 87 3.48 -13.29 -2.49
CA GLY A 87 2.68 -13.82 -3.59
C GLY A 87 2.28 -12.75 -4.59
N VAL A 88 1.06 -12.87 -5.11
CA VAL A 88 0.56 -11.91 -6.08
C VAL A 88 0.38 -10.53 -5.44
N SER A 89 0.82 -9.49 -6.15
CA SER A 89 0.70 -8.12 -5.66
C SER A 89 -0.49 -7.41 -6.28
N THR A 90 -0.83 -6.24 -5.75
CA THR A 90 -1.95 -5.47 -6.24
C THR A 90 -1.49 -4.40 -7.23
N ASP A 91 -2.37 -4.03 -8.15
CA ASP A 91 -2.05 -3.01 -9.15
C ASP A 91 -1.65 -1.70 -8.48
N ASP A 92 -0.72 -0.98 -9.11
CA ASP A 92 -0.23 0.28 -8.57
C ASP A 92 -1.40 1.18 -8.17
N ILE A 93 -1.51 1.46 -6.88
CA ILE A 93 -2.59 2.31 -6.37
C ILE A 93 -2.21 3.77 -6.45
N THR A 94 -2.75 4.46 -7.46
CA THR A 94 -2.47 5.88 -7.65
C THR A 94 -3.39 6.74 -6.80
N VAL A 95 -2.82 7.46 -5.84
CA VAL A 95 -3.59 8.31 -4.95
C VAL A 95 -2.96 9.70 -4.85
N VAL A 96 -3.59 10.68 -5.49
CA VAL A 96 -3.10 12.06 -5.46
C VAL A 96 -3.47 12.75 -4.16
N THR A 97 -2.45 13.05 -3.36
CA THR A 97 -2.66 13.72 -2.07
C THR A 97 -3.51 14.96 -2.23
N LEU A 98 -4.27 15.30 -1.20
CA LEU A 98 -5.14 16.48 -1.23
C LEU A 98 -4.33 17.74 -1.53
N SER A 99 -4.99 18.89 -1.45
CA SER A 99 -4.33 20.17 -1.72
C SER A 99 -4.69 21.19 -0.64
N ASP A 100 -3.69 21.62 0.11
CA ASP A 100 -3.90 22.61 1.17
C ASP A 100 -3.97 24.02 0.59
N SER A 101 -4.77 24.19 -0.46
CA SER A 101 -4.91 25.48 -1.10
C SER A 101 -5.17 26.58 -0.07
N GLY A 102 -4.17 27.44 0.14
CA GLY A 102 -4.32 28.51 1.10
C GLY A 102 -2.98 29.06 1.55
N PRO A 103 -2.37 29.92 0.72
CA PRO A 103 -1.08 30.52 1.01
C PRO A 103 -1.16 31.55 2.15
N SER A 104 -2.36 32.08 2.37
CA SER A 104 -2.58 33.07 3.42
C SER A 104 -3.93 32.85 4.09
N SER A 105 -4.09 33.45 5.27
CA SER A 105 -5.33 33.32 6.02
C SER A 105 -6.42 34.23 5.44
N GLY A 106 -6.05 35.48 5.19
CA GLY A 106 -7.00 36.43 4.63
C GLY A 106 -6.62 36.89 3.24
N GLY A 1 3.86 -27.34 -10.63
CA GLY A 1 3.99 -26.59 -9.38
C GLY A 1 4.33 -27.50 -8.21
N SER A 2 3.81 -27.15 -7.03
CA SER A 2 4.08 -27.92 -5.83
C SER A 2 5.52 -28.40 -5.79
N SER A 3 6.44 -27.51 -6.17
CA SER A 3 7.86 -27.85 -6.19
C SER A 3 8.50 -27.55 -4.84
N GLY A 4 8.36 -26.31 -4.38
CA GLY A 4 8.93 -25.92 -3.10
C GLY A 4 8.01 -25.01 -2.31
N SER A 5 8.36 -23.73 -2.26
CA SER A 5 7.56 -22.76 -1.53
C SER A 5 6.42 -22.22 -2.39
N SER A 6 5.33 -21.83 -1.75
CA SER A 6 4.17 -21.31 -2.46
C SER A 6 3.77 -19.94 -1.91
N GLY A 7 3.57 -18.98 -2.82
CA GLY A 7 3.19 -17.64 -2.41
C GLY A 7 1.70 -17.51 -2.15
N PRO A 8 1.33 -16.64 -1.21
CA PRO A 8 -0.07 -16.40 -0.85
C PRO A 8 -0.85 -15.69 -1.95
N GLY A 9 -2.09 -15.34 -1.66
CA GLY A 9 -2.92 -14.65 -2.64
C GLY A 9 -3.02 -13.16 -2.37
N PRO A 10 -3.60 -12.43 -3.33
CA PRO A 10 -3.77 -10.97 -3.22
C PRO A 10 -4.80 -10.60 -2.17
N VAL A 11 -4.43 -9.69 -1.28
CA VAL A 11 -5.33 -9.24 -0.22
C VAL A 11 -6.66 -8.75 -0.80
N GLU A 12 -7.63 -8.57 0.08
CA GLU A 12 -8.95 -8.11 -0.35
C GLU A 12 -9.32 -6.80 0.33
N ASN A 13 -10.47 -6.25 -0.03
CA ASN A 13 -10.95 -4.99 0.55
C ASN A 13 -9.81 -3.99 0.68
N LEU A 14 -8.98 -3.91 -0.36
CA LEU A 14 -7.85 -2.98 -0.37
C LEU A 14 -8.26 -1.62 -0.91
N GLN A 15 -8.14 -0.59 -0.08
CA GLN A 15 -8.49 0.77 -0.48
C GLN A 15 -7.61 1.79 0.21
N ALA A 16 -7.24 2.84 -0.51
CA ALA A 16 -6.39 3.89 0.04
C ALA A 16 -7.00 5.26 -0.21
N VAL A 17 -6.89 6.14 0.79
CA VAL A 17 -7.43 7.49 0.68
C VAL A 17 -6.73 8.44 1.65
N SER A 18 -6.36 9.62 1.16
CA SER A 18 -5.68 10.61 1.97
C SER A 18 -6.68 11.52 2.69
N THR A 19 -6.56 11.60 4.01
CA THR A 19 -7.45 12.43 4.80
C THR A 19 -6.77 13.71 5.25
N SER A 20 -5.81 14.17 4.45
CA SER A 20 -5.08 15.39 4.77
C SER A 20 -4.20 15.81 3.60
N PRO A 21 -3.60 17.01 3.70
CA PRO A 21 -2.72 17.55 2.67
C PRO A 21 -1.67 16.54 2.22
N THR A 22 -1.02 15.89 3.18
CA THR A 22 0.00 14.91 2.89
C THR A 22 -0.17 13.66 3.74
N SER A 23 -0.92 12.69 3.22
CA SER A 23 -1.17 11.45 3.95
C SER A 23 -1.79 10.40 3.03
N ILE A 24 -1.96 9.20 3.55
CA ILE A 24 -2.54 8.10 2.77
C ILE A 24 -3.02 6.97 3.69
N LEU A 25 -4.34 6.89 3.86
CA LEU A 25 -4.94 5.85 4.70
C LEU A 25 -5.18 4.57 3.92
N ILE A 26 -4.31 3.59 4.11
CA ILE A 26 -4.43 2.31 3.42
C ILE A 26 -5.14 1.28 4.29
N THR A 27 -6.34 0.89 3.90
CA THR A 27 -7.13 -0.09 4.64
C THR A 27 -7.25 -1.39 3.86
N TRP A 28 -6.43 -2.37 4.21
CA TRP A 28 -6.45 -3.66 3.55
C TRP A 28 -7.03 -4.73 4.47
N GLU A 29 -7.15 -5.96 3.94
CA GLU A 29 -7.69 -7.07 4.71
C GLU A 29 -7.03 -8.38 4.31
N PRO A 30 -7.18 -9.40 5.18
CA PRO A 30 -6.60 -10.72 4.93
C PRO A 30 -7.30 -11.47 3.79
N PRO A 31 -6.51 -12.03 2.87
CA PRO A 31 -7.03 -12.77 1.73
C PRO A 31 -7.68 -14.10 2.14
N ALA A 32 -8.72 -14.49 1.42
CA ALA A 32 -9.42 -15.74 1.71
C ALA A 32 -8.73 -16.92 1.03
N TYR A 33 -8.35 -16.73 -0.22
CA TYR A 33 -7.69 -17.79 -0.99
C TYR A 33 -6.18 -17.62 -0.93
N ALA A 34 -5.61 -17.78 0.26
CA ALA A 34 -4.17 -17.66 0.45
C ALA A 34 -3.55 -18.98 0.89
N ASN A 35 -2.35 -19.25 0.42
CA ASN A 35 -1.64 -20.49 0.77
C ASN A 35 -1.14 -20.44 2.21
N GLY A 36 -2.03 -20.74 3.15
CA GLY A 36 -1.66 -20.73 4.55
C GLY A 36 -1.91 -19.38 5.21
N PRO A 37 -1.24 -19.14 6.34
CA PRO A 37 -1.36 -17.89 7.09
C PRO A 37 -0.73 -16.72 6.36
N VAL A 38 -0.66 -15.56 7.03
CA VAL A 38 -0.07 -14.37 6.44
C VAL A 38 0.87 -13.68 7.43
N GLN A 39 2.16 -13.99 7.33
CA GLN A 39 3.16 -13.40 8.21
C GLN A 39 2.86 -11.93 8.44
N GLY A 40 2.55 -11.20 7.38
CA GLY A 40 2.26 -9.79 7.48
C GLY A 40 1.93 -9.15 6.16
N TYR A 41 2.31 -7.89 5.99
CA TYR A 41 2.05 -7.16 4.76
C TYR A 41 3.15 -6.14 4.48
N ARG A 42 3.60 -6.08 3.23
CA ARG A 42 4.65 -5.15 2.84
C ARG A 42 4.09 -4.04 1.96
N LEU A 43 4.47 -2.81 2.24
CA LEU A 43 4.00 -1.66 1.47
C LEU A 43 5.17 -0.98 0.75
N PHE A 44 4.91 -0.53 -0.48
CA PHE A 44 5.93 0.13 -1.28
C PHE A 44 5.41 1.44 -1.86
N CYS A 45 5.96 2.55 -1.40
CA CYS A 45 5.55 3.87 -1.86
C CYS A 45 6.54 4.41 -2.89
N THR A 46 6.03 4.75 -4.08
CA THR A 46 6.87 5.28 -5.14
C THR A 46 6.35 6.63 -5.63
N GLU A 47 7.23 7.62 -5.66
CA GLU A 47 6.86 8.97 -6.10
C GLU A 47 6.94 9.07 -7.63
N VAL A 48 5.80 9.32 -8.26
CA VAL A 48 5.74 9.44 -9.71
C VAL A 48 6.48 10.69 -10.18
N SER A 49 6.53 11.71 -9.32
CA SER A 49 7.20 12.96 -9.65
C SER A 49 8.69 12.73 -9.89
N THR A 50 9.33 12.03 -8.95
CA THR A 50 10.76 11.73 -9.07
C THR A 50 10.99 10.34 -9.60
N GLY A 51 10.40 9.34 -8.96
CA GLY A 51 10.56 7.96 -9.39
C GLY A 51 11.24 7.10 -8.34
N LYS A 52 11.36 7.62 -7.14
CA LYS A 52 12.00 6.89 -6.04
C LYS A 52 10.99 5.98 -5.34
N GLU A 53 11.47 4.83 -4.89
CA GLU A 53 10.61 3.87 -4.21
C GLU A 53 11.11 3.61 -2.78
N GLN A 54 10.17 3.56 -1.84
CA GLN A 54 10.52 3.33 -0.44
C GLN A 54 9.70 2.18 0.14
N ASN A 55 10.39 1.16 0.64
CA ASN A 55 9.73 0.00 1.22
C ASN A 55 9.40 0.23 2.70
N ILE A 56 8.24 -0.24 3.13
CA ILE A 56 7.83 -0.09 4.51
C ILE A 56 7.12 -1.34 5.02
N GLU A 57 7.34 -1.68 6.29
CA GLU A 57 6.73 -2.85 6.89
C GLU A 57 5.73 -2.45 7.97
N VAL A 58 4.45 -2.62 7.68
CA VAL A 58 3.39 -2.28 8.63
C VAL A 58 2.63 -3.51 9.07
N ASP A 59 1.85 -3.37 10.15
CA ASP A 59 1.07 -4.48 10.68
C ASP A 59 -0.33 -4.02 11.06
N GLY A 60 -1.34 -4.76 10.62
CA GLY A 60 -2.71 -4.41 10.93
C GLY A 60 -3.60 -4.36 9.70
N LEU A 61 -4.78 -3.79 9.84
CA LEU A 61 -5.73 -3.68 8.72
C LEU A 61 -5.94 -2.22 8.34
N SER A 62 -4.99 -1.38 8.69
CA SER A 62 -5.07 0.05 8.38
C SER A 62 -3.79 0.77 8.77
N TYR A 63 -3.31 1.63 7.88
CA TYR A 63 -2.09 2.38 8.13
C TYR A 63 -2.17 3.77 7.50
N LYS A 64 -2.07 4.81 8.34
CA LYS A 64 -2.12 6.18 7.86
C LYS A 64 -0.73 6.71 7.56
N LEU A 65 -0.45 6.95 6.29
CA LEU A 65 0.85 7.46 5.86
C LEU A 65 0.92 8.97 6.05
N GLU A 66 2.12 9.46 6.35
CA GLU A 66 2.33 10.89 6.54
C GLU A 66 3.72 11.31 6.07
N GLY A 67 3.88 12.60 5.79
CA GLY A 67 5.16 13.10 5.33
C GLY A 67 5.26 13.14 3.81
N LEU A 68 4.13 13.31 3.15
CA LEU A 68 4.09 13.36 1.69
C LEU A 68 3.99 14.80 1.19
N LYS A 69 3.81 14.96 -0.11
CA LYS A 69 3.69 16.27 -0.72
C LYS A 69 2.23 16.72 -0.79
N LYS A 70 1.99 17.99 -0.50
CA LYS A 70 0.64 18.54 -0.53
C LYS A 70 -0.22 17.82 -1.57
N PHE A 71 0.06 18.09 -2.84
CA PHE A 71 -0.70 17.46 -3.93
C PHE A 71 0.25 16.89 -4.97
N THR A 72 0.45 15.57 -4.92
CA THR A 72 1.32 14.89 -5.87
C THR A 72 0.88 13.45 -6.10
N GLU A 73 0.51 13.14 -7.33
CA GLU A 73 0.06 11.80 -7.68
C GLU A 73 1.10 10.76 -7.27
N TYR A 74 0.78 9.97 -6.26
CA TYR A 74 1.68 8.94 -5.77
C TYR A 74 1.20 7.55 -6.18
N SER A 75 2.13 6.60 -6.25
CA SER A 75 1.79 5.24 -6.62
C SER A 75 2.36 4.24 -5.62
N LEU A 76 1.47 3.61 -4.86
CA LEU A 76 1.87 2.63 -3.86
C LEU A 76 1.60 1.21 -4.34
N ARG A 77 2.12 0.23 -3.61
CA ARG A 77 1.93 -1.17 -3.96
C ARG A 77 1.79 -2.04 -2.71
N PHE A 78 0.78 -2.89 -2.70
CA PHE A 78 0.54 -3.77 -1.56
C PHE A 78 0.48 -5.23 -1.99
N LEU A 79 0.96 -6.12 -1.13
CA LEU A 79 0.95 -7.56 -1.44
C LEU A 79 1.03 -8.38 -0.16
N ALA A 80 0.58 -9.63 -0.24
CA ALA A 80 0.59 -10.52 0.90
C ALA A 80 1.82 -11.42 0.88
N TYR A 81 2.45 -11.59 2.03
CA TYR A 81 3.64 -12.43 2.14
C TYR A 81 3.55 -13.36 3.35
N ASN A 82 3.81 -14.64 3.13
CA ASN A 82 3.76 -15.62 4.20
C ASN A 82 5.12 -16.28 4.40
N ARG A 83 5.17 -17.26 5.30
CA ARG A 83 6.41 -17.97 5.59
C ARG A 83 7.10 -18.40 4.30
N TYR A 84 6.30 -18.82 3.31
CA TYR A 84 6.84 -19.27 2.04
C TYR A 84 7.44 -18.10 1.26
N GLY A 85 6.71 -16.99 1.19
CA GLY A 85 7.19 -15.83 0.48
C GLY A 85 6.05 -14.95 -0.04
N PRO A 86 6.42 -13.85 -0.70
CA PRO A 86 5.44 -12.90 -1.26
C PRO A 86 4.69 -13.49 -2.45
N GLY A 87 3.38 -13.23 -2.50
CA GLY A 87 2.57 -13.74 -3.59
C GLY A 87 2.21 -12.67 -4.59
N VAL A 88 0.96 -12.67 -5.04
CA VAL A 88 0.49 -11.69 -6.01
C VAL A 88 0.25 -10.34 -5.35
N SER A 89 0.74 -9.28 -5.99
CA SER A 89 0.58 -7.93 -5.47
C SER A 89 -0.53 -7.18 -6.19
N THR A 90 -1.17 -6.26 -5.49
CA THR A 90 -2.26 -5.47 -6.07
C THR A 90 -1.73 -4.47 -7.09
N ASP A 91 -2.62 -4.00 -7.96
CA ASP A 91 -2.24 -3.04 -8.99
C ASP A 91 -1.84 -1.71 -8.36
N ASP A 92 -0.74 -1.14 -8.83
CA ASP A 92 -0.25 0.14 -8.32
C ASP A 92 -1.41 1.04 -7.91
N ILE A 93 -1.50 1.34 -6.62
CA ILE A 93 -2.56 2.19 -6.10
C ILE A 93 -2.19 3.67 -6.24
N THR A 94 -2.85 4.36 -7.17
CA THR A 94 -2.59 5.77 -7.39
C THR A 94 -3.53 6.65 -6.57
N VAL A 95 -2.97 7.36 -5.60
CA VAL A 95 -3.77 8.23 -4.75
C VAL A 95 -3.14 9.63 -4.65
N VAL A 96 -3.80 10.60 -5.28
CA VAL A 96 -3.31 11.97 -5.26
C VAL A 96 -3.59 12.65 -3.93
N THR A 97 -2.54 13.09 -3.26
CA THR A 97 -2.68 13.75 -1.97
C THR A 97 -3.61 14.96 -2.06
N LEU A 98 -4.29 15.27 -0.96
CA LEU A 98 -5.22 16.39 -0.92
C LEU A 98 -4.50 17.69 -1.29
N SER A 99 -5.22 18.80 -1.17
CA SER A 99 -4.66 20.11 -1.49
C SER A 99 -5.12 21.16 -0.48
N ASP A 100 -4.22 21.55 0.41
CA ASP A 100 -4.54 22.55 1.42
C ASP A 100 -5.08 23.82 0.78
N SER A 101 -4.34 24.37 -0.16
CA SER A 101 -4.74 25.59 -0.85
C SER A 101 -6.07 25.39 -1.57
N GLY A 102 -6.96 26.36 -1.43
CA GLY A 102 -8.26 26.28 -2.06
C GLY A 102 -8.82 27.64 -2.44
N PRO A 103 -8.45 28.12 -3.63
CA PRO A 103 -8.90 29.43 -4.13
C PRO A 103 -10.39 29.43 -4.48
N SER A 104 -11.01 30.60 -4.37
CA SER A 104 -12.43 30.74 -4.67
C SER A 104 -12.64 31.59 -5.91
N SER A 105 -13.11 30.97 -6.99
CA SER A 105 -13.35 31.67 -8.24
C SER A 105 -14.69 32.40 -8.20
N GLY A 106 -14.95 33.08 -7.08
CA GLY A 106 -16.19 33.81 -6.94
C GLY A 106 -15.96 35.29 -6.67
N GLY A 1 -1.75 -29.78 -9.51
CA GLY A 1 -1.06 -28.72 -8.82
C GLY A 1 -0.02 -29.24 -7.84
N SER A 2 0.94 -28.39 -7.47
CA SER A 2 1.99 -28.79 -6.54
C SER A 2 1.75 -28.18 -5.16
N SER A 3 1.94 -28.99 -4.13
CA SER A 3 1.74 -28.53 -2.75
C SER A 3 3.07 -28.24 -2.08
N GLY A 4 3.05 -27.36 -1.08
CA GLY A 4 4.26 -27.01 -0.36
C GLY A 4 4.48 -25.51 -0.29
N SER A 5 5.53 -25.05 -0.95
CA SER A 5 5.85 -23.62 -0.96
C SER A 5 5.19 -22.92 -2.14
N SER A 6 4.30 -21.99 -1.84
CA SER A 6 3.60 -21.25 -2.88
C SER A 6 3.18 -19.86 -2.38
N GLY A 7 3.21 -18.88 -3.28
CA GLY A 7 2.85 -17.53 -2.89
C GLY A 7 1.37 -17.40 -2.58
N PRO A 8 1.05 -16.59 -1.55
CA PRO A 8 -0.33 -16.36 -1.13
C PRO A 8 -1.12 -15.55 -2.14
N GLY A 9 -2.39 -15.27 -1.81
CA GLY A 9 -3.23 -14.50 -2.71
C GLY A 9 -3.26 -13.03 -2.35
N PRO A 10 -3.73 -12.21 -3.30
CA PRO A 10 -3.82 -10.76 -3.10
C PRO A 10 -4.89 -10.36 -2.09
N VAL A 11 -4.51 -9.58 -1.10
CA VAL A 11 -5.43 -9.14 -0.07
C VAL A 11 -6.74 -8.63 -0.68
N GLU A 12 -7.77 -8.53 0.15
CA GLU A 12 -9.07 -8.06 -0.32
C GLU A 12 -9.48 -6.78 0.41
N ASN A 13 -10.57 -6.16 -0.05
CA ASN A 13 -11.06 -4.93 0.55
C ASN A 13 -9.92 -3.91 0.71
N LEU A 14 -9.04 -3.87 -0.28
CA LEU A 14 -7.92 -2.94 -0.26
C LEU A 14 -8.32 -1.60 -0.85
N GLN A 15 -8.06 -0.53 -0.09
CA GLN A 15 -8.40 0.81 -0.54
C GLN A 15 -7.58 1.85 0.21
N ALA A 16 -7.13 2.89 -0.51
CA ALA A 16 -6.33 3.94 0.10
C ALA A 16 -6.90 5.32 -0.25
N VAL A 17 -6.85 6.24 0.72
CA VAL A 17 -7.36 7.58 0.52
C VAL A 17 -6.72 8.56 1.49
N SER A 18 -6.31 9.72 0.97
CA SER A 18 -5.67 10.75 1.80
C SER A 18 -6.73 11.61 2.50
N THR A 19 -6.56 11.79 3.81
CA THR A 19 -7.49 12.58 4.59
C THR A 19 -6.87 13.92 4.99
N SER A 20 -5.89 14.36 4.20
CA SER A 20 -5.21 15.63 4.48
C SER A 20 -4.20 15.95 3.37
N PRO A 21 -3.54 17.11 3.50
CA PRO A 21 -2.55 17.56 2.52
C PRO A 21 -1.54 16.46 2.17
N THR A 22 -0.99 15.81 3.19
CA THR A 22 -0.02 14.75 2.98
C THR A 22 -0.33 13.56 3.87
N SER A 23 -1.08 12.60 3.34
CA SER A 23 -1.45 11.40 4.09
C SER A 23 -2.03 10.34 3.17
N ILE A 24 -2.21 9.14 3.70
CA ILE A 24 -2.76 8.03 2.92
C ILE A 24 -3.29 6.92 3.83
N LEU A 25 -4.61 6.84 3.94
CA LEU A 25 -5.24 5.83 4.78
C LEU A 25 -5.44 4.53 4.02
N ILE A 26 -4.51 3.59 4.21
CA ILE A 26 -4.58 2.30 3.53
C ILE A 26 -5.30 1.27 4.39
N THR A 27 -6.51 0.90 3.99
CA THR A 27 -7.29 -0.08 4.73
C THR A 27 -7.38 -1.40 3.97
N TRP A 28 -6.51 -2.34 4.32
CA TRP A 28 -6.49 -3.65 3.68
C TRP A 28 -6.99 -4.74 4.63
N GLU A 29 -7.44 -5.85 4.06
CA GLU A 29 -7.94 -6.96 4.86
C GLU A 29 -7.21 -8.26 4.50
N PRO A 30 -7.32 -9.25 5.39
CA PRO A 30 -6.68 -10.57 5.20
C PRO A 30 -7.32 -11.37 4.08
N PRO A 31 -6.48 -11.95 3.21
CA PRO A 31 -6.96 -12.76 2.08
C PRO A 31 -7.57 -14.07 2.53
N ALA A 32 -8.85 -14.28 2.18
CA ALA A 32 -9.55 -15.50 2.55
C ALA A 32 -9.06 -16.68 1.72
N TYR A 33 -8.64 -16.40 0.49
CA TYR A 33 -8.15 -17.45 -0.40
C TYR A 33 -6.62 -17.43 -0.48
N ALA A 34 -5.99 -17.21 0.67
CA ALA A 34 -4.53 -17.16 0.73
C ALA A 34 -3.95 -18.54 1.02
N ASN A 35 -2.64 -18.68 0.85
CA ASN A 35 -1.97 -19.95 1.10
C ASN A 35 -1.31 -19.97 2.48
N GLY A 36 -2.02 -20.51 3.45
CA GLY A 36 -1.50 -20.58 4.81
C GLY A 36 -1.60 -19.25 5.54
N PRO A 37 -0.75 -19.06 6.56
CA PRO A 37 -0.72 -17.83 7.35
C PRO A 37 -0.18 -16.64 6.56
N VAL A 38 -0.17 -15.48 7.19
CA VAL A 38 0.32 -14.26 6.54
C VAL A 38 1.26 -13.50 7.47
N GLN A 39 2.55 -13.78 7.37
CA GLN A 39 3.55 -13.12 8.19
C GLN A 39 3.20 -11.65 8.39
N GLY A 40 2.79 -10.99 7.31
CA GLY A 40 2.44 -9.58 7.39
C GLY A 40 2.13 -8.98 6.03
N TYR A 41 2.59 -7.76 5.81
CA TYR A 41 2.36 -7.08 4.54
C TYR A 41 3.48 -6.10 4.24
N ARG A 42 3.77 -5.91 2.95
CA ARG A 42 4.83 -5.00 2.53
C ARG A 42 4.27 -3.88 1.66
N LEU A 43 4.54 -2.63 2.04
CA LEU A 43 4.06 -1.48 1.30
C LEU A 43 5.21 -0.78 0.59
N PHE A 44 4.99 -0.44 -0.68
CA PHE A 44 6.02 0.24 -1.47
C PHE A 44 5.48 1.55 -2.04
N CYS A 45 6.00 2.66 -1.53
CA CYS A 45 5.57 3.99 -1.98
C CYS A 45 6.58 4.58 -2.96
N THR A 46 6.12 4.85 -4.17
CA THR A 46 6.98 5.41 -5.20
C THR A 46 6.46 6.77 -5.67
N GLU A 47 7.29 7.80 -5.52
CA GLU A 47 6.92 9.15 -5.92
C GLU A 47 7.05 9.32 -7.43
N VAL A 48 5.93 9.16 -8.13
CA VAL A 48 5.92 9.30 -9.59
C VAL A 48 6.76 10.48 -10.03
N SER A 49 6.69 11.57 -9.27
CA SER A 49 7.46 12.77 -9.59
C SER A 49 8.92 12.45 -9.85
N THR A 50 9.59 11.90 -8.84
CA THR A 50 11.00 11.53 -8.95
C THR A 50 11.16 10.11 -9.48
N GLY A 51 10.48 9.17 -8.84
CA GLY A 51 10.55 7.78 -9.26
C GLY A 51 11.27 6.91 -8.25
N LYS A 52 11.33 7.38 -7.00
CA LYS A 52 12.00 6.63 -5.94
C LYS A 52 10.97 5.86 -5.11
N GLU A 53 11.17 4.55 -5.01
CA GLU A 53 10.27 3.69 -4.24
C GLU A 53 10.84 3.40 -2.86
N GLN A 54 9.97 3.42 -1.86
CA GLN A 54 10.40 3.15 -0.48
C GLN A 54 9.62 1.98 0.10
N ASN A 55 10.34 1.03 0.69
CA ASN A 55 9.73 -0.15 1.30
C ASN A 55 9.36 0.12 2.75
N ILE A 56 8.19 -0.35 3.16
CA ILE A 56 7.72 -0.17 4.53
C ILE A 56 7.08 -1.44 5.06
N GLU A 57 7.21 -1.65 6.37
CA GLU A 57 6.65 -2.83 7.01
C GLU A 57 5.64 -2.44 8.08
N VAL A 58 4.36 -2.53 7.72
CA VAL A 58 3.28 -2.18 8.65
C VAL A 58 2.54 -3.42 9.12
N ASP A 59 1.67 -3.25 10.11
CA ASP A 59 0.89 -4.36 10.65
C ASP A 59 -0.56 -3.94 10.86
N GLY A 60 -1.43 -4.93 11.05
CA GLY A 60 -2.84 -4.65 11.28
C GLY A 60 -3.62 -4.57 9.98
N LEU A 61 -4.75 -3.89 10.02
CA LEU A 61 -5.60 -3.74 8.83
C LEU A 61 -5.87 -2.27 8.53
N SER A 62 -4.92 -1.42 8.90
CA SER A 62 -5.05 0.02 8.69
C SER A 62 -3.77 0.76 9.06
N TYR A 63 -3.34 1.67 8.19
CA TYR A 63 -2.13 2.44 8.43
C TYR A 63 -2.24 3.83 7.82
N LYS A 64 -1.95 4.85 8.62
CA LYS A 64 -2.01 6.23 8.15
C LYS A 64 -0.63 6.72 7.73
N LEU A 65 -0.43 6.89 6.43
CA LEU A 65 0.84 7.36 5.90
C LEU A 65 1.00 8.86 6.11
N GLU A 66 2.23 9.29 6.37
CA GLU A 66 2.52 10.70 6.59
C GLU A 66 3.88 11.08 6.03
N GLY A 67 4.10 12.37 5.81
CA GLY A 67 5.37 12.84 5.29
C GLY A 67 5.39 12.89 3.77
N LEU A 68 4.22 13.08 3.17
CA LEU A 68 4.10 13.15 1.72
C LEU A 68 3.96 14.59 1.25
N LYS A 69 3.83 14.77 -0.06
CA LYS A 69 3.68 16.10 -0.64
C LYS A 69 2.21 16.50 -0.72
N LYS A 70 1.93 17.78 -0.46
CA LYS A 70 0.56 18.27 -0.50
C LYS A 70 -0.24 17.59 -1.60
N PHE A 71 0.02 17.96 -2.85
CA PHE A 71 -0.67 17.38 -3.99
C PHE A 71 0.32 16.79 -4.99
N THR A 72 0.50 15.47 -4.92
CA THR A 72 1.43 14.79 -5.82
C THR A 72 0.98 13.35 -6.07
N GLU A 73 0.71 13.02 -7.32
CA GLU A 73 0.28 11.68 -7.70
C GLU A 73 1.27 10.63 -7.20
N TYR A 74 0.87 9.91 -6.15
CA TYR A 74 1.72 8.87 -5.58
C TYR A 74 1.22 7.49 -5.96
N SER A 75 2.15 6.58 -6.22
CA SER A 75 1.81 5.21 -6.60
C SER A 75 2.35 4.22 -5.57
N LEU A 76 1.44 3.56 -4.85
CA LEU A 76 1.83 2.58 -3.85
C LEU A 76 1.61 1.16 -4.36
N ARG A 77 2.06 0.18 -3.59
CA ARG A 77 1.91 -1.22 -3.96
C ARG A 77 1.84 -2.11 -2.72
N PHE A 78 0.72 -2.83 -2.59
CA PHE A 78 0.52 -3.72 -1.44
C PHE A 78 0.46 -5.18 -1.90
N LEU A 79 0.95 -6.07 -1.05
CA LEU A 79 0.95 -7.49 -1.36
C LEU A 79 1.05 -8.33 -0.09
N ALA A 80 0.61 -9.58 -0.17
CA ALA A 80 0.66 -10.48 0.97
C ALA A 80 1.84 -11.44 0.87
N TYR A 81 2.50 -11.68 1.99
CA TYR A 81 3.66 -12.57 2.02
C TYR A 81 3.68 -13.39 3.31
N ASN A 82 3.90 -14.69 3.17
CA ASN A 82 3.95 -15.59 4.33
C ASN A 82 5.25 -16.38 4.35
N ARG A 83 5.37 -17.28 5.32
CA ARG A 83 6.57 -18.10 5.46
C ARG A 83 7.12 -18.48 4.09
N TYR A 84 6.23 -18.92 3.20
CA TYR A 84 6.62 -19.32 1.86
C TYR A 84 7.29 -18.17 1.11
N GLY A 85 6.58 -17.05 1.01
CA GLY A 85 7.13 -15.89 0.32
C GLY A 85 6.04 -14.96 -0.18
N PRO A 86 6.45 -13.87 -0.84
CA PRO A 86 5.51 -12.87 -1.38
C PRO A 86 4.72 -13.40 -2.56
N GLY A 87 3.40 -13.38 -2.44
CA GLY A 87 2.55 -13.86 -3.52
C GLY A 87 2.21 -12.77 -4.52
N VAL A 88 1.00 -12.83 -5.06
CA VAL A 88 0.55 -11.85 -6.05
C VAL A 88 0.42 -10.47 -5.42
N SER A 89 0.88 -9.45 -6.13
CA SER A 89 0.81 -8.08 -5.64
C SER A 89 -0.31 -7.31 -6.33
N THR A 90 -0.97 -6.43 -5.58
CA THR A 90 -2.06 -5.63 -6.12
C THR A 90 -1.55 -4.62 -7.14
N ASP A 91 -2.45 -4.15 -7.99
CA ASP A 91 -2.10 -3.18 -9.03
C ASP A 91 -1.70 -1.85 -8.40
N ASP A 92 -0.68 -1.21 -8.98
CA ASP A 92 -0.19 0.07 -8.48
C ASP A 92 -1.35 0.96 -8.07
N ILE A 93 -1.41 1.29 -6.78
CA ILE A 93 -2.47 2.15 -6.26
C ILE A 93 -2.11 3.62 -6.40
N THR A 94 -2.78 4.29 -7.34
CA THR A 94 -2.54 5.71 -7.59
C THR A 94 -3.47 6.58 -6.76
N VAL A 95 -2.90 7.33 -5.82
CA VAL A 95 -3.68 8.21 -4.95
C VAL A 95 -3.05 9.60 -4.87
N VAL A 96 -3.71 10.57 -5.49
CA VAL A 96 -3.21 11.94 -5.49
C VAL A 96 -3.57 12.66 -4.19
N THR A 97 -2.55 12.96 -3.39
CA THR A 97 -2.76 13.64 -2.12
C THR A 97 -3.57 14.91 -2.29
N LEU A 98 -4.26 15.33 -1.23
CA LEU A 98 -5.07 16.54 -1.27
C LEU A 98 -4.26 17.74 -1.74
N SER A 99 -4.87 18.92 -1.69
CA SER A 99 -4.20 20.14 -2.11
C SER A 99 -4.32 21.22 -1.05
N ASP A 100 -5.05 20.92 0.02
CA ASP A 100 -5.24 21.86 1.11
C ASP A 100 -6.13 23.03 0.67
N SER A 101 -7.19 22.71 -0.06
CA SER A 101 -8.11 23.73 -0.54
C SER A 101 -9.10 24.14 0.55
N GLY A 102 -9.44 25.42 0.57
CA GLY A 102 -10.37 25.92 1.58
C GLY A 102 -10.92 27.29 1.23
N PRO A 103 -11.65 27.38 0.12
CA PRO A 103 -12.25 28.64 -0.35
C PRO A 103 -13.38 29.11 0.56
N SER A 104 -13.67 30.41 0.50
CA SER A 104 -14.72 30.99 1.32
C SER A 104 -15.66 31.84 0.47
N SER A 105 -16.73 32.34 1.10
CA SER A 105 -17.70 33.16 0.39
C SER A 105 -17.01 34.20 -0.48
N GLY A 106 -17.29 34.16 -1.78
CA GLY A 106 -16.70 35.10 -2.70
C GLY A 106 -15.28 34.72 -3.08
N GLY A 1 3.64 -27.13 -11.44
CA GLY A 1 4.82 -27.47 -10.67
C GLY A 1 5.26 -26.35 -9.74
N SER A 2 4.35 -25.93 -8.87
CA SER A 2 4.65 -24.85 -7.93
C SER A 2 4.95 -25.41 -6.54
N SER A 3 5.72 -26.49 -6.50
CA SER A 3 6.08 -27.13 -5.23
C SER A 3 6.67 -26.11 -4.26
N GLY A 4 7.64 -25.34 -4.74
CA GLY A 4 8.27 -24.34 -3.90
C GLY A 4 7.35 -23.18 -3.59
N SER A 5 7.89 -22.14 -2.96
CA SER A 5 7.10 -20.97 -2.59
C SER A 5 6.15 -20.58 -3.72
N SER A 6 4.86 -20.79 -3.50
CA SER A 6 3.84 -20.48 -4.49
C SER A 6 3.34 -19.05 -4.31
N GLY A 7 3.54 -18.50 -3.12
CA GLY A 7 3.11 -17.15 -2.85
C GLY A 7 1.61 -17.05 -2.62
N PRO A 8 1.20 -16.31 -1.58
CA PRO A 8 -0.21 -16.13 -1.23
C PRO A 8 -0.95 -15.26 -2.24
N GLY A 9 -2.24 -15.06 -2.01
CA GLY A 9 -3.03 -14.26 -2.91
C GLY A 9 -3.09 -12.80 -2.49
N PRO A 10 -3.55 -11.93 -3.40
CA PRO A 10 -3.66 -10.49 -3.14
C PRO A 10 -4.76 -10.17 -2.14
N VAL A 11 -4.38 -9.52 -1.04
CA VAL A 11 -5.34 -9.14 -0.01
C VAL A 11 -6.63 -8.62 -0.61
N GLU A 12 -7.68 -8.55 0.20
CA GLU A 12 -8.97 -8.07 -0.26
C GLU A 12 -9.34 -6.76 0.43
N ASN A 13 -10.50 -6.21 0.06
CA ASN A 13 -10.96 -4.95 0.63
C ASN A 13 -9.82 -3.95 0.77
N LEU A 14 -8.96 -3.90 -0.24
CA LEU A 14 -7.81 -3.00 -0.23
C LEU A 14 -8.18 -1.65 -0.85
N GLN A 15 -8.00 -0.58 -0.09
CA GLN A 15 -8.31 0.76 -0.58
C GLN A 15 -7.49 1.81 0.16
N ALA A 16 -6.96 2.77 -0.59
CA ALA A 16 -6.14 3.83 -0.01
C ALA A 16 -6.71 5.21 -0.36
N VAL A 17 -6.82 6.06 0.65
CA VAL A 17 -7.35 7.41 0.45
C VAL A 17 -6.69 8.40 1.40
N SER A 18 -6.34 9.58 0.88
CA SER A 18 -5.70 10.61 1.68
C SER A 18 -6.75 11.53 2.30
N THR A 19 -6.64 11.74 3.61
CA THR A 19 -7.58 12.60 4.33
C THR A 19 -6.89 13.88 4.79
N SER A 20 -5.89 14.31 4.03
CA SER A 20 -5.15 15.53 4.37
C SER A 20 -4.15 15.88 3.26
N PRO A 21 -3.52 17.06 3.40
CA PRO A 21 -2.52 17.52 2.43
C PRO A 21 -1.49 16.45 2.07
N THR A 22 -0.95 15.82 3.11
CA THR A 22 0.05 14.77 2.91
C THR A 22 -0.23 13.56 3.80
N SER A 23 -0.97 12.60 3.27
CA SER A 23 -1.32 11.40 4.02
C SER A 23 -1.89 10.33 3.09
N ILE A 24 -2.09 9.13 3.63
CA ILE A 24 -2.62 8.02 2.85
C ILE A 24 -3.14 6.91 3.77
N LEU A 25 -4.46 6.83 3.87
CA LEU A 25 -5.10 5.81 4.71
C LEU A 25 -5.30 4.51 3.93
N ILE A 26 -4.43 3.54 4.18
CA ILE A 26 -4.52 2.24 3.51
C ILE A 26 -5.27 1.23 4.36
N THR A 27 -6.48 0.88 3.95
CA THR A 27 -7.30 -0.09 4.67
C THR A 27 -7.39 -1.40 3.91
N TRP A 28 -6.63 -2.39 4.35
CA TRP A 28 -6.63 -3.70 3.72
C TRP A 28 -7.21 -4.76 4.65
N GLU A 29 -7.27 -6.00 4.17
CA GLU A 29 -7.81 -7.10 4.96
C GLU A 29 -7.18 -8.42 4.55
N PRO A 30 -7.31 -9.43 5.42
CA PRO A 30 -6.76 -10.77 5.17
C PRO A 30 -7.50 -11.50 4.05
N PRO A 31 -6.73 -12.01 3.07
CA PRO A 31 -7.29 -12.74 1.93
C PRO A 31 -7.86 -14.10 2.33
N ALA A 32 -8.75 -14.63 1.50
CA ALA A 32 -9.37 -15.93 1.77
C ALA A 32 -8.72 -17.03 0.95
N TYR A 33 -8.55 -16.76 -0.35
CA TYR A 33 -7.94 -17.72 -1.25
C TYR A 33 -6.41 -17.65 -1.19
N ALA A 34 -5.88 -17.47 0.01
CA ALA A 34 -4.44 -17.37 0.21
C ALA A 34 -3.82 -18.74 0.44
N ASN A 35 -2.54 -18.88 0.12
CA ASN A 35 -1.83 -20.14 0.30
C ASN A 35 -1.09 -20.17 1.63
N GLY A 36 -1.80 -20.59 2.67
CA GLY A 36 -1.19 -20.65 4.00
C GLY A 36 -1.41 -19.38 4.80
N PRO A 37 -0.65 -19.25 5.90
CA PRO A 37 -0.75 -18.08 6.78
C PRO A 37 -0.21 -16.81 6.13
N VAL A 38 -0.27 -15.70 6.85
CA VAL A 38 0.22 -14.42 6.35
C VAL A 38 1.11 -13.73 7.36
N GLN A 39 2.41 -13.99 7.28
CA GLN A 39 3.37 -13.39 8.20
C GLN A 39 3.02 -11.93 8.48
N GLY A 40 2.70 -11.19 7.42
CA GLY A 40 2.36 -9.79 7.57
C GLY A 40 1.99 -9.13 6.26
N TYR A 41 2.46 -7.91 6.06
CA TYR A 41 2.18 -7.17 4.83
C TYR A 41 3.31 -6.21 4.50
N ARG A 42 3.57 -6.04 3.20
CA ARG A 42 4.63 -5.14 2.76
C ARG A 42 4.06 -4.02 1.90
N LEU A 43 4.41 -2.78 2.24
CA LEU A 43 3.94 -1.61 1.51
C LEU A 43 5.10 -0.91 0.80
N PHE A 44 4.85 -0.49 -0.44
CA PHE A 44 5.87 0.20 -1.22
C PHE A 44 5.31 1.50 -1.81
N CYS A 45 5.92 2.62 -1.45
CA CYS A 45 5.49 3.92 -1.95
C CYS A 45 6.50 4.49 -2.94
N THR A 46 6.04 4.75 -4.16
CA THR A 46 6.90 5.29 -5.20
C THR A 46 6.43 6.67 -5.65
N GLU A 47 7.32 7.65 -5.59
CA GLU A 47 6.99 9.01 -5.99
C GLU A 47 7.15 9.18 -7.50
N VAL A 48 6.03 9.06 -8.22
CA VAL A 48 6.03 9.21 -9.67
C VAL A 48 6.82 10.43 -10.09
N SER A 49 6.76 11.49 -9.28
CA SER A 49 7.47 12.72 -9.57
C SER A 49 8.94 12.46 -9.85
N THR A 50 9.64 11.91 -8.86
CA THR A 50 11.05 11.60 -8.99
C THR A 50 11.26 10.17 -9.49
N GLY A 51 10.60 9.21 -8.85
CA GLY A 51 10.73 7.82 -9.25
C GLY A 51 11.42 6.98 -8.19
N LYS A 52 11.35 7.43 -6.94
CA LYS A 52 11.98 6.70 -5.83
C LYS A 52 10.94 5.88 -5.08
N GLU A 53 11.28 4.62 -4.80
CA GLU A 53 10.39 3.73 -4.09
C GLU A 53 10.90 3.46 -2.67
N GLN A 54 10.03 3.62 -1.69
CA GLN A 54 10.39 3.40 -0.30
C GLN A 54 9.61 2.22 0.29
N ASN A 55 10.33 1.17 0.67
CA ASN A 55 9.71 -0.01 1.24
C ASN A 55 9.32 0.23 2.70
N ILE A 56 8.16 -0.28 3.09
CA ILE A 56 7.68 -0.12 4.46
C ILE A 56 6.98 -1.39 4.95
N GLU A 57 7.27 -1.78 6.19
CA GLU A 57 6.67 -2.98 6.77
C GLU A 57 5.76 -2.61 7.93
N VAL A 58 4.44 -2.66 7.68
CA VAL A 58 3.46 -2.34 8.70
C VAL A 58 2.77 -3.60 9.23
N ASP A 59 2.03 -3.45 10.32
CA ASP A 59 1.31 -4.58 10.91
C ASP A 59 -0.09 -4.15 11.34
N GLY A 60 -1.09 -4.87 10.84
CA GLY A 60 -2.47 -4.57 11.19
C GLY A 60 -3.38 -4.61 9.98
N LEU A 61 -4.36 -3.71 9.95
CA LEU A 61 -5.31 -3.65 8.85
C LEU A 61 -5.34 -2.26 8.22
N SER A 62 -5.00 -1.25 9.01
CA SER A 62 -4.98 0.13 8.54
C SER A 62 -3.69 0.82 8.95
N TYR A 63 -3.21 1.72 8.08
CA TYR A 63 -1.98 2.45 8.35
C TYR A 63 -2.01 3.84 7.71
N LYS A 64 -1.98 4.87 8.53
CA LYS A 64 -2.01 6.24 8.05
C LYS A 64 -0.61 6.71 7.66
N LEU A 65 -0.40 6.92 6.37
CA LEU A 65 0.89 7.37 5.86
C LEU A 65 1.06 8.87 6.09
N GLU A 66 2.30 9.29 6.31
CA GLU A 66 2.61 10.69 6.53
C GLU A 66 3.98 11.06 5.96
N GLY A 67 4.20 12.35 5.74
CA GLY A 67 5.47 12.80 5.20
C GLY A 67 5.48 12.81 3.68
N LEU A 68 4.33 13.10 3.08
CA LEU A 68 4.22 13.14 1.62
C LEU A 68 4.13 14.58 1.13
N LYS A 69 3.98 14.73 -0.18
CA LYS A 69 3.88 16.05 -0.80
C LYS A 69 2.43 16.51 -0.87
N LYS A 70 2.21 17.79 -0.60
CA LYS A 70 0.86 18.36 -0.63
C LYS A 70 0.01 17.67 -1.70
N PHE A 71 0.31 17.94 -2.96
CA PHE A 71 -0.43 17.34 -4.06
C PHE A 71 0.52 16.70 -5.06
N THR A 72 0.66 15.38 -4.98
CA THR A 72 1.53 14.64 -5.88
C THR A 72 1.01 13.23 -6.12
N GLU A 73 0.81 12.88 -7.39
CA GLU A 73 0.31 11.56 -7.75
C GLU A 73 1.28 10.47 -7.30
N TYR A 74 0.93 9.79 -6.22
CA TYR A 74 1.77 8.73 -5.68
C TYR A 74 1.26 7.35 -6.11
N SER A 75 2.16 6.39 -6.21
CA SER A 75 1.80 5.04 -6.62
C SER A 75 2.26 4.02 -5.57
N LEU A 76 1.29 3.47 -4.83
CA LEU A 76 1.59 2.48 -3.80
C LEU A 76 1.31 1.07 -4.30
N ARG A 77 1.90 0.08 -3.63
CA ARG A 77 1.71 -1.32 -4.00
C ARG A 77 1.65 -2.21 -2.77
N PHE A 78 0.49 -2.84 -2.55
CA PHE A 78 0.31 -3.72 -1.40
C PHE A 78 0.23 -5.18 -1.84
N LEU A 79 0.74 -6.07 -0.99
CA LEU A 79 0.73 -7.49 -1.29
C LEU A 79 0.87 -8.32 -0.02
N ALA A 80 0.56 -9.62 -0.12
CA ALA A 80 0.66 -10.51 1.03
C ALA A 80 1.92 -11.38 0.94
N TYR A 81 2.62 -11.50 2.05
CA TYR A 81 3.84 -12.31 2.10
C TYR A 81 3.84 -13.23 3.31
N ASN A 82 4.05 -14.52 3.07
CA ASN A 82 4.08 -15.50 4.14
C ASN A 82 5.36 -16.33 4.08
N ARG A 83 5.45 -17.34 4.96
CA ARG A 83 6.62 -18.20 5.01
C ARG A 83 7.26 -18.34 3.62
N TYR A 84 6.43 -18.62 2.62
CA TYR A 84 6.91 -18.78 1.26
C TYR A 84 7.48 -17.47 0.73
N GLY A 85 6.67 -16.41 0.77
CA GLY A 85 7.12 -15.12 0.30
C GLY A 85 5.97 -14.27 -0.23
N PRO A 86 6.30 -13.12 -0.82
CA PRO A 86 5.32 -12.19 -1.37
C PRO A 86 4.63 -12.76 -2.62
N GLY A 87 3.32 -12.93 -2.54
CA GLY A 87 2.58 -13.46 -3.67
C GLY A 87 2.27 -12.40 -4.71
N VAL A 88 1.07 -12.47 -5.28
CA VAL A 88 0.66 -11.51 -6.30
C VAL A 88 0.44 -10.12 -5.70
N SER A 89 1.03 -9.11 -6.33
CA SER A 89 0.91 -7.74 -5.85
C SER A 89 -0.28 -7.04 -6.51
N THR A 90 -0.93 -6.16 -5.76
CA THR A 90 -2.08 -5.42 -6.26
C THR A 90 -1.66 -4.38 -7.30
N ASP A 91 -2.62 -3.90 -8.06
CA ASP A 91 -2.35 -2.90 -9.09
C ASP A 91 -1.84 -1.61 -8.48
N ASP A 92 -0.87 -0.99 -9.13
CA ASP A 92 -0.29 0.26 -8.63
C ASP A 92 -1.38 1.22 -8.19
N ILE A 93 -1.56 1.33 -6.87
CA ILE A 93 -2.57 2.21 -6.30
C ILE A 93 -2.18 3.67 -6.47
N THR A 94 -2.86 4.37 -7.36
CA THR A 94 -2.59 5.78 -7.61
C THR A 94 -3.51 6.67 -6.81
N VAL A 95 -2.97 7.33 -5.80
CA VAL A 95 -3.76 8.23 -4.95
C VAL A 95 -3.10 9.60 -4.84
N VAL A 96 -3.70 10.59 -5.49
CA VAL A 96 -3.17 11.95 -5.47
C VAL A 96 -3.52 12.65 -4.16
N THR A 97 -2.50 12.98 -3.39
CA THR A 97 -2.70 13.65 -2.11
C THR A 97 -3.55 14.90 -2.27
N LEU A 98 -4.24 15.29 -1.20
CA LEU A 98 -5.10 16.46 -1.23
C LEU A 98 -4.29 17.72 -1.57
N SER A 99 -4.95 18.87 -1.51
CA SER A 99 -4.30 20.14 -1.81
C SER A 99 -4.70 21.21 -0.80
N ASP A 100 -3.78 21.53 0.11
CA ASP A 100 -4.03 22.54 1.13
C ASP A 100 -4.45 23.85 0.50
N SER A 101 -3.56 24.44 -0.29
CA SER A 101 -3.84 25.71 -0.95
C SER A 101 -4.78 25.52 -2.13
N GLY A 102 -5.39 26.61 -2.58
CA GLY A 102 -6.31 26.55 -3.69
C GLY A 102 -7.68 27.09 -3.35
N PRO A 103 -8.20 27.98 -4.21
CA PRO A 103 -9.51 28.61 -4.01
C PRO A 103 -10.66 27.62 -4.19
N SER A 104 -11.32 27.27 -3.10
CA SER A 104 -12.43 26.33 -3.13
C SER A 104 -12.08 25.13 -4.00
N SER A 105 -10.87 24.62 -3.84
CA SER A 105 -10.42 23.46 -4.61
C SER A 105 -10.78 22.16 -3.90
N GLY A 106 -10.31 22.03 -2.65
CA GLY A 106 -10.58 20.83 -1.88
C GLY A 106 -11.85 20.95 -1.06
N GLY A 1 13.31 -21.86 -8.40
CA GLY A 1 12.13 -22.53 -7.89
C GLY A 1 12.45 -23.55 -6.81
N SER A 2 11.43 -24.02 -6.11
CA SER A 2 11.61 -25.00 -5.05
C SER A 2 10.28 -25.63 -4.66
N SER A 3 10.20 -26.95 -4.81
CA SER A 3 8.98 -27.69 -4.48
C SER A 3 8.65 -27.54 -3.00
N GLY A 4 7.79 -26.59 -2.67
CA GLY A 4 7.41 -26.37 -1.28
C GLY A 4 6.95 -24.94 -1.02
N SER A 5 7.90 -24.02 -1.00
CA SER A 5 7.59 -22.62 -0.75
C SER A 5 6.64 -22.08 -1.81
N SER A 6 5.69 -21.24 -1.37
CA SER A 6 4.72 -20.66 -2.28
C SER A 6 4.33 -19.26 -1.83
N GLY A 7 3.71 -18.50 -2.73
CA GLY A 7 3.29 -17.15 -2.42
C GLY A 7 1.80 -17.04 -2.16
N PRO A 8 1.43 -16.23 -1.15
CA PRO A 8 0.02 -16.03 -0.79
C PRO A 8 -0.74 -15.24 -1.84
N GLY A 9 -2.07 -15.39 -1.84
CA GLY A 9 -2.89 -14.67 -2.79
C GLY A 9 -3.03 -13.19 -2.46
N PRO A 10 -3.65 -12.43 -3.38
CA PRO A 10 -3.85 -10.99 -3.19
C PRO A 10 -4.89 -10.70 -2.11
N VAL A 11 -4.59 -9.67 -1.30
CA VAL A 11 -5.49 -9.28 -0.22
C VAL A 11 -6.83 -8.80 -0.77
N GLU A 12 -7.81 -8.63 0.12
CA GLU A 12 -9.14 -8.18 -0.28
C GLU A 12 -9.48 -6.84 0.38
N ASN A 13 -10.65 -6.30 0.05
CA ASN A 13 -11.08 -5.02 0.61
C ASN A 13 -9.91 -4.06 0.76
N LEU A 14 -9.12 -3.93 -0.30
CA LEU A 14 -7.96 -3.04 -0.28
C LEU A 14 -8.32 -1.68 -0.86
N GLN A 15 -8.15 -0.63 -0.05
CA GLN A 15 -8.45 0.73 -0.48
C GLN A 15 -7.52 1.73 0.19
N ALA A 16 -7.18 2.79 -0.53
CA ALA A 16 -6.31 3.82 0.00
C ALA A 16 -6.83 5.22 -0.34
N VAL A 17 -6.80 6.10 0.66
CA VAL A 17 -7.28 7.47 0.47
C VAL A 17 -6.60 8.42 1.45
N SER A 18 -6.25 9.61 0.95
CA SER A 18 -5.59 10.62 1.79
C SER A 18 -6.62 11.53 2.46
N THR A 19 -6.49 11.68 3.77
CA THR A 19 -7.40 12.53 4.53
C THR A 19 -6.71 13.79 5.01
N SER A 20 -5.70 14.22 4.26
CA SER A 20 -4.95 15.43 4.62
C SER A 20 -3.99 15.82 3.49
N PRO A 21 -3.37 17.00 3.63
CA PRO A 21 -2.42 17.51 2.64
C PRO A 21 -1.39 16.48 2.22
N THR A 22 -0.79 15.81 3.21
CA THR A 22 0.21 14.79 2.95
C THR A 22 -0.02 13.56 3.81
N SER A 23 -0.78 12.60 3.29
CA SER A 23 -1.07 11.38 4.01
C SER A 23 -1.68 10.33 3.08
N ILE A 24 -1.90 9.13 3.61
CA ILE A 24 -2.47 8.04 2.82
C ILE A 24 -3.00 6.94 3.74
N LEU A 25 -4.32 6.87 3.87
CA LEU A 25 -4.96 5.86 4.70
C LEU A 25 -5.18 4.57 3.92
N ILE A 26 -4.35 3.57 4.17
CA ILE A 26 -4.47 2.28 3.49
C ILE A 26 -5.18 1.26 4.37
N THR A 27 -6.41 0.93 3.99
CA THR A 27 -7.21 -0.04 4.74
C THR A 27 -7.37 -1.34 3.96
N TRP A 28 -6.53 -2.31 4.26
CA TRP A 28 -6.58 -3.60 3.59
C TRP A 28 -7.18 -4.68 4.50
N GLU A 29 -7.34 -5.88 3.96
CA GLU A 29 -7.90 -6.99 4.73
C GLU A 29 -7.21 -8.30 4.38
N PRO A 30 -7.33 -9.29 5.28
CA PRO A 30 -6.73 -10.61 5.08
C PRO A 30 -7.40 -11.40 3.96
N PRO A 31 -6.60 -11.94 3.03
CA PRO A 31 -7.11 -12.73 1.91
C PRO A 31 -7.66 -14.08 2.35
N ALA A 32 -8.60 -14.60 1.57
CA ALA A 32 -9.20 -15.90 1.87
C ALA A 32 -8.48 -17.03 1.14
N TYR A 33 -8.11 -16.78 -0.11
CA TYR A 33 -7.42 -17.77 -0.91
C TYR A 33 -5.91 -17.59 -0.83
N ALA A 34 -5.37 -17.77 0.38
CA ALA A 34 -3.94 -17.63 0.60
C ALA A 34 -3.33 -18.95 1.06
N ASN A 35 -2.03 -19.11 0.81
CA ASN A 35 -1.33 -20.33 1.20
C ASN A 35 -0.86 -20.24 2.65
N GLY A 36 -1.61 -20.89 3.54
CA GLY A 36 -1.26 -20.87 4.95
C GLY A 36 -1.54 -19.53 5.61
N PRO A 37 -0.85 -19.26 6.72
CA PRO A 37 -1.01 -18.01 7.47
C PRO A 37 -0.46 -16.81 6.72
N VAL A 38 -0.51 -15.65 7.36
CA VAL A 38 -0.01 -14.42 6.74
C VAL A 38 0.87 -13.64 7.71
N GLN A 39 2.18 -13.85 7.64
CA GLN A 39 3.13 -13.17 8.50
C GLN A 39 2.76 -11.69 8.66
N GLY A 40 2.46 -11.05 7.53
CA GLY A 40 2.10 -9.63 7.56
C GLY A 40 1.82 -9.08 6.18
N TYR A 41 2.27 -7.86 5.95
CA TYR A 41 2.07 -7.20 4.66
C TYR A 41 3.18 -6.19 4.37
N ARG A 42 3.55 -6.06 3.10
CA ARG A 42 4.60 -5.14 2.70
C ARG A 42 4.04 -4.05 1.78
N LEU A 43 4.33 -2.79 2.11
CA LEU A 43 3.85 -1.67 1.32
C LEU A 43 5.02 -0.99 0.59
N PHE A 44 4.76 -0.58 -0.65
CA PHE A 44 5.79 0.09 -1.45
C PHE A 44 5.30 1.45 -1.94
N CYS A 45 5.96 2.51 -1.48
CA CYS A 45 5.59 3.86 -1.87
C CYS A 45 6.58 4.42 -2.90
N THR A 46 6.05 4.82 -4.05
CA THR A 46 6.88 5.37 -5.11
C THR A 46 6.36 6.73 -5.57
N GLU A 47 7.26 7.71 -5.61
CA GLU A 47 6.89 9.06 -6.03
C GLU A 47 6.98 9.21 -7.55
N VAL A 48 5.86 9.00 -8.22
CA VAL A 48 5.82 9.12 -9.68
C VAL A 48 6.57 10.35 -10.16
N SER A 49 6.47 11.44 -9.39
CA SER A 49 7.14 12.68 -9.74
C SER A 49 8.64 12.45 -9.98
N THR A 50 9.32 11.97 -8.95
CA THR A 50 10.75 11.70 -9.04
C THR A 50 11.02 10.29 -9.56
N GLY A 51 10.42 9.30 -8.91
CA GLY A 51 10.61 7.93 -9.31
C GLY A 51 11.34 7.10 -8.28
N LYS A 52 11.33 7.58 -7.04
CA LYS A 52 11.99 6.88 -5.94
C LYS A 52 11.00 6.07 -5.12
N GLU A 53 11.27 4.77 -5.00
CA GLU A 53 10.38 3.89 -4.25
C GLU A 53 10.95 3.62 -2.85
N GLN A 54 10.06 3.33 -1.91
CA GLN A 54 10.46 3.06 -0.54
C GLN A 54 9.64 1.92 0.05
N ASN A 55 10.32 0.89 0.53
CA ASN A 55 9.65 -0.27 1.14
C ASN A 55 9.34 -0.01 2.60
N ILE A 56 8.14 -0.40 3.03
CA ILE A 56 7.73 -0.22 4.41
C ILE A 56 7.04 -1.47 4.95
N GLU A 57 7.30 -1.78 6.21
CA GLU A 57 6.71 -2.96 6.84
C GLU A 57 5.70 -2.55 7.92
N VAL A 58 4.42 -2.68 7.60
CA VAL A 58 3.35 -2.33 8.53
C VAL A 58 2.65 -3.57 9.06
N ASP A 59 1.89 -3.40 10.13
CA ASP A 59 1.16 -4.51 10.74
C ASP A 59 -0.30 -4.13 10.98
N GLY A 60 -1.20 -5.11 10.85
CA GLY A 60 -2.61 -4.86 11.05
C GLY A 60 -3.38 -4.78 9.75
N LEU A 61 -4.51 -4.08 9.78
CA LEU A 61 -5.35 -3.93 8.59
C LEU A 61 -5.66 -2.46 8.33
N SER A 62 -4.72 -1.58 8.70
CA SER A 62 -4.90 -0.15 8.50
C SER A 62 -3.64 0.61 8.90
N TYR A 63 -3.13 1.43 7.99
CA TYR A 63 -1.93 2.22 8.24
C TYR A 63 -2.03 3.59 7.61
N LYS A 64 -1.92 4.63 8.44
CA LYS A 64 -2.00 6.00 7.95
C LYS A 64 -0.62 6.55 7.64
N LEU A 65 -0.36 6.81 6.37
CA LEU A 65 0.93 7.34 5.93
C LEU A 65 1.00 8.84 6.13
N GLU A 66 2.18 9.35 6.45
CA GLU A 66 2.38 10.77 6.66
C GLU A 66 3.77 11.21 6.20
N GLY A 67 3.93 12.51 5.96
CA GLY A 67 5.21 13.03 5.51
C GLY A 67 5.35 13.02 4.01
N LEU A 68 4.24 13.18 3.31
CA LEU A 68 4.24 13.18 1.85
C LEU A 68 4.17 14.61 1.31
N LYS A 69 4.05 14.73 -0.01
CA LYS A 69 3.97 16.05 -0.64
C LYS A 69 2.51 16.52 -0.72
N LYS A 70 2.30 17.79 -0.42
CA LYS A 70 0.97 18.37 -0.46
C LYS A 70 0.11 17.69 -1.53
N PHE A 71 0.43 17.97 -2.79
CA PHE A 71 -0.31 17.40 -3.91
C PHE A 71 0.65 16.79 -4.94
N THR A 72 0.78 15.47 -4.90
CA THR A 72 1.66 14.76 -5.83
C THR A 72 1.16 13.34 -6.09
N GLU A 73 0.85 13.06 -7.35
CA GLU A 73 0.37 11.75 -7.74
C GLU A 73 1.31 10.65 -7.25
N TYR A 74 0.88 9.91 -6.23
CA TYR A 74 1.69 8.84 -5.66
C TYR A 74 1.13 7.48 -6.05
N SER A 75 2.02 6.53 -6.32
CA SER A 75 1.61 5.18 -6.71
C SER A 75 2.18 4.15 -5.74
N LEU A 76 1.31 3.60 -4.89
CA LEU A 76 1.73 2.60 -3.92
C LEU A 76 1.42 1.19 -4.43
N ARG A 77 1.90 0.19 -3.70
CA ARG A 77 1.67 -1.20 -4.07
C ARG A 77 1.61 -2.10 -2.83
N PHE A 78 0.45 -2.71 -2.61
CA PHE A 78 0.25 -3.58 -1.46
C PHE A 78 0.25 -5.05 -1.89
N LEU A 79 0.75 -5.92 -1.03
CA LEU A 79 0.79 -7.35 -1.31
C LEU A 79 0.92 -8.16 -0.03
N ALA A 80 0.60 -9.44 -0.11
CA ALA A 80 0.68 -10.33 1.04
C ALA A 80 1.92 -11.22 0.97
N TYR A 81 2.47 -11.57 2.13
CA TYR A 81 3.65 -12.40 2.20
C TYR A 81 3.66 -13.23 3.48
N ASN A 82 4.12 -14.48 3.37
CA ASN A 82 4.18 -15.38 4.51
C ASN A 82 5.58 -15.95 4.67
N ARG A 83 5.76 -16.79 5.69
CA ARG A 83 7.05 -17.42 5.95
C ARG A 83 7.74 -17.82 4.65
N TYR A 84 6.94 -18.22 3.67
CA TYR A 84 7.48 -18.62 2.37
C TYR A 84 8.05 -17.43 1.61
N GLY A 85 7.18 -16.45 1.34
CA GLY A 85 7.61 -15.26 0.62
C GLY A 85 6.44 -14.43 0.11
N PRO A 86 6.74 -13.30 -0.53
CA PRO A 86 5.73 -12.41 -1.08
C PRO A 86 5.01 -13.01 -2.28
N GLY A 87 3.68 -12.99 -2.24
CA GLY A 87 2.90 -13.53 -3.33
C GLY A 87 2.60 -12.50 -4.40
N VAL A 88 1.38 -12.56 -4.94
CA VAL A 88 0.97 -11.62 -5.99
C VAL A 88 0.74 -10.22 -5.41
N SER A 89 1.13 -9.20 -6.18
CA SER A 89 0.97 -7.83 -5.74
C SER A 89 -0.27 -7.21 -6.35
N THR A 90 -0.83 -6.20 -5.67
CA THR A 90 -2.03 -5.52 -6.13
C THR A 90 -1.70 -4.50 -7.21
N ASP A 91 -2.73 -4.00 -7.89
CA ASP A 91 -2.54 -3.00 -8.94
C ASP A 91 -2.06 -1.68 -8.35
N ASP A 92 -1.08 -1.07 -9.01
CA ASP A 92 -0.53 0.21 -8.55
C ASP A 92 -1.64 1.12 -8.03
N ILE A 93 -1.63 1.36 -6.73
CA ILE A 93 -2.64 2.23 -6.12
C ILE A 93 -2.27 3.70 -6.28
N THR A 94 -2.93 4.36 -7.23
CA THR A 94 -2.67 5.77 -7.48
C THR A 94 -3.58 6.66 -6.65
N VAL A 95 -2.99 7.42 -5.73
CA VAL A 95 -3.76 8.31 -4.87
C VAL A 95 -3.08 9.68 -4.75
N VAL A 96 -3.67 10.68 -5.38
CA VAL A 96 -3.13 12.03 -5.35
C VAL A 96 -3.43 12.71 -4.02
N THR A 97 -2.37 13.09 -3.30
CA THR A 97 -2.53 13.75 -2.01
C THR A 97 -3.38 15.01 -2.13
N LEU A 98 -4.10 15.33 -1.05
CA LEU A 98 -4.96 16.51 -1.04
C LEU A 98 -4.18 17.76 -1.40
N SER A 99 -4.84 18.92 -1.31
CA SER A 99 -4.19 20.18 -1.62
C SER A 99 -4.60 21.26 -0.62
N ASP A 100 -3.67 21.60 0.28
CA ASP A 100 -3.93 22.62 1.29
C ASP A 100 -4.41 23.91 0.66
N SER A 101 -3.77 24.32 -0.43
CA SER A 101 -4.13 25.55 -1.12
C SER A 101 -4.04 25.36 -2.63
N GLY A 102 -5.12 25.70 -3.33
CA GLY A 102 -5.14 25.55 -4.78
C GLY A 102 -6.33 24.73 -5.27
N PRO A 103 -7.53 25.31 -5.14
CA PRO A 103 -8.77 24.64 -5.57
C PRO A 103 -8.87 24.51 -7.08
N SER A 104 -7.77 24.82 -7.77
CA SER A 104 -7.73 24.74 -9.23
C SER A 104 -8.65 23.63 -9.74
N SER A 105 -9.46 23.96 -10.75
CA SER A 105 -10.39 23.00 -11.32
C SER A 105 -9.69 21.68 -11.62
N GLY A 106 -10.45 20.70 -12.10
CA GLY A 106 -9.88 19.41 -12.43
C GLY A 106 -9.34 18.69 -11.21
N GLY A 1 14.13 -18.70 -5.96
CA GLY A 1 15.30 -19.46 -6.36
C GLY A 1 15.00 -20.94 -6.52
N SER A 2 14.56 -21.57 -5.44
CA SER A 2 14.23 -22.99 -5.46
C SER A 2 12.73 -23.22 -5.40
N SER A 3 12.21 -24.01 -6.33
CA SER A 3 10.78 -24.30 -6.38
C SER A 3 10.28 -24.79 -5.03
N GLY A 4 8.97 -24.70 -4.82
CA GLY A 4 8.38 -25.14 -3.56
C GLY A 4 7.62 -24.04 -2.87
N SER A 5 8.34 -23.07 -2.32
CA SER A 5 7.73 -21.95 -1.61
C SER A 5 6.69 -21.25 -2.50
N SER A 6 5.46 -21.18 -2.00
CA SER A 6 4.38 -20.53 -2.75
C SER A 6 4.08 -19.16 -2.18
N GLY A 7 3.29 -18.37 -2.93
CA GLY A 7 2.94 -17.04 -2.49
C GLY A 7 1.46 -16.91 -2.18
N PRO A 8 1.13 -16.11 -1.16
CA PRO A 8 -0.25 -15.89 -0.74
C PRO A 8 -1.04 -15.06 -1.76
N GLY A 9 -2.31 -15.38 -1.91
CA GLY A 9 -3.15 -14.67 -2.85
C GLY A 9 -3.25 -13.19 -2.54
N PRO A 10 -3.80 -12.41 -3.46
CA PRO A 10 -3.97 -10.96 -3.30
C PRO A 10 -5.01 -10.61 -2.25
N VAL A 11 -4.62 -9.77 -1.28
CA VAL A 11 -5.52 -9.37 -0.22
C VAL A 11 -6.87 -8.91 -0.78
N GLU A 12 -7.80 -8.60 0.11
CA GLU A 12 -9.13 -8.16 -0.29
C GLU A 12 -9.49 -6.83 0.37
N ASN A 13 -10.70 -6.35 0.11
CA ASN A 13 -11.16 -5.09 0.67
C ASN A 13 -10.02 -4.09 0.80
N LEU A 14 -9.20 -4.01 -0.24
CA LEU A 14 -8.06 -3.10 -0.25
C LEU A 14 -8.46 -1.74 -0.81
N GLN A 15 -8.13 -0.68 -0.07
CA GLN A 15 -8.44 0.68 -0.49
C GLN A 15 -7.52 1.69 0.19
N ALA A 16 -7.10 2.69 -0.57
CA ALA A 16 -6.21 3.72 -0.05
C ALA A 16 -6.69 5.12 -0.44
N VAL A 17 -6.78 6.01 0.54
CA VAL A 17 -7.23 7.37 0.29
C VAL A 17 -6.63 8.33 1.31
N SER A 18 -6.29 9.53 0.85
CA SER A 18 -5.70 10.55 1.72
C SER A 18 -6.79 11.43 2.34
N THR A 19 -6.67 11.69 3.64
CA THR A 19 -7.63 12.52 4.34
C THR A 19 -7.03 13.87 4.73
N SER A 20 -5.74 14.04 4.43
CA SER A 20 -5.05 15.28 4.74
C SER A 20 -4.15 15.72 3.59
N PRO A 21 -3.57 16.92 3.72
CA PRO A 21 -2.67 17.46 2.69
C PRO A 21 -1.62 16.45 2.23
N THR A 22 -0.97 15.81 3.19
CA THR A 22 0.06 14.82 2.89
C THR A 22 -0.11 13.57 3.75
N SER A 23 -0.86 12.60 3.23
CA SER A 23 -1.10 11.36 3.95
C SER A 23 -1.71 10.31 3.03
N ILE A 24 -1.89 9.10 3.56
CA ILE A 24 -2.47 8.01 2.78
C ILE A 24 -2.98 6.90 3.69
N LEU A 25 -4.30 6.82 3.84
CA LEU A 25 -4.91 5.79 4.68
C LEU A 25 -5.13 4.51 3.90
N ILE A 26 -4.29 3.51 4.17
CA ILE A 26 -4.39 2.22 3.50
C ILE A 26 -5.12 1.20 4.37
N THR A 27 -6.35 0.85 3.98
CA THR A 27 -7.14 -0.11 4.72
C THR A 27 -7.32 -1.41 3.93
N TRP A 28 -6.59 -2.44 4.33
CA TRP A 28 -6.66 -3.73 3.66
C TRP A 28 -7.24 -4.79 4.59
N GLU A 29 -7.33 -6.02 4.09
CA GLU A 29 -7.87 -7.12 4.87
C GLU A 29 -7.20 -8.44 4.50
N PRO A 30 -7.32 -9.44 5.38
CA PRO A 30 -6.72 -10.77 5.16
C PRO A 30 -7.42 -11.53 4.05
N PRO A 31 -6.62 -12.08 3.12
CA PRO A 31 -7.14 -12.85 1.99
C PRO A 31 -7.73 -14.19 2.42
N ALA A 32 -8.58 -14.76 1.57
CA ALA A 32 -9.21 -16.04 1.86
C ALA A 32 -8.41 -17.19 1.25
N TYR A 33 -8.02 -17.03 0.00
CA TYR A 33 -7.26 -18.06 -0.70
C TYR A 33 -5.75 -17.83 -0.53
N ALA A 34 -5.29 -17.91 0.71
CA ALA A 34 -3.88 -17.71 1.01
C ALA A 34 -3.24 -19.01 1.50
N ASN A 35 -2.06 -19.33 0.99
CA ASN A 35 -1.35 -20.53 1.38
C ASN A 35 -0.80 -20.41 2.79
N GLY A 36 -1.56 -20.88 3.76
CA GLY A 36 -1.13 -20.81 5.15
C GLY A 36 -1.38 -19.45 5.76
N PRO A 37 -0.66 -19.15 6.86
CA PRO A 37 -0.79 -17.87 7.57
C PRO A 37 -0.23 -16.70 6.76
N VAL A 38 -0.26 -15.51 7.36
CA VAL A 38 0.24 -14.31 6.70
C VAL A 38 1.18 -13.53 7.61
N GLN A 39 2.47 -13.80 7.49
CA GLN A 39 3.47 -13.11 8.31
C GLN A 39 3.08 -11.66 8.53
N GLY A 40 2.64 -11.00 7.47
CA GLY A 40 2.25 -9.60 7.56
C GLY A 40 1.91 -9.00 6.21
N TYR A 41 2.34 -7.76 6.00
CA TYR A 41 2.08 -7.07 4.74
C TYR A 41 3.17 -6.04 4.44
N ARG A 42 3.65 -6.04 3.19
CA ARG A 42 4.69 -5.11 2.78
C ARG A 42 4.13 -4.04 1.84
N LEU A 43 4.44 -2.78 2.13
CA LEU A 43 3.97 -1.67 1.31
C LEU A 43 5.13 -1.01 0.58
N PHE A 44 4.86 -0.52 -0.62
CA PHE A 44 5.87 0.14 -1.44
C PHE A 44 5.38 1.49 -1.95
N CYS A 45 5.96 2.57 -1.42
CA CYS A 45 5.58 3.91 -1.82
C CYS A 45 6.58 4.50 -2.82
N THR A 46 6.11 4.78 -4.02
CA THR A 46 6.97 5.34 -5.06
C THR A 46 6.45 6.69 -5.53
N GLU A 47 7.33 7.69 -5.53
CA GLU A 47 6.97 9.03 -5.95
C GLU A 47 7.06 9.17 -7.47
N VAL A 48 5.93 9.51 -8.09
CA VAL A 48 5.88 9.68 -9.54
C VAL A 48 6.70 10.89 -9.98
N SER A 49 6.77 11.89 -9.13
CA SER A 49 7.51 13.11 -9.44
C SER A 49 8.99 12.81 -9.67
N THR A 50 9.59 12.06 -8.74
CA THR A 50 10.99 11.70 -8.85
C THR A 50 11.16 10.31 -9.43
N GLY A 51 10.51 9.32 -8.81
CA GLY A 51 10.59 7.96 -9.29
C GLY A 51 11.32 7.05 -8.33
N LYS A 52 11.39 7.46 -7.08
CA LYS A 52 12.08 6.68 -6.05
C LYS A 52 11.07 5.90 -5.20
N GLU A 53 11.31 4.60 -5.05
CA GLU A 53 10.43 3.74 -4.27
C GLU A 53 10.98 3.52 -2.86
N GLN A 54 10.09 3.30 -1.91
CA GLN A 54 10.49 3.07 -0.53
C GLN A 54 9.64 1.97 0.12
N ASN A 55 10.30 0.90 0.53
CA ASN A 55 9.61 -0.22 1.16
C ASN A 55 9.28 0.09 2.62
N ILE A 56 8.11 -0.36 3.06
CA ILE A 56 7.68 -0.12 4.43
C ILE A 56 6.92 -1.34 4.98
N GLU A 57 7.14 -1.64 6.26
CA GLU A 57 6.48 -2.76 6.90
C GLU A 57 5.41 -2.28 7.87
N VAL A 58 4.16 -2.55 7.53
CA VAL A 58 3.03 -2.14 8.38
C VAL A 58 2.26 -3.36 8.89
N ASP A 59 1.81 -3.28 10.14
CA ASP A 59 1.07 -4.37 10.75
C ASP A 59 -0.42 -4.04 10.81
N GLY A 60 -1.22 -4.99 11.32
CA GLY A 60 -2.65 -4.77 11.42
C GLY A 60 -3.32 -4.71 10.06
N LEU A 61 -4.44 -4.00 9.99
CA LEU A 61 -5.19 -3.85 8.75
C LEU A 61 -5.52 -2.39 8.47
N SER A 62 -4.59 -1.50 8.84
CA SER A 62 -4.78 -0.07 8.63
C SER A 62 -3.53 0.70 9.02
N TYR A 63 -3.00 1.47 8.09
CA TYR A 63 -1.80 2.27 8.33
C TYR A 63 -1.92 3.65 7.68
N LYS A 64 -1.83 4.69 8.51
CA LYS A 64 -1.93 6.06 8.02
C LYS A 64 -0.55 6.60 7.65
N LEU A 65 -0.33 6.83 6.36
CA LEU A 65 0.95 7.35 5.89
C LEU A 65 1.02 8.86 6.06
N GLU A 66 2.20 9.37 6.37
CA GLU A 66 2.42 10.80 6.57
C GLU A 66 3.81 11.22 6.11
N GLY A 67 3.95 12.50 5.80
CA GLY A 67 5.23 13.01 5.35
C GLY A 67 5.34 13.05 3.83
N LEU A 68 4.20 13.20 3.16
CA LEU A 68 4.18 13.25 1.71
C LEU A 68 4.09 14.69 1.21
N LYS A 69 3.89 14.86 -0.09
CA LYS A 69 3.78 16.18 -0.69
C LYS A 69 2.32 16.63 -0.77
N LYS A 70 2.08 17.89 -0.42
CA LYS A 70 0.73 18.45 -0.45
C LYS A 70 -0.12 17.75 -1.52
N PHE A 71 0.18 18.03 -2.78
CA PHE A 71 -0.56 17.43 -3.88
C PHE A 71 0.40 16.85 -4.92
N THR A 72 0.58 15.53 -4.88
CA THR A 72 1.47 14.84 -5.81
C THR A 72 1.01 13.41 -6.06
N GLU A 73 0.76 13.09 -7.33
CA GLU A 73 0.31 11.74 -7.69
C GLU A 73 1.30 10.69 -7.19
N TYR A 74 0.91 9.97 -6.15
CA TYR A 74 1.76 8.93 -5.57
C TYR A 74 1.29 7.54 -6.01
N SER A 75 2.25 6.64 -6.19
CA SER A 75 1.94 5.28 -6.62
C SER A 75 2.41 4.27 -5.58
N LEU A 76 1.46 3.58 -4.96
CA LEU A 76 1.78 2.58 -3.94
C LEU A 76 1.47 1.17 -4.45
N ARG A 77 1.91 0.17 -3.69
CA ARG A 77 1.68 -1.23 -4.06
C ARG A 77 1.64 -2.11 -2.82
N PHE A 78 0.50 -2.72 -2.57
CA PHE A 78 0.33 -3.60 -1.41
C PHE A 78 0.25 -5.07 -1.85
N LEU A 79 0.80 -5.95 -1.04
CA LEU A 79 0.79 -7.38 -1.33
C LEU A 79 0.99 -8.20 -0.06
N ALA A 80 0.51 -9.44 -0.10
CA ALA A 80 0.64 -10.33 1.05
C ALA A 80 1.87 -11.23 0.92
N TYR A 81 2.50 -11.54 2.05
CA TYR A 81 3.69 -12.37 2.06
C TYR A 81 3.75 -13.22 3.33
N ASN A 82 4.06 -14.50 3.16
CA ASN A 82 4.14 -15.42 4.29
C ASN A 82 5.55 -16.03 4.38
N ARG A 83 5.74 -16.89 5.37
CA ARG A 83 7.03 -17.55 5.57
C ARG A 83 7.65 -17.93 4.23
N TYR A 84 6.82 -18.40 3.31
CA TYR A 84 7.29 -18.80 1.98
C TYR A 84 7.87 -17.60 1.23
N GLY A 85 7.05 -16.58 1.04
CA GLY A 85 7.49 -15.39 0.33
C GLY A 85 6.33 -14.53 -0.13
N PRO A 86 6.66 -13.38 -0.76
CA PRO A 86 5.64 -12.44 -1.26
C PRO A 86 4.89 -13.00 -2.47
N GLY A 87 3.57 -13.06 -2.35
CA GLY A 87 2.75 -13.57 -3.43
C GLY A 87 2.43 -12.51 -4.46
N VAL A 88 1.21 -12.55 -4.99
CA VAL A 88 0.78 -11.58 -5.99
C VAL A 88 0.64 -10.19 -5.39
N SER A 89 0.94 -9.17 -6.20
CA SER A 89 0.85 -7.79 -5.74
C SER A 89 -0.35 -7.08 -6.38
N THR A 90 -1.02 -6.25 -5.60
CA THR A 90 -2.18 -5.52 -6.08
C THR A 90 -1.78 -4.42 -7.06
N ASP A 91 -2.62 -4.17 -8.05
CA ASP A 91 -2.34 -3.15 -9.05
C ASP A 91 -2.00 -1.82 -8.39
N ASP A 92 -0.89 -1.22 -8.82
CA ASP A 92 -0.46 0.06 -8.26
C ASP A 92 -1.67 0.93 -7.89
N ILE A 93 -1.70 1.39 -6.65
CA ILE A 93 -2.79 2.22 -6.17
C ILE A 93 -2.42 3.70 -6.26
N THR A 94 -2.91 4.37 -7.30
CA THR A 94 -2.64 5.79 -7.50
C THR A 94 -3.57 6.65 -6.66
N VAL A 95 -3.00 7.38 -5.71
CA VAL A 95 -3.78 8.25 -4.84
C VAL A 95 -3.15 9.63 -4.72
N VAL A 96 -3.76 10.61 -5.37
CA VAL A 96 -3.24 11.98 -5.34
C VAL A 96 -3.56 12.65 -4.01
N THR A 97 -2.52 13.07 -3.29
CA THR A 97 -2.68 13.73 -2.00
C THR A 97 -3.59 14.95 -2.12
N LEU A 98 -4.25 15.30 -1.02
CA LEU A 98 -5.15 16.44 -1.01
C LEU A 98 -4.40 17.73 -1.34
N SER A 99 -5.08 18.87 -1.23
CA SER A 99 -4.48 20.15 -1.53
C SER A 99 -4.94 21.21 -0.53
N ASP A 100 -4.01 21.64 0.33
CA ASP A 100 -4.32 22.65 1.33
C ASP A 100 -5.04 23.85 0.70
N SER A 101 -6.00 24.40 1.43
CA SER A 101 -6.76 25.55 0.95
C SER A 101 -6.66 26.72 1.91
N GLY A 102 -5.71 27.61 1.65
CA GLY A 102 -5.52 28.77 2.51
C GLY A 102 -4.80 29.91 1.80
N PRO A 103 -3.47 29.79 1.71
CA PRO A 103 -2.63 30.80 1.06
C PRO A 103 -2.85 30.85 -0.45
N SER A 104 -2.86 32.05 -1.00
CA SER A 104 -3.05 32.23 -2.44
C SER A 104 -1.84 32.91 -3.07
N SER A 105 -0.96 32.09 -3.64
CA SER A 105 0.26 32.61 -4.27
C SER A 105 -0.10 33.47 -5.49
N GLY A 106 -0.43 34.74 -5.24
CA GLY A 106 -0.77 35.64 -6.32
C GLY A 106 -1.07 37.04 -5.83
N GLY A 1 13.73 -24.76 -11.99
CA GLY A 1 14.18 -24.68 -10.61
C GLY A 1 13.04 -24.83 -9.62
N SER A 2 12.98 -25.97 -8.97
CA SER A 2 11.93 -26.24 -7.99
C SER A 2 12.48 -26.21 -6.56
N SER A 3 12.43 -25.03 -5.95
CA SER A 3 12.93 -24.86 -4.59
C SER A 3 11.92 -25.37 -3.57
N GLY A 4 10.66 -24.99 -3.75
CA GLY A 4 9.61 -25.42 -2.84
C GLY A 4 8.98 -24.26 -2.09
N SER A 5 8.72 -23.17 -2.81
CA SER A 5 8.11 -21.99 -2.22
C SER A 5 6.87 -21.57 -2.99
N SER A 6 6.11 -20.64 -2.40
CA SER A 6 4.88 -20.15 -3.03
C SER A 6 4.57 -18.74 -2.57
N GLY A 7 3.43 -18.21 -3.03
CA GLY A 7 3.03 -16.87 -2.65
C GLY A 7 1.57 -16.77 -2.29
N PRO A 8 1.25 -16.01 -1.24
CA PRO A 8 -0.12 -15.83 -0.78
C PRO A 8 -0.96 -15.00 -1.75
N GLY A 9 -2.20 -15.42 -1.95
CA GLY A 9 -3.09 -14.71 -2.86
C GLY A 9 -3.23 -13.24 -2.51
N PRO A 10 -3.94 -12.49 -3.36
CA PRO A 10 -4.15 -11.05 -3.14
C PRO A 10 -5.10 -10.77 -1.98
N VAL A 11 -4.84 -9.67 -1.27
CA VAL A 11 -5.67 -9.30 -0.13
C VAL A 11 -7.06 -8.88 -0.57
N GLU A 12 -7.89 -8.48 0.39
CA GLU A 12 -9.25 -8.06 0.10
C GLU A 12 -9.53 -6.68 0.70
N ASN A 13 -10.74 -6.18 0.48
CA ASN A 13 -11.13 -4.87 1.00
C ASN A 13 -9.93 -3.92 1.05
N LEU A 14 -9.14 -3.92 -0.02
CA LEU A 14 -7.96 -3.07 -0.11
C LEU A 14 -8.32 -1.71 -0.72
N GLN A 15 -8.16 -0.65 0.05
CA GLN A 15 -8.45 0.69 -0.42
C GLN A 15 -7.52 1.72 0.21
N ALA A 16 -7.04 2.65 -0.59
CA ALA A 16 -6.13 3.69 -0.11
C ALA A 16 -6.64 5.08 -0.49
N VAL A 17 -6.72 5.96 0.50
CA VAL A 17 -7.20 7.32 0.28
C VAL A 17 -6.58 8.29 1.30
N SER A 18 -6.26 9.49 0.83
CA SER A 18 -5.67 10.51 1.69
C SER A 18 -6.74 11.42 2.28
N THR A 19 -6.67 11.67 3.58
CA THR A 19 -7.63 12.53 4.26
C THR A 19 -7.00 13.86 4.65
N SER A 20 -5.69 13.98 4.41
CA SER A 20 -4.97 15.21 4.75
C SER A 20 -4.06 15.63 3.61
N PRO A 21 -3.48 16.83 3.73
CA PRO A 21 -2.58 17.38 2.71
C PRO A 21 -1.51 16.37 2.27
N THR A 22 -0.89 15.72 3.24
CA THR A 22 0.15 14.73 2.95
C THR A 22 -0.04 13.48 3.79
N SER A 23 -0.78 12.52 3.26
CA SER A 23 -1.05 11.26 3.97
C SER A 23 -1.66 10.23 3.04
N ILE A 24 -1.89 9.03 3.56
CA ILE A 24 -2.47 7.95 2.77
C ILE A 24 -3.02 6.85 3.67
N LEU A 25 -4.35 6.79 3.80
CA LEU A 25 -4.99 5.79 4.63
C LEU A 25 -5.18 4.49 3.86
N ILE A 26 -4.32 3.51 4.15
CA ILE A 26 -4.40 2.22 3.48
C ILE A 26 -5.15 1.20 4.34
N THR A 27 -6.36 0.85 3.90
CA THR A 27 -7.19 -0.11 4.62
C THR A 27 -7.29 -1.42 3.86
N TRP A 28 -6.51 -2.41 4.29
CA TRP A 28 -6.51 -3.73 3.65
C TRP A 28 -7.11 -4.78 4.58
N GLU A 29 -7.39 -5.95 4.02
CA GLU A 29 -7.95 -7.04 4.80
C GLU A 29 -7.26 -8.36 4.48
N PRO A 30 -7.39 -9.34 5.39
CA PRO A 30 -6.78 -10.66 5.22
C PRO A 30 -7.46 -11.48 4.12
N PRO A 31 -6.65 -11.97 3.18
CA PRO A 31 -7.14 -12.78 2.05
C PRO A 31 -7.64 -14.15 2.48
N ALA A 32 -8.72 -14.61 1.87
CA ALA A 32 -9.30 -15.90 2.19
C ALA A 32 -8.63 -17.02 1.39
N TYR A 33 -8.46 -16.78 0.09
CA TYR A 33 -7.84 -17.76 -0.80
C TYR A 33 -6.33 -17.61 -0.80
N ALA A 34 -5.75 -17.41 0.38
CA ALA A 34 -4.31 -17.25 0.51
C ALA A 34 -3.63 -18.59 0.75
N ASN A 35 -2.30 -18.59 0.70
CA ASN A 35 -1.53 -19.81 0.92
C ASN A 35 -0.95 -19.85 2.32
N GLY A 36 -1.64 -20.55 3.22
CA GLY A 36 -1.17 -20.64 4.60
C GLY A 36 -1.38 -19.36 5.37
N PRO A 37 -0.59 -19.17 6.44
CA PRO A 37 -0.67 -17.98 7.29
C PRO A 37 -0.16 -16.73 6.57
N VAL A 38 -0.24 -15.59 7.27
CA VAL A 38 0.21 -14.33 6.70
C VAL A 38 1.11 -13.59 7.67
N GLN A 39 2.41 -13.79 7.54
CA GLN A 39 3.38 -13.13 8.40
C GLN A 39 3.03 -11.66 8.61
N GLY A 40 2.59 -11.01 7.53
CA GLY A 40 2.22 -9.61 7.62
C GLY A 40 1.89 -9.02 6.26
N TYR A 41 2.32 -7.78 6.04
CA TYR A 41 2.06 -7.10 4.77
C TYR A 41 3.18 -6.11 4.46
N ARG A 42 3.58 -6.07 3.19
CA ARG A 42 4.64 -5.16 2.74
C ARG A 42 4.08 -4.06 1.85
N LEU A 43 4.38 -2.82 2.19
CA LEU A 43 3.90 -1.67 1.43
C LEU A 43 5.05 -1.00 0.69
N PHE A 44 4.77 -0.54 -0.53
CA PHE A 44 5.78 0.12 -1.35
C PHE A 44 5.28 1.47 -1.85
N CYS A 45 5.91 2.54 -1.39
CA CYS A 45 5.52 3.89 -1.80
C CYS A 45 6.52 4.46 -2.80
N THR A 46 6.05 4.74 -4.01
CA THR A 46 6.91 5.28 -5.05
C THR A 46 6.38 6.63 -5.54
N GLU A 47 7.26 7.64 -5.56
CA GLU A 47 6.88 8.97 -6.01
C GLU A 47 6.98 9.09 -7.53
N VAL A 48 5.84 9.31 -8.17
CA VAL A 48 5.79 9.45 -9.62
C VAL A 48 6.59 10.66 -10.09
N SER A 49 6.62 11.70 -9.25
CA SER A 49 7.35 12.91 -9.58
C SER A 49 8.83 12.64 -9.74
N THR A 50 9.42 11.96 -8.75
CA THR A 50 10.84 11.63 -8.78
C THR A 50 11.07 10.24 -9.35
N GLY A 51 10.40 9.24 -8.76
CA GLY A 51 10.55 7.88 -9.23
C GLY A 51 11.20 6.99 -8.19
N LYS A 52 11.43 7.53 -7.01
CA LYS A 52 12.05 6.77 -5.92
C LYS A 52 11.03 5.91 -5.20
N GLU A 53 11.46 4.72 -4.79
CA GLU A 53 10.56 3.79 -4.09
C GLU A 53 11.06 3.54 -2.67
N GLN A 54 10.13 3.46 -1.72
CA GLN A 54 10.47 3.23 -0.32
C GLN A 54 9.63 2.09 0.25
N ASN A 55 10.29 1.01 0.64
CA ASN A 55 9.60 -0.14 1.21
C ASN A 55 9.26 0.10 2.68
N ILE A 56 8.07 -0.33 3.08
CA ILE A 56 7.61 -0.15 4.45
C ILE A 56 6.88 -1.39 4.96
N GLU A 57 7.05 -1.70 6.23
CA GLU A 57 6.41 -2.86 6.83
C GLU A 57 5.42 -2.44 7.92
N VAL A 58 4.14 -2.51 7.60
CA VAL A 58 3.10 -2.13 8.55
C VAL A 58 2.35 -3.36 9.07
N ASP A 59 1.85 -3.27 10.31
CA ASP A 59 1.13 -4.37 10.92
C ASP A 59 -0.28 -3.94 11.32
N GLY A 60 -1.26 -4.78 11.02
CA GLY A 60 -2.64 -4.46 11.36
C GLY A 60 -3.56 -4.55 10.16
N LEU A 61 -4.64 -3.77 10.18
CA LEU A 61 -5.60 -3.77 9.09
C LEU A 61 -5.54 -2.45 8.31
N SER A 62 -5.13 -1.38 9.00
CA SER A 62 -5.03 -0.07 8.38
C SER A 62 -3.79 0.66 8.87
N TYR A 63 -3.22 1.49 8.00
CA TYR A 63 -2.02 2.26 8.34
C TYR A 63 -2.03 3.62 7.66
N LYS A 64 -2.01 4.68 8.46
CA LYS A 64 -2.02 6.04 7.94
C LYS A 64 -0.59 6.50 7.63
N LEU A 65 -0.34 6.87 6.38
CA LEU A 65 0.97 7.34 5.97
C LEU A 65 1.09 8.85 6.13
N GLU A 66 2.30 9.33 6.39
CA GLU A 66 2.55 10.76 6.56
C GLU A 66 3.93 11.13 6.04
N GLY A 67 4.13 12.43 5.80
CA GLY A 67 5.41 12.90 5.31
C GLY A 67 5.47 12.92 3.79
N LEU A 68 4.33 13.18 3.16
CA LEU A 68 4.26 13.22 1.71
C LEU A 68 4.14 14.66 1.21
N LYS A 69 3.94 14.81 -0.10
CA LYS A 69 3.80 16.13 -0.69
C LYS A 69 2.35 16.55 -0.75
N LYS A 70 2.09 17.82 -0.43
CA LYS A 70 0.73 18.35 -0.45
C LYS A 70 -0.12 17.66 -1.51
N PHE A 71 0.17 17.97 -2.78
CA PHE A 71 -0.57 17.37 -3.89
C PHE A 71 0.39 16.79 -4.92
N THR A 72 0.55 15.47 -4.88
CA THR A 72 1.44 14.78 -5.81
C THR A 72 0.97 13.36 -6.08
N GLU A 73 0.77 13.04 -7.36
CA GLU A 73 0.31 11.71 -7.75
C GLU A 73 1.29 10.63 -7.28
N TYR A 74 0.91 9.90 -6.24
CA TYR A 74 1.75 8.86 -5.70
C TYR A 74 1.25 7.48 -6.11
N SER A 75 2.18 6.55 -6.32
CA SER A 75 1.83 5.19 -6.72
C SER A 75 2.34 4.18 -5.72
N LEU A 76 1.42 3.54 -5.00
CA LEU A 76 1.78 2.54 -4.00
C LEU A 76 1.45 1.14 -4.49
N ARG A 77 1.89 0.13 -3.74
CA ARG A 77 1.65 -1.26 -4.11
C ARG A 77 1.57 -2.14 -2.86
N PHE A 78 0.44 -2.82 -2.69
CA PHE A 78 0.24 -3.70 -1.54
C PHE A 78 0.25 -5.16 -1.97
N LEU A 79 0.80 -6.02 -1.12
CA LEU A 79 0.88 -7.44 -1.41
C LEU A 79 1.05 -8.25 -0.13
N ALA A 80 0.66 -9.52 -0.17
CA ALA A 80 0.78 -10.40 0.99
C ALA A 80 2.05 -11.23 0.91
N TYR A 81 2.66 -11.49 2.07
CA TYR A 81 3.88 -12.28 2.13
C TYR A 81 3.95 -13.07 3.43
N ASN A 82 4.20 -14.37 3.32
CA ASN A 82 4.28 -15.24 4.48
C ASN A 82 5.59 -16.04 4.46
N ARG A 83 5.74 -16.93 5.44
CA ARG A 83 6.95 -17.75 5.53
C ARG A 83 7.44 -18.15 4.14
N TYR A 84 6.50 -18.35 3.23
CA TYR A 84 6.85 -18.75 1.86
C TYR A 84 7.50 -17.59 1.12
N GLY A 85 6.75 -16.48 0.98
CA GLY A 85 7.27 -15.32 0.29
C GLY A 85 6.17 -14.43 -0.25
N PRO A 86 6.57 -13.29 -0.85
CA PRO A 86 5.62 -12.33 -1.43
C PRO A 86 4.93 -12.88 -2.67
N GLY A 87 3.60 -13.03 -2.59
CA GLY A 87 2.85 -13.54 -3.71
C GLY A 87 2.38 -12.43 -4.65
N VAL A 88 1.13 -12.51 -5.08
CA VAL A 88 0.57 -11.51 -5.97
C VAL A 88 0.74 -10.10 -5.40
N SER A 89 0.83 -9.12 -6.30
CA SER A 89 1.00 -7.74 -5.89
C SER A 89 -0.10 -6.85 -6.48
N THR A 90 -0.90 -6.26 -5.60
CA THR A 90 -1.99 -5.40 -6.02
C THR A 90 -1.55 -4.44 -7.12
N ASP A 91 -2.51 -3.89 -7.85
CA ASP A 91 -2.21 -2.96 -8.93
C ASP A 91 -1.76 -1.61 -8.38
N ASP A 92 -0.85 -0.96 -9.09
CA ASP A 92 -0.33 0.34 -8.66
C ASP A 92 -1.47 1.25 -8.19
N ILE A 93 -1.60 1.40 -6.88
CA ILE A 93 -2.65 2.24 -6.32
C ILE A 93 -2.27 3.72 -6.41
N THR A 94 -2.87 4.41 -7.37
CA THR A 94 -2.61 5.83 -7.56
C THR A 94 -3.54 6.68 -6.71
N VAL A 95 -2.98 7.38 -5.73
CA VAL A 95 -3.76 8.24 -4.85
C VAL A 95 -3.13 9.63 -4.72
N VAL A 96 -3.74 10.60 -5.37
CA VAL A 96 -3.25 11.97 -5.33
C VAL A 96 -3.59 12.65 -4.00
N THR A 97 -2.56 12.99 -3.24
CA THR A 97 -2.74 13.64 -1.95
C THR A 97 -3.62 14.89 -2.08
N LEU A 98 -4.30 15.25 -1.00
CA LEU A 98 -5.16 16.42 -0.99
C LEU A 98 -4.38 17.68 -1.34
N SER A 99 -5.04 18.83 -1.24
CA SER A 99 -4.42 20.11 -1.55
C SER A 99 -4.80 21.16 -0.52
N ASP A 100 -3.85 21.49 0.35
CA ASP A 100 -4.08 22.49 1.39
C ASP A 100 -4.54 23.81 0.78
N SER A 101 -3.72 24.37 -0.10
CA SER A 101 -4.04 25.64 -0.75
C SER A 101 -4.76 25.40 -2.08
N GLY A 102 -6.02 25.84 -2.14
CA GLY A 102 -6.80 25.66 -3.36
C GLY A 102 -8.28 25.48 -3.07
N PRO A 103 -9.13 26.04 -3.94
CA PRO A 103 -10.59 25.95 -3.80
C PRO A 103 -11.10 24.53 -4.05
N SER A 104 -12.24 24.21 -3.44
CA SER A 104 -12.84 22.89 -3.59
C SER A 104 -13.71 22.83 -4.83
N SER A 105 -13.07 22.65 -6.00
CA SER A 105 -13.79 22.58 -7.25
C SER A 105 -14.31 21.17 -7.51
N GLY A 106 -15.60 21.07 -7.84
CA GLY A 106 -16.19 19.78 -8.10
C GLY A 106 -16.94 19.24 -6.90
N GLY A 1 12.03 -32.44 -7.48
CA GLY A 1 11.11 -31.34 -7.71
C GLY A 1 11.69 -30.01 -7.31
N SER A 2 10.91 -28.95 -7.49
CA SER A 2 11.35 -27.60 -7.15
C SER A 2 10.27 -26.85 -6.39
N SER A 3 9.04 -26.95 -6.87
CA SER A 3 7.90 -26.28 -6.25
C SER A 3 7.90 -26.51 -4.74
N GLY A 4 7.94 -25.42 -3.98
CA GLY A 4 7.95 -25.54 -2.53
C GLY A 4 7.30 -24.34 -1.86
N SER A 5 8.01 -23.21 -1.85
CA SER A 5 7.50 -21.99 -1.23
C SER A 5 6.62 -21.23 -2.20
N SER A 6 5.30 -21.30 -1.99
CA SER A 6 4.35 -20.62 -2.85
C SER A 6 3.98 -19.26 -2.26
N GLY A 7 3.51 -18.36 -3.12
CA GLY A 7 3.12 -17.03 -2.68
C GLY A 7 1.65 -16.94 -2.31
N PRO A 8 1.34 -16.15 -1.26
CA PRO A 8 -0.03 -15.97 -0.80
C PRO A 8 -0.87 -15.16 -1.78
N GLY A 9 -2.19 -15.31 -1.69
CA GLY A 9 -3.09 -14.60 -2.57
C GLY A 9 -3.15 -13.11 -2.25
N PRO A 10 -3.66 -12.32 -3.21
CA PRO A 10 -3.79 -10.87 -3.06
C PRO A 10 -4.83 -10.49 -2.02
N VAL A 11 -4.43 -9.68 -1.04
CA VAL A 11 -5.34 -9.23 0.02
C VAL A 11 -6.68 -8.81 -0.57
N GLU A 12 -7.67 -8.68 0.30
CA GLU A 12 -9.01 -8.27 -0.12
C GLU A 12 -9.40 -6.94 0.50
N ASN A 13 -10.54 -6.41 0.09
CA ASN A 13 -11.03 -5.14 0.61
C ASN A 13 -9.88 -4.14 0.78
N LEU A 14 -9.06 -4.03 -0.25
CA LEU A 14 -7.91 -3.11 -0.21
C LEU A 14 -8.27 -1.77 -0.84
N GLN A 15 -8.06 -0.70 -0.08
CA GLN A 15 -8.36 0.64 -0.56
C GLN A 15 -7.54 1.69 0.18
N ALA A 16 -7.01 2.66 -0.56
CA ALA A 16 -6.20 3.72 0.04
C ALA A 16 -6.73 5.09 -0.36
N VAL A 17 -6.81 6.00 0.61
CA VAL A 17 -7.29 7.36 0.36
C VAL A 17 -6.70 8.34 1.35
N SER A 18 -6.38 9.54 0.88
CA SER A 18 -5.80 10.58 1.72
C SER A 18 -6.88 11.49 2.28
N THR A 19 -6.80 11.76 3.58
CA THR A 19 -7.79 12.62 4.24
C THR A 19 -7.17 13.96 4.62
N SER A 20 -5.87 14.12 4.34
CA SER A 20 -5.16 15.35 4.66
C SER A 20 -4.22 15.74 3.53
N PRO A 21 -3.62 16.94 3.64
CA PRO A 21 -2.69 17.45 2.64
C PRO A 21 -1.62 16.42 2.25
N THR A 22 -1.04 15.79 3.25
CA THR A 22 -0.01 14.79 3.03
C THR A 22 -0.23 13.55 3.89
N SER A 23 -0.97 12.59 3.35
CA SER A 23 -1.27 11.36 4.08
C SER A 23 -1.85 10.29 3.15
N ILE A 24 -2.07 9.10 3.69
CA ILE A 24 -2.63 8.00 2.90
C ILE A 24 -3.18 6.91 3.81
N LEU A 25 -4.50 6.84 3.91
CA LEU A 25 -5.16 5.84 4.74
C LEU A 25 -5.37 4.55 3.97
N ILE A 26 -4.51 3.56 4.22
CA ILE A 26 -4.60 2.27 3.55
C ILE A 26 -5.36 1.26 4.41
N THR A 27 -6.52 0.83 3.91
CA THR A 27 -7.33 -0.14 4.63
C THR A 27 -7.44 -1.45 3.86
N TRP A 28 -6.61 -2.42 4.22
CA TRP A 28 -6.62 -3.72 3.57
C TRP A 28 -7.19 -4.80 4.48
N GLU A 29 -7.31 -6.01 3.97
CA GLU A 29 -7.84 -7.13 4.74
C GLU A 29 -7.08 -8.42 4.42
N PRO A 30 -7.20 -9.40 5.32
CA PRO A 30 -6.54 -10.70 5.15
C PRO A 30 -7.17 -11.53 4.03
N PRO A 31 -6.31 -12.11 3.18
CA PRO A 31 -6.76 -12.94 2.05
C PRO A 31 -7.36 -14.27 2.51
N ALA A 32 -8.39 -14.72 1.81
CA ALA A 32 -9.05 -15.97 2.14
C ALA A 32 -8.44 -17.13 1.37
N TYR A 33 -8.08 -16.89 0.12
CA TYR A 33 -7.48 -17.93 -0.72
C TYR A 33 -5.97 -17.75 -0.80
N ALA A 34 -5.30 -17.91 0.33
CA ALA A 34 -3.84 -17.77 0.38
C ALA A 34 -3.19 -19.06 0.85
N ASN A 35 -2.03 -19.36 0.28
CA ASN A 35 -1.29 -20.58 0.63
C ASN A 35 -0.74 -20.48 2.05
N GLY A 36 -1.54 -20.89 3.03
CA GLY A 36 -1.10 -20.84 4.42
C GLY A 36 -1.46 -19.52 5.08
N PRO A 37 -0.85 -19.28 6.25
CA PRO A 37 -1.10 -18.05 7.02
C PRO A 37 -0.50 -16.82 6.35
N VAL A 38 -0.54 -15.69 7.05
CA VAL A 38 0.00 -14.44 6.51
C VAL A 38 0.85 -13.72 7.56
N GLN A 39 2.16 -13.96 7.51
CA GLN A 39 3.08 -13.32 8.44
C GLN A 39 2.72 -11.86 8.65
N GLY A 40 2.48 -11.15 7.55
CA GLY A 40 2.14 -9.74 7.64
C GLY A 40 1.83 -9.15 6.28
N TYR A 41 2.27 -7.91 6.06
CA TYR A 41 2.02 -7.22 4.80
C TYR A 41 3.13 -6.24 4.48
N ARG A 42 3.50 -6.15 3.21
CA ARG A 42 4.56 -5.24 2.78
C ARG A 42 3.98 -4.11 1.93
N LEU A 43 4.47 -2.90 2.17
CA LEU A 43 4.00 -1.73 1.43
C LEU A 43 5.16 -1.06 0.69
N PHE A 44 4.90 -0.65 -0.55
CA PHE A 44 5.92 0.01 -1.36
C PHE A 44 5.39 1.31 -1.95
N CYS A 45 5.94 2.43 -1.48
CA CYS A 45 5.52 3.75 -1.96
C CYS A 45 6.55 4.32 -2.93
N THR A 46 6.06 4.78 -4.09
CA THR A 46 6.94 5.35 -5.10
C THR A 46 6.39 6.69 -5.60
N GLU A 47 7.28 7.68 -5.70
CA GLU A 47 6.89 9.00 -6.16
C GLU A 47 6.95 9.08 -7.69
N VAL A 48 5.80 9.32 -8.30
CA VAL A 48 5.71 9.43 -9.75
C VAL A 48 6.42 10.68 -10.25
N SER A 49 6.39 11.73 -9.44
CA SER A 49 7.04 12.99 -9.81
C SER A 49 8.52 12.78 -10.06
N THR A 50 9.21 12.14 -9.12
CA THR A 50 10.63 11.89 -9.24
C THR A 50 10.89 10.47 -9.73
N GLY A 51 10.34 9.50 -9.00
CA GLY A 51 10.53 8.10 -9.38
C GLY A 51 11.23 7.30 -8.31
N LYS A 52 11.30 7.86 -7.10
CA LYS A 52 11.95 7.19 -5.99
C LYS A 52 11.01 6.18 -5.34
N GLU A 53 11.56 5.03 -4.96
CA GLU A 53 10.77 3.99 -4.32
C GLU A 53 11.23 3.75 -2.88
N GLN A 54 10.26 3.53 -1.98
CA GLN A 54 10.56 3.30 -0.58
C GLN A 54 9.76 2.12 -0.04
N ASN A 55 10.45 1.18 0.61
CA ASN A 55 9.80 0.02 1.17
C ASN A 55 9.39 0.26 2.61
N ILE A 56 8.24 -0.28 3.00
CA ILE A 56 7.73 -0.11 4.36
C ILE A 56 7.07 -1.39 4.86
N GLU A 57 7.23 -1.67 6.15
CA GLU A 57 6.65 -2.87 6.75
C GLU A 57 5.66 -2.50 7.86
N VAL A 58 4.38 -2.63 7.56
CA VAL A 58 3.33 -2.30 8.53
C VAL A 58 2.60 -3.56 8.99
N ASP A 59 1.80 -3.42 10.04
CA ASP A 59 1.04 -4.55 10.58
C ASP A 59 -0.41 -4.15 10.83
N GLY A 60 -1.29 -5.15 10.83
CA GLY A 60 -2.70 -4.89 11.06
C GLY A 60 -3.48 -4.76 9.76
N LEU A 61 -4.60 -4.04 9.82
CA LEU A 61 -5.44 -3.85 8.64
C LEU A 61 -5.73 -2.37 8.42
N SER A 62 -4.76 -1.53 8.77
CA SER A 62 -4.91 -0.09 8.61
C SER A 62 -3.62 0.65 8.98
N TYR A 63 -3.20 1.56 8.11
CA TYR A 63 -1.97 2.32 8.33
C TYR A 63 -2.08 3.71 7.72
N LYS A 64 -1.81 4.73 8.53
CA LYS A 64 -1.87 6.12 8.07
C LYS A 64 -0.48 6.63 7.71
N LEU A 65 -0.26 6.88 6.43
CA LEU A 65 1.03 7.38 5.95
C LEU A 65 1.14 8.88 6.17
N GLU A 66 2.36 9.34 6.43
CA GLU A 66 2.61 10.76 6.66
C GLU A 66 3.98 11.17 6.12
N GLY A 67 4.14 12.47 5.85
CA GLY A 67 5.39 12.96 5.34
C GLY A 67 5.44 12.97 3.82
N LEU A 68 4.29 13.17 3.20
CA LEU A 68 4.20 13.20 1.75
C LEU A 68 4.11 14.63 1.23
N LYS A 69 3.97 14.77 -0.09
CA LYS A 69 3.88 16.09 -0.70
C LYS A 69 2.42 16.55 -0.78
N LYS A 70 2.18 17.80 -0.39
CA LYS A 70 0.83 18.36 -0.42
C LYS A 70 -0.01 17.67 -1.48
N PHE A 71 0.26 17.98 -2.74
CA PHE A 71 -0.49 17.39 -3.86
C PHE A 71 0.46 16.82 -4.90
N THR A 72 0.63 15.50 -4.88
CA THR A 72 1.50 14.82 -5.82
C THR A 72 1.03 13.39 -6.09
N GLU A 73 0.76 13.10 -7.36
CA GLU A 73 0.30 11.77 -7.75
C GLU A 73 1.26 10.69 -7.26
N TYR A 74 0.88 10.01 -6.18
CA TYR A 74 1.71 8.96 -5.61
C TYR A 74 1.24 7.59 -6.06
N SER A 75 2.17 6.65 -6.17
CA SER A 75 1.85 5.29 -6.59
C SER A 75 2.35 4.27 -5.59
N LEU A 76 1.43 3.65 -4.86
CA LEU A 76 1.78 2.65 -3.86
C LEU A 76 1.53 1.23 -4.39
N ARG A 77 1.94 0.24 -3.62
CA ARG A 77 1.77 -1.16 -4.01
C ARG A 77 1.68 -2.05 -2.78
N PHE A 78 0.52 -2.69 -2.61
CA PHE A 78 0.31 -3.59 -1.47
C PHE A 78 0.26 -5.05 -1.92
N LEU A 79 0.74 -5.93 -1.07
CA LEU A 79 0.76 -7.36 -1.38
C LEU A 79 0.86 -8.19 -0.11
N ALA A 80 0.49 -9.46 -0.20
CA ALA A 80 0.55 -10.37 0.94
C ALA A 80 1.84 -11.21 0.91
N TYR A 81 2.34 -11.54 2.09
CA TYR A 81 3.56 -12.33 2.20
C TYR A 81 3.55 -13.17 3.48
N ASN A 82 3.87 -14.45 3.35
CA ASN A 82 3.90 -15.35 4.48
C ASN A 82 5.25 -16.06 4.59
N ARG A 83 5.39 -16.95 5.58
CA ARG A 83 6.62 -17.69 5.78
C ARG A 83 7.30 -18.00 4.44
N TYR A 84 6.48 -18.35 3.45
CA TYR A 84 7.01 -18.68 2.12
C TYR A 84 7.60 -17.45 1.45
N GLY A 85 6.79 -16.40 1.33
CA GLY A 85 7.27 -15.17 0.70
C GLY A 85 6.13 -14.34 0.15
N PRO A 86 6.48 -13.23 -0.52
CA PRO A 86 5.50 -12.32 -1.12
C PRO A 86 4.80 -12.94 -2.33
N GLY A 87 3.47 -12.96 -2.29
CA GLY A 87 2.71 -13.51 -3.39
C GLY A 87 2.33 -12.47 -4.42
N VAL A 88 1.13 -12.61 -4.99
CA VAL A 88 0.65 -11.68 -6.00
C VAL A 88 0.50 -10.27 -5.42
N SER A 89 0.83 -9.27 -6.21
CA SER A 89 0.73 -7.88 -5.78
C SER A 89 -0.46 -7.19 -6.43
N THR A 90 -0.95 -6.13 -5.79
CA THR A 90 -2.08 -5.38 -6.31
C THR A 90 -1.63 -4.32 -7.32
N ASP A 91 -2.54 -3.95 -8.21
CA ASP A 91 -2.24 -2.94 -9.22
C ASP A 91 -1.84 -1.62 -8.58
N ASP A 92 -0.80 -0.99 -9.13
CA ASP A 92 -0.31 0.28 -8.60
C ASP A 92 -1.46 1.15 -8.15
N ILE A 93 -1.53 1.44 -6.85
CA ILE A 93 -2.59 2.27 -6.30
C ILE A 93 -2.22 3.74 -6.39
N THR A 94 -2.76 4.42 -7.41
CA THR A 94 -2.49 5.84 -7.60
C THR A 94 -3.45 6.70 -6.79
N VAL A 95 -2.92 7.43 -5.82
CA VAL A 95 -3.74 8.29 -4.98
C VAL A 95 -3.11 9.67 -4.83
N VAL A 96 -3.72 10.66 -5.46
CA VAL A 96 -3.22 12.04 -5.40
C VAL A 96 -3.55 12.68 -4.05
N THR A 97 -2.52 13.08 -3.33
CA THR A 97 -2.69 13.71 -2.03
C THR A 97 -3.54 14.97 -2.14
N LEU A 98 -4.25 15.30 -1.06
CA LEU A 98 -5.10 16.48 -1.04
C LEU A 98 -4.27 17.74 -1.28
N SER A 99 -4.93 18.90 -1.16
CA SER A 99 -4.26 20.17 -1.36
C SER A 99 -4.80 21.23 -0.41
N ASP A 100 -3.98 21.65 0.55
CA ASP A 100 -4.38 22.66 1.52
C ASP A 100 -4.78 23.96 0.83
N SER A 101 -6.05 24.32 0.95
CA SER A 101 -6.56 25.54 0.32
C SER A 101 -5.99 26.77 1.01
N GLY A 102 -5.18 27.53 0.27
CA GLY A 102 -4.59 28.73 0.82
C GLY A 102 -3.20 28.48 1.39
N PRO A 103 -2.18 28.47 0.52
CA PRO A 103 -0.79 28.24 0.93
C PRO A 103 -0.22 29.41 1.73
N SER A 104 -0.50 30.62 1.28
CA SER A 104 -0.02 31.82 1.95
C SER A 104 -1.05 32.34 2.94
N SER A 105 -0.98 31.86 4.17
CA SER A 105 -1.92 32.27 5.21
C SER A 105 -1.48 31.75 6.57
N GLY A 106 -1.79 32.52 7.62
CA GLY A 106 -1.42 32.12 8.97
C GLY A 106 0.07 31.87 9.11
N GLY A 1 10.35 -27.08 -10.21
CA GLY A 1 9.46 -26.08 -9.65
C GLY A 1 9.42 -26.12 -8.14
N SER A 2 8.32 -25.64 -7.56
CA SER A 2 8.16 -25.62 -6.11
C SER A 2 7.02 -26.54 -5.68
N SER A 3 7.32 -27.44 -4.75
CA SER A 3 6.32 -28.38 -4.25
C SER A 3 6.20 -28.29 -2.73
N GLY A 4 5.44 -27.30 -2.26
CA GLY A 4 5.27 -27.12 -0.84
C GLY A 4 5.10 -25.66 -0.45
N SER A 5 6.11 -24.85 -0.76
CA SER A 5 6.07 -23.42 -0.43
C SER A 5 5.51 -22.62 -1.60
N SER A 6 4.38 -21.96 -1.37
CA SER A 6 3.74 -21.16 -2.41
C SER A 6 3.48 -19.74 -1.90
N GLY A 7 3.07 -18.86 -2.82
CA GLY A 7 2.80 -17.48 -2.45
C GLY A 7 1.32 -17.24 -2.19
N PRO A 8 1.03 -16.42 -1.16
CA PRO A 8 -0.36 -16.09 -0.79
C PRO A 8 -1.03 -15.19 -1.83
N GLY A 9 -2.36 -15.26 -1.89
CA GLY A 9 -3.10 -14.46 -2.84
C GLY A 9 -3.17 -13.00 -2.43
N PRO A 10 -3.68 -12.15 -3.33
CA PRO A 10 -3.80 -10.71 -3.09
C PRO A 10 -4.86 -10.39 -2.04
N VAL A 11 -4.53 -9.48 -1.13
CA VAL A 11 -5.45 -9.09 -0.07
C VAL A 11 -6.78 -8.60 -0.65
N GLU A 12 -7.79 -8.51 0.20
CA GLU A 12 -9.11 -8.06 -0.22
C GLU A 12 -9.50 -6.76 0.46
N ASN A 13 -10.67 -6.24 0.11
CA ASN A 13 -11.15 -4.99 0.69
C ASN A 13 -10.02 -3.98 0.83
N LEU A 14 -9.16 -3.91 -0.19
CA LEU A 14 -8.04 -2.98 -0.18
C LEU A 14 -8.44 -1.63 -0.77
N GLN A 15 -8.17 -0.56 -0.03
CA GLN A 15 -8.50 0.77 -0.48
C GLN A 15 -7.63 1.82 0.22
N ALA A 16 -7.17 2.80 -0.54
CA ALA A 16 -6.33 3.86 0.00
C ALA A 16 -6.86 5.23 -0.37
N VAL A 17 -6.89 6.14 0.60
CA VAL A 17 -7.38 7.50 0.35
C VAL A 17 -6.75 8.48 1.33
N SER A 18 -6.39 9.66 0.83
CA SER A 18 -5.78 10.69 1.66
C SER A 18 -6.84 11.60 2.27
N THR A 19 -6.79 11.77 3.60
CA THR A 19 -7.74 12.61 4.30
C THR A 19 -7.10 13.92 4.74
N SER A 20 -6.09 14.36 4.00
CA SER A 20 -5.38 15.60 4.33
C SER A 20 -4.36 15.94 3.25
N PRO A 21 -3.73 17.12 3.38
CA PRO A 21 -2.72 17.59 2.43
C PRO A 21 -1.70 16.53 2.10
N THR A 22 -1.14 15.90 3.13
CA THR A 22 -0.14 14.85 2.95
C THR A 22 -0.43 13.66 3.85
N SER A 23 -1.16 12.69 3.31
CA SER A 23 -1.51 11.48 4.05
C SER A 23 -2.06 10.40 3.13
N ILE A 24 -2.24 9.20 3.66
CA ILE A 24 -2.77 8.09 2.89
C ILE A 24 -3.29 6.98 3.80
N LEU A 25 -4.61 6.88 3.90
CA LEU A 25 -5.24 5.87 4.73
C LEU A 25 -5.43 4.56 3.96
N ILE A 26 -4.53 3.61 4.19
CA ILE A 26 -4.60 2.32 3.52
C ILE A 26 -5.29 1.29 4.39
N THR A 27 -6.51 0.91 4.00
CA THR A 27 -7.28 -0.08 4.74
C THR A 27 -7.40 -1.38 3.97
N TRP A 28 -6.57 -2.37 4.33
CA TRP A 28 -6.59 -3.66 3.67
C TRP A 28 -7.19 -4.73 4.57
N GLU A 29 -7.34 -5.93 4.03
CA GLU A 29 -7.90 -7.05 4.80
C GLU A 29 -7.23 -8.36 4.43
N PRO A 30 -7.38 -9.37 5.29
CA PRO A 30 -6.79 -10.70 5.08
C PRO A 30 -7.45 -11.45 3.93
N PRO A 31 -6.63 -11.95 2.99
CA PRO A 31 -7.11 -12.70 1.83
C PRO A 31 -7.67 -14.06 2.21
N ALA A 32 -8.80 -14.41 1.61
CA ALA A 32 -9.44 -15.70 1.88
C ALA A 32 -8.76 -16.83 1.13
N TYR A 33 -8.37 -16.55 -0.12
CA TYR A 33 -7.71 -17.54 -0.95
C TYR A 33 -6.19 -17.39 -0.89
N ALA A 34 -5.63 -17.67 0.29
CA ALA A 34 -4.19 -17.57 0.48
C ALA A 34 -3.60 -18.88 0.98
N ASN A 35 -2.42 -19.23 0.49
CA ASN A 35 -1.75 -20.46 0.89
C ASN A 35 -1.30 -20.39 2.34
N GLY A 36 -2.23 -20.61 3.27
CA GLY A 36 -1.91 -20.58 4.68
C GLY A 36 -2.09 -19.19 5.27
N PRO A 37 -1.45 -18.95 6.43
CA PRO A 37 -1.53 -17.66 7.11
C PRO A 37 -0.82 -16.54 6.36
N VAL A 38 -0.74 -15.37 6.99
CA VAL A 38 -0.07 -14.23 6.38
C VAL A 38 0.85 -13.53 7.37
N GLN A 39 2.13 -13.90 7.34
CA GLN A 39 3.12 -13.31 8.24
C GLN A 39 2.85 -11.83 8.46
N GLY A 40 2.56 -11.13 7.36
CA GLY A 40 2.28 -9.71 7.45
C GLY A 40 1.98 -9.08 6.10
N TYR A 41 2.41 -7.84 5.90
CA TYR A 41 2.18 -7.14 4.65
C TYR A 41 3.26 -6.09 4.40
N ARG A 42 3.60 -5.88 3.13
CA ARG A 42 4.62 -4.92 2.76
C ARG A 42 4.02 -3.79 1.93
N LEU A 43 4.53 -2.58 2.13
CA LEU A 43 4.05 -1.41 1.41
C LEU A 43 5.19 -0.73 0.65
N PHE A 44 4.95 -0.45 -0.63
CA PHE A 44 5.97 0.20 -1.47
C PHE A 44 5.43 1.51 -2.03
N CYS A 45 5.99 2.62 -1.58
CA CYS A 45 5.57 3.94 -2.05
C CYS A 45 6.57 4.49 -3.06
N THR A 46 6.07 4.86 -4.23
CA THR A 46 6.91 5.41 -5.28
C THR A 46 6.43 6.80 -5.71
N GLU A 47 7.31 7.78 -5.57
CA GLU A 47 6.98 9.16 -5.94
C GLU A 47 7.11 9.36 -7.44
N VAL A 48 6.01 9.19 -8.16
CA VAL A 48 6.00 9.35 -9.62
C VAL A 48 6.77 10.61 -10.03
N SER A 49 6.66 11.65 -9.21
CA SER A 49 7.34 12.91 -9.49
C SER A 49 8.84 12.69 -9.69
N THR A 50 9.48 12.06 -8.70
CA THR A 50 10.91 11.79 -8.77
C THR A 50 11.18 10.41 -9.34
N GLY A 51 10.57 9.39 -8.73
CA GLY A 51 10.75 8.03 -9.19
C GLY A 51 11.47 7.17 -8.18
N LYS A 52 11.52 7.64 -6.93
CA LYS A 52 12.19 6.90 -5.87
C LYS A 52 11.18 6.06 -5.08
N GLU A 53 11.47 4.76 -4.96
CA GLU A 53 10.59 3.86 -4.23
C GLU A 53 11.09 3.63 -2.81
N GLN A 54 10.17 3.33 -1.90
CA GLN A 54 10.52 3.09 -0.51
C GLN A 54 9.74 1.92 0.06
N ASN A 55 10.44 0.99 0.71
CA ASN A 55 9.80 -0.18 1.29
C ASN A 55 9.49 0.05 2.77
N ILE A 56 8.28 -0.31 3.18
CA ILE A 56 7.86 -0.14 4.57
C ILE A 56 7.16 -1.39 5.08
N GLU A 57 7.50 -1.79 6.30
CA GLU A 57 6.91 -2.97 6.91
C GLU A 57 5.90 -2.57 8.00
N VAL A 58 4.62 -2.75 7.70
CA VAL A 58 3.56 -2.41 8.65
C VAL A 58 2.85 -3.66 9.14
N ASP A 59 1.96 -3.49 10.11
CA ASP A 59 1.21 -4.61 10.67
C ASP A 59 -0.22 -4.19 11.01
N GLY A 60 -1.18 -5.07 10.70
CA GLY A 60 -2.57 -4.77 10.96
C GLY A 60 -3.39 -4.65 9.70
N LEU A 61 -4.47 -3.87 9.77
CA LEU A 61 -5.35 -3.68 8.61
C LEU A 61 -5.67 -2.21 8.43
N SER A 62 -4.70 -1.35 8.76
CA SER A 62 -4.88 0.10 8.62
C SER A 62 -3.59 0.84 8.95
N TYR A 63 -3.12 1.64 8.00
CA TYR A 63 -1.90 2.41 8.20
C TYR A 63 -2.01 3.79 7.57
N LYS A 64 -1.96 4.82 8.41
CA LYS A 64 -2.06 6.20 7.94
C LYS A 64 -0.68 6.76 7.60
N LEU A 65 -0.43 6.95 6.31
CA LEU A 65 0.85 7.48 5.86
C LEU A 65 0.94 8.98 6.13
N GLU A 66 2.15 9.44 6.42
CA GLU A 66 2.38 10.86 6.71
C GLU A 66 3.75 11.29 6.20
N GLY A 67 3.90 12.60 5.98
CA GLY A 67 5.16 13.13 5.50
C GLY A 67 5.26 13.11 3.97
N LEU A 68 4.12 13.22 3.31
CA LEU A 68 4.08 13.22 1.86
C LEU A 68 4.03 14.64 1.31
N LYS A 69 3.92 14.75 -0.02
CA LYS A 69 3.85 16.05 -0.67
C LYS A 69 2.41 16.53 -0.80
N LYS A 70 2.17 17.79 -0.45
CA LYS A 70 0.84 18.37 -0.52
C LYS A 70 0.01 17.68 -1.61
N PHE A 71 0.34 17.96 -2.87
CA PHE A 71 -0.37 17.38 -4.00
C PHE A 71 0.60 16.74 -4.99
N THR A 72 0.73 15.41 -4.92
CA THR A 72 1.62 14.69 -5.81
C THR A 72 1.10 13.28 -6.08
N GLU A 73 0.86 12.98 -7.36
CA GLU A 73 0.36 11.68 -7.76
C GLU A 73 1.30 10.56 -7.30
N TYR A 74 0.95 9.93 -6.19
CA TYR A 74 1.77 8.85 -5.64
C TYR A 74 1.23 7.49 -6.06
N SER A 75 2.11 6.50 -6.12
CA SER A 75 1.73 5.14 -6.52
C SER A 75 2.20 4.13 -5.49
N LEU A 76 1.26 3.57 -4.74
CA LEU A 76 1.58 2.58 -3.71
C LEU A 76 1.39 1.16 -4.25
N ARG A 77 1.96 0.19 -3.56
CA ARG A 77 1.85 -1.21 -3.96
C ARG A 77 1.76 -2.12 -2.75
N PHE A 78 0.63 -2.79 -2.60
CA PHE A 78 0.42 -3.70 -1.48
C PHE A 78 0.40 -5.15 -1.94
N LEU A 79 0.85 -6.05 -1.09
CA LEU A 79 0.90 -7.48 -1.40
C LEU A 79 0.96 -8.33 -0.14
N ALA A 80 0.63 -9.60 -0.27
CA ALA A 80 0.65 -10.52 0.86
C ALA A 80 1.85 -11.46 0.78
N TYR A 81 2.44 -11.76 1.93
CA TYR A 81 3.60 -12.65 1.98
C TYR A 81 3.60 -13.46 3.28
N ASN A 82 3.82 -14.77 3.14
CA ASN A 82 3.84 -15.65 4.30
C ASN A 82 5.22 -16.32 4.44
N ARG A 83 5.33 -17.21 5.42
CA ARG A 83 6.58 -17.91 5.67
C ARG A 83 7.24 -18.33 4.35
N TYR A 84 6.42 -18.67 3.36
CA TYR A 84 6.93 -19.09 2.07
C TYR A 84 7.57 -17.92 1.33
N GLY A 85 6.77 -16.90 1.04
CA GLY A 85 7.28 -15.73 0.35
C GLY A 85 6.17 -14.84 -0.16
N PRO A 86 6.55 -13.71 -0.79
CA PRO A 86 5.59 -12.75 -1.34
C PRO A 86 4.85 -13.29 -2.55
N GLY A 87 3.53 -13.40 -2.43
CA GLY A 87 2.73 -13.92 -3.53
C GLY A 87 2.43 -12.86 -4.56
N VAL A 88 1.18 -12.82 -5.03
CA VAL A 88 0.77 -11.85 -6.03
C VAL A 88 0.58 -10.47 -5.41
N SER A 89 0.90 -9.43 -6.18
CA SER A 89 0.78 -8.05 -5.70
C SER A 89 -0.48 -7.39 -6.28
N THR A 90 -0.86 -6.26 -5.71
CA THR A 90 -2.04 -5.53 -6.15
C THR A 90 -1.67 -4.49 -7.21
N ASP A 91 -2.68 -3.94 -7.87
CA ASP A 91 -2.47 -2.94 -8.91
C ASP A 91 -1.97 -1.63 -8.29
N ASP A 92 -0.95 -1.04 -8.91
CA ASP A 92 -0.38 0.21 -8.43
C ASP A 92 -1.48 1.16 -7.97
N ILE A 93 -1.55 1.39 -6.67
CA ILE A 93 -2.56 2.28 -6.10
C ILE A 93 -2.16 3.74 -6.27
N THR A 94 -2.80 4.41 -7.23
CA THR A 94 -2.52 5.82 -7.50
C THR A 94 -3.46 6.73 -6.72
N VAL A 95 -2.93 7.41 -5.71
CA VAL A 95 -3.72 8.32 -4.90
C VAL A 95 -3.06 9.69 -4.81
N VAL A 96 -3.64 10.67 -5.50
CA VAL A 96 -3.11 12.03 -5.49
C VAL A 96 -3.47 12.75 -4.20
N THR A 97 -2.46 13.02 -3.38
CA THR A 97 -2.66 13.71 -2.11
C THR A 97 -3.51 14.95 -2.29
N LEU A 98 -4.24 15.34 -1.23
CA LEU A 98 -5.09 16.51 -1.28
C LEU A 98 -4.27 17.77 -1.56
N SER A 99 -4.94 18.92 -1.50
CA SER A 99 -4.27 20.20 -1.75
C SER A 99 -4.80 21.28 -0.81
N ASP A 100 -3.96 21.66 0.16
CA ASP A 100 -4.34 22.68 1.13
C ASP A 100 -4.76 23.96 0.43
N SER A 101 -5.92 24.50 0.82
CA SER A 101 -6.44 25.73 0.22
C SER A 101 -6.77 26.75 1.31
N GLY A 102 -7.51 26.33 2.31
CA GLY A 102 -7.88 27.22 3.39
C GLY A 102 -9.33 27.04 3.82
N PRO A 103 -9.52 26.53 5.06
CA PRO A 103 -10.86 26.30 5.61
C PRO A 103 -11.59 27.60 5.92
N SER A 104 -10.89 28.72 5.77
CA SER A 104 -11.48 30.04 6.03
C SER A 104 -12.40 30.46 4.90
N SER A 105 -13.24 31.45 5.16
CA SER A 105 -14.19 31.95 4.16
C SER A 105 -13.47 32.82 3.14
N GLY A 106 -13.22 32.26 1.95
CA GLY A 106 -12.56 33.01 0.91
C GLY A 106 -11.23 33.59 1.36
N GLY A 1 13.15 -21.93 -10.44
CA GLY A 1 11.93 -22.23 -9.70
C GLY A 1 11.84 -23.68 -9.29
N SER A 2 12.08 -23.94 -8.01
CA SER A 2 12.04 -25.31 -7.49
C SER A 2 10.93 -25.46 -6.46
N SER A 3 10.53 -26.70 -6.19
CA SER A 3 9.48 -26.98 -5.22
C SER A 3 9.79 -26.34 -3.88
N GLY A 4 8.78 -25.76 -3.25
CA GLY A 4 8.96 -25.12 -1.96
C GLY A 4 7.96 -24.02 -1.71
N SER A 5 8.40 -22.77 -1.80
CA SER A 5 7.53 -21.62 -1.57
C SER A 5 6.76 -21.27 -2.84
N SER A 6 5.52 -20.82 -2.66
CA SER A 6 4.67 -20.45 -3.80
C SER A 6 4.30 -18.98 -3.73
N GLY A 7 3.41 -18.63 -2.81
CA GLY A 7 2.99 -17.25 -2.65
C GLY A 7 1.50 -17.13 -2.39
N PRO A 8 1.14 -16.35 -1.35
CA PRO A 8 -0.26 -16.14 -0.98
C PRO A 8 -1.01 -15.29 -1.99
N GLY A 9 -2.33 -15.25 -1.86
CA GLY A 9 -3.15 -14.48 -2.78
C GLY A 9 -3.21 -13.01 -2.40
N PRO A 10 -3.70 -12.17 -3.34
CA PRO A 10 -3.81 -10.74 -3.12
C PRO A 10 -4.89 -10.38 -2.09
N VAL A 11 -4.52 -9.58 -1.11
CA VAL A 11 -5.46 -9.17 -0.06
C VAL A 11 -6.79 -8.71 -0.66
N GLU A 12 -7.76 -8.44 0.20
CA GLU A 12 -9.07 -8.00 -0.24
C GLU A 12 -9.43 -6.65 0.37
N ASN A 13 -10.60 -6.14 0.01
CA ASN A 13 -11.07 -4.85 0.53
C ASN A 13 -9.90 -3.86 0.66
N LEU A 14 -9.04 -3.84 -0.35
CA LEU A 14 -7.89 -2.94 -0.36
C LEU A 14 -8.26 -1.58 -0.93
N GLN A 15 -8.08 -0.54 -0.13
CA GLN A 15 -8.39 0.82 -0.56
C GLN A 15 -7.51 1.84 0.16
N ALA A 16 -7.06 2.85 -0.58
CA ALA A 16 -6.21 3.89 0.00
C ALA A 16 -6.74 5.28 -0.35
N VAL A 17 -6.77 6.16 0.64
CA VAL A 17 -7.25 7.52 0.44
C VAL A 17 -6.64 8.48 1.46
N SER A 18 -6.29 9.68 1.01
CA SER A 18 -5.70 10.68 1.89
C SER A 18 -6.78 11.52 2.57
N THR A 19 -6.56 11.85 3.83
CA THR A 19 -7.50 12.64 4.60
C THR A 19 -6.95 14.03 4.90
N SER A 20 -5.66 14.21 4.62
CA SER A 20 -5.00 15.49 4.86
C SER A 20 -4.12 15.88 3.68
N PRO A 21 -3.50 17.07 3.78
CA PRO A 21 -2.62 17.59 2.73
C PRO A 21 -1.60 16.55 2.26
N THR A 22 -0.95 15.89 3.22
CA THR A 22 0.04 14.87 2.91
C THR A 22 -0.15 13.63 3.78
N SER A 23 -0.92 12.67 3.25
CA SER A 23 -1.18 11.43 3.98
C SER A 23 -1.81 10.39 3.06
N ILE A 24 -1.98 9.17 3.58
CA ILE A 24 -2.57 8.09 2.81
C ILE A 24 -3.07 6.98 3.72
N LEU A 25 -4.39 6.88 3.87
CA LEU A 25 -5.00 5.86 4.72
C LEU A 25 -5.23 4.58 3.93
N ILE A 26 -4.34 3.60 4.14
CA ILE A 26 -4.45 2.32 3.45
C ILE A 26 -5.18 1.29 4.31
N THR A 27 -6.36 0.87 3.85
CA THR A 27 -7.16 -0.10 4.59
C THR A 27 -7.27 -1.41 3.81
N TRP A 28 -6.56 -2.44 4.25
CA TRP A 28 -6.58 -3.73 3.59
C TRP A 28 -7.09 -4.82 4.54
N GLU A 29 -7.65 -5.87 3.97
CA GLU A 29 -8.19 -6.98 4.77
C GLU A 29 -7.50 -8.29 4.40
N PRO A 30 -7.60 -9.28 5.30
CA PRO A 30 -7.00 -10.61 5.10
C PRO A 30 -7.71 -11.40 4.01
N PRO A 31 -6.93 -11.90 3.04
CA PRO A 31 -7.45 -12.68 1.92
C PRO A 31 -7.95 -14.05 2.36
N ALA A 32 -8.86 -14.63 1.58
CA ALA A 32 -9.40 -15.95 1.89
C ALA A 32 -8.65 -17.05 1.16
N TYR A 33 -8.34 -16.81 -0.10
CA TYR A 33 -7.62 -17.78 -0.92
C TYR A 33 -6.11 -17.53 -0.84
N ALA A 34 -5.54 -17.73 0.34
CA ALA A 34 -4.11 -17.53 0.55
C ALA A 34 -3.46 -18.80 1.08
N ASN A 35 -2.22 -19.04 0.68
CA ASN A 35 -1.48 -20.22 1.12
C ASN A 35 -1.11 -20.10 2.60
N GLY A 36 -1.92 -20.70 3.46
CA GLY A 36 -1.66 -20.65 4.88
C GLY A 36 -1.93 -19.28 5.47
N PRO A 37 -1.31 -18.99 6.63
CA PRO A 37 -1.47 -17.71 7.32
C PRO A 37 -0.81 -16.56 6.57
N VAL A 38 -0.77 -15.39 7.20
CA VAL A 38 -0.16 -14.21 6.59
C VAL A 38 0.75 -13.49 7.58
N GLN A 39 2.04 -13.79 7.53
CA GLN A 39 3.01 -13.17 8.42
C GLN A 39 2.74 -11.68 8.56
N GLY A 40 2.51 -11.01 7.43
CA GLY A 40 2.24 -9.59 7.45
C GLY A 40 1.93 -9.03 6.08
N TYR A 41 2.38 -7.81 5.81
CA TYR A 41 2.14 -7.17 4.53
C TYR A 41 3.25 -6.16 4.21
N ARG A 42 3.72 -6.17 2.97
CA ARG A 42 4.76 -5.27 2.53
C ARG A 42 4.19 -4.13 1.70
N LEU A 43 4.48 -2.89 2.10
CA LEU A 43 4.01 -1.72 1.39
C LEU A 43 5.15 -1.01 0.67
N PHE A 44 4.88 -0.55 -0.54
CA PHE A 44 5.88 0.15 -1.34
C PHE A 44 5.36 1.50 -1.81
N CYS A 45 6.04 2.58 -1.42
CA CYS A 45 5.64 3.93 -1.80
C CYS A 45 6.61 4.50 -2.84
N THR A 46 6.07 4.86 -4.00
CA THR A 46 6.89 5.41 -5.08
C THR A 46 6.35 6.77 -5.51
N GLU A 47 7.15 7.81 -5.28
CA GLU A 47 6.76 9.17 -5.66
C GLU A 47 6.94 9.40 -7.15
N VAL A 48 5.86 9.20 -7.91
CA VAL A 48 5.90 9.38 -9.35
C VAL A 48 6.67 10.64 -9.73
N SER A 49 6.49 11.70 -8.93
CA SER A 49 7.15 12.97 -9.19
C SER A 49 8.65 12.75 -9.42
N THR A 50 9.33 12.22 -8.41
CA THR A 50 10.76 11.95 -8.51
C THR A 50 11.03 10.56 -9.06
N GLY A 51 10.41 9.56 -8.46
CA GLY A 51 10.60 8.19 -8.91
C GLY A 51 11.38 7.36 -7.91
N LYS A 52 11.36 7.77 -6.65
CA LYS A 52 12.07 7.06 -5.59
C LYS A 52 11.13 6.13 -4.83
N GLU A 53 11.46 4.85 -4.81
CA GLU A 53 10.65 3.86 -4.11
C GLU A 53 11.13 3.66 -2.68
N GLN A 54 10.20 3.32 -1.80
CA GLN A 54 10.54 3.10 -0.40
C GLN A 54 9.69 1.98 0.21
N ASN A 55 10.34 0.92 0.66
CA ASN A 55 9.64 -0.22 1.26
C ASN A 55 9.40 0.03 2.74
N ILE A 56 8.16 -0.18 3.17
CA ILE A 56 7.79 0.01 4.57
C ILE A 56 6.99 -1.19 5.08
N GLU A 57 7.45 -1.75 6.20
CA GLU A 57 6.78 -2.90 6.80
C GLU A 57 5.72 -2.44 7.81
N VAL A 58 4.45 -2.55 7.41
CA VAL A 58 3.34 -2.16 8.28
C VAL A 58 2.61 -3.38 8.83
N ASP A 59 1.64 -3.14 9.69
CA ASP A 59 0.86 -4.22 10.28
C ASP A 59 -0.59 -3.78 10.50
N GLY A 60 -1.45 -4.74 10.82
CA GLY A 60 -2.85 -4.44 11.05
C GLY A 60 -3.64 -4.30 9.75
N LEU A 61 -4.83 -3.72 9.84
CA LEU A 61 -5.67 -3.53 8.67
C LEU A 61 -5.92 -2.05 8.41
N SER A 62 -4.94 -1.22 8.78
CA SER A 62 -5.05 0.22 8.60
C SER A 62 -3.76 0.93 8.98
N TYR A 63 -3.22 1.71 8.06
CA TYR A 63 -1.97 2.43 8.32
C TYR A 63 -2.00 3.81 7.65
N LYS A 64 -1.97 4.86 8.46
CA LYS A 64 -1.98 6.22 7.95
C LYS A 64 -0.58 6.69 7.58
N LEU A 65 -0.38 7.01 6.30
CA LEU A 65 0.91 7.46 5.81
C LEU A 65 1.06 8.98 5.99
N GLU A 66 2.29 9.42 6.18
CA GLU A 66 2.57 10.85 6.36
C GLU A 66 3.94 11.21 5.80
N GLY A 67 4.17 12.50 5.61
CA GLY A 67 5.43 12.97 5.07
C GLY A 67 5.44 12.99 3.55
N LEU A 68 4.30 13.32 2.96
CA LEU A 68 4.18 13.36 1.50
C LEU A 68 4.08 14.81 1.02
N LYS A 69 3.88 14.97 -0.29
CA LYS A 69 3.77 16.30 -0.88
C LYS A 69 2.31 16.75 -0.92
N LYS A 70 2.07 18.01 -0.57
CA LYS A 70 0.73 18.57 -0.57
C LYS A 70 -0.16 17.83 -1.57
N PHE A 71 0.07 18.08 -2.86
CA PHE A 71 -0.71 17.45 -3.91
C PHE A 71 0.20 16.85 -4.97
N THR A 72 0.39 15.53 -4.91
CA THR A 72 1.25 14.84 -5.87
C THR A 72 0.74 13.43 -6.12
N GLU A 73 0.64 13.06 -7.40
CA GLU A 73 0.16 11.74 -7.79
C GLU A 73 1.10 10.65 -7.26
N TYR A 74 0.67 9.96 -6.20
CA TYR A 74 1.47 8.91 -5.61
C TYR A 74 0.98 7.53 -6.05
N SER A 75 1.90 6.58 -6.12
CA SER A 75 1.56 5.22 -6.54
C SER A 75 2.20 4.20 -5.62
N LEU A 76 1.37 3.49 -4.85
CA LEU A 76 1.86 2.48 -3.93
C LEU A 76 1.56 1.08 -4.45
N ARG A 77 2.08 0.07 -3.75
CA ARG A 77 1.87 -1.32 -4.14
C ARG A 77 1.80 -2.23 -2.92
N PHE A 78 0.64 -2.85 -2.70
CA PHE A 78 0.44 -3.73 -1.56
C PHE A 78 0.42 -5.19 -2.01
N LEU A 79 0.90 -6.08 -1.14
CA LEU A 79 0.93 -7.51 -1.45
C LEU A 79 0.99 -8.33 -0.17
N ALA A 80 0.62 -9.61 -0.28
CA ALA A 80 0.63 -10.50 0.87
C ALA A 80 1.84 -11.41 0.83
N TYR A 81 2.43 -11.66 2.00
CA TYR A 81 3.61 -12.52 2.11
C TYR A 81 3.61 -13.28 3.43
N ASN A 82 3.93 -14.57 3.36
CA ASN A 82 3.97 -15.41 4.55
C ASN A 82 5.31 -16.14 4.66
N ARG A 83 5.43 -16.99 5.66
CA ARG A 83 6.65 -17.75 5.87
C ARG A 83 7.29 -18.14 4.54
N TYR A 84 6.47 -18.62 3.60
CA TYR A 84 6.96 -19.02 2.29
C TYR A 84 7.60 -17.84 1.57
N GLY A 85 6.80 -16.80 1.32
CA GLY A 85 7.30 -15.62 0.63
C GLY A 85 6.18 -14.75 0.10
N PRO A 86 6.56 -13.64 -0.56
CA PRO A 86 5.60 -12.69 -1.14
C PRO A 86 4.86 -13.28 -2.34
N GLY A 87 3.53 -13.25 -2.28
CA GLY A 87 2.72 -13.78 -3.36
C GLY A 87 2.44 -12.74 -4.42
N VAL A 88 1.21 -12.74 -4.93
CA VAL A 88 0.81 -11.79 -5.96
C VAL A 88 0.61 -10.39 -5.38
N SER A 89 0.96 -9.38 -6.15
CA SER A 89 0.83 -8.00 -5.72
C SER A 89 -0.44 -7.37 -6.29
N THR A 90 -0.93 -6.33 -5.62
CA THR A 90 -2.13 -5.64 -6.06
C THR A 90 -1.81 -4.58 -7.10
N ASP A 91 -2.81 -4.21 -7.90
CA ASP A 91 -2.63 -3.19 -8.93
C ASP A 91 -2.18 -1.87 -8.32
N ASP A 92 -1.15 -1.27 -8.89
CA ASP A 92 -0.62 0.00 -8.41
C ASP A 92 -1.75 0.88 -7.89
N ILE A 93 -1.69 1.21 -6.60
CA ILE A 93 -2.71 2.05 -5.98
C ILE A 93 -2.33 3.52 -6.08
N THR A 94 -2.93 4.21 -7.05
CA THR A 94 -2.65 5.63 -7.25
C THR A 94 -3.60 6.49 -6.42
N VAL A 95 -3.02 7.35 -5.58
CA VAL A 95 -3.80 8.23 -4.72
C VAL A 95 -3.18 9.62 -4.65
N VAL A 96 -3.87 10.60 -5.21
CA VAL A 96 -3.39 11.98 -5.21
C VAL A 96 -3.71 12.67 -3.88
N THR A 97 -2.66 13.06 -3.16
CA THR A 97 -2.82 13.73 -1.88
C THR A 97 -3.72 14.95 -2.01
N LEU A 98 -4.30 15.37 -0.89
CA LEU A 98 -5.19 16.53 -0.87
C LEU A 98 -4.42 17.80 -1.24
N SER A 99 -5.11 18.93 -1.15
CA SER A 99 -4.50 20.22 -1.46
C SER A 99 -4.90 21.29 -0.46
N ASP A 100 -3.98 21.65 0.42
CA ASP A 100 -4.23 22.66 1.44
C ASP A 100 -4.78 23.94 0.81
N SER A 101 -6.04 24.25 1.12
CA SER A 101 -6.69 25.44 0.59
C SER A 101 -6.47 26.64 1.50
N GLY A 102 -6.83 26.47 2.77
CA GLY A 102 -6.67 27.54 3.74
C GLY A 102 -7.50 27.33 4.99
N PRO A 103 -8.83 27.31 4.83
CA PRO A 103 -9.76 27.12 5.94
C PRO A 103 -9.72 25.69 6.49
N SER A 104 -10.00 25.56 7.78
CA SER A 104 -9.99 24.25 8.43
C SER A 104 -11.39 23.63 8.42
N SER A 105 -11.44 22.31 8.27
CA SER A 105 -12.70 21.59 8.24
C SER A 105 -12.95 20.86 9.55
N GLY A 106 -13.94 21.32 10.30
CA GLY A 106 -14.27 20.70 11.57
C GLY A 106 -13.20 20.93 12.63
#